data_1E2T
#
_entry.id   1E2T
#
_cell.length_a   134.530
_cell.length_b   222.419
_cell.length_c   104.662
_cell.angle_alpha   90.00
_cell.angle_beta   90.00
_cell.angle_gamma   90.00
#
_symmetry.space_group_name_H-M   'P 21 21 2'
#
loop_
_entity.id
_entity.type
_entity.pdbx_description
1 polymer 'N-HYDROXYARYLAMINE O-ACETYLTRANSFERASE'
2 water water
#
_entity_poly.entity_id   1
_entity_poly.type   'polypeptide(L)'
_entity_poly.pdbx_seq_one_letter_code
;GSHMTSFLHAYFTRLHCQPLGVPTVEALRTLHLAHNCAIPFENLDVLLPREIQLDETALEEKLLYARRGGYCFELNGLFE
RALRDIGFNVRSLLGRVILSHPASLPPRTHRLLLVDVEDEQWIADVGFGGQTLTAPLRLQAEIAQQTPHGEYRLMQEGST
WILQFRHHEHWQSMYCFDLGVQQQSDHVMGNFWSAHWPQSHFRHHLLMCRHLPDGGKLTLTNFHFTRYHQGHAVEQVNVP
DVPSLYQLLQQQFGLGVNDVKHGFTEAELAAVMAAFDTHPEAGK
;
_entity_poly.pdbx_strand_id   A,B,C,D,E,F,G,H
#
# COMPACT_ATOMS: atom_id res chain seq x y z
N HIS A 3 8.36 60.98 -6.97
CA HIS A 3 8.25 59.71 -6.18
C HIS A 3 9.44 58.73 -6.41
N MET A 4 9.65 57.86 -5.43
CA MET A 4 10.73 56.87 -5.52
C MET A 4 10.54 55.57 -4.74
N THR A 5 10.26 54.48 -5.47
CA THR A 5 10.04 53.14 -4.90
C THR A 5 11.35 52.48 -4.45
N SER A 6 11.23 51.50 -3.58
CA SER A 6 12.41 50.82 -3.06
C SER A 6 13.39 50.44 -4.17
N PHE A 7 12.85 49.87 -5.23
CA PHE A 7 13.63 49.44 -6.37
C PHE A 7 14.27 50.66 -7.00
N LEU A 8 13.41 51.53 -7.52
CA LEU A 8 13.81 52.73 -8.20
C LEU A 8 15.02 53.30 -7.49
N HIS A 9 15.08 53.08 -6.19
CA HIS A 9 16.18 53.61 -5.43
C HIS A 9 17.51 53.06 -5.90
N ALA A 10 17.82 51.81 -5.56
CA ALA A 10 19.08 51.22 -5.96
C ALA A 10 19.31 51.24 -7.47
N TYR A 11 18.24 51.55 -8.23
CA TYR A 11 18.38 51.61 -9.68
C TYR A 11 19.24 52.81 -9.96
N PHE A 12 18.75 53.97 -9.49
CA PHE A 12 19.46 55.25 -9.66
C PHE A 12 20.85 55.15 -9.03
N THR A 13 20.92 54.50 -7.87
CA THR A 13 22.18 54.28 -7.20
C THR A 13 23.15 53.54 -8.14
N ARG A 14 22.68 52.50 -8.83
CA ARG A 14 23.62 51.79 -9.69
C ARG A 14 23.97 52.60 -10.93
N LEU A 15 23.01 53.40 -11.38
CA LEU A 15 23.24 54.23 -12.56
C LEU A 15 24.11 55.45 -12.28
N HIS A 16 24.60 55.60 -11.03
CA HIS A 16 25.42 56.76 -10.64
C HIS A 16 24.66 57.96 -11.20
N CYS A 17 23.38 58.05 -10.88
CA CYS A 17 22.56 59.09 -11.41
C CYS A 17 21.59 59.70 -10.40
N GLN A 18 21.06 60.88 -10.70
CA GLN A 18 20.15 61.53 -9.76
C GLN A 18 18.69 61.21 -10.04
N PRO A 19 17.92 60.96 -8.98
CA PRO A 19 16.50 60.63 -9.12
C PRO A 19 15.76 61.47 -10.16
N LEU A 20 14.67 60.89 -10.67
CA LEU A 20 13.82 61.57 -11.65
C LEU A 20 12.43 61.08 -11.34
N GLY A 21 11.47 61.99 -11.27
CA GLY A 21 10.11 61.59 -10.96
C GLY A 21 9.13 61.90 -12.05
N VAL A 22 9.56 62.68 -13.05
CA VAL A 22 8.67 63.06 -14.14
C VAL A 22 9.03 62.40 -15.44
N PRO A 23 8.15 61.53 -15.93
CA PRO A 23 8.29 60.77 -17.17
C PRO A 23 8.22 61.62 -18.45
N THR A 24 9.37 62.04 -18.96
CA THR A 24 9.38 62.88 -20.15
C THR A 24 10.43 62.38 -21.07
N VAL A 25 10.35 62.77 -22.33
CA VAL A 25 11.34 62.32 -23.30
C VAL A 25 12.75 62.58 -22.78
N GLU A 26 12.96 63.69 -22.10
CA GLU A 26 14.31 63.99 -21.65
C GLU A 26 14.76 63.01 -20.57
N ALA A 27 13.82 62.66 -19.68
CA ALA A 27 14.13 61.72 -18.61
C ALA A 27 14.55 60.41 -19.25
N LEU A 28 13.81 60.01 -20.29
CA LEU A 28 14.12 58.78 -20.99
C LEU A 28 15.51 58.94 -21.58
N ARG A 29 15.67 60.02 -22.33
CA ARG A 29 16.94 60.30 -23.00
C ARG A 29 18.15 59.99 -22.13
N THR A 30 18.09 60.44 -20.89
CA THR A 30 19.22 60.25 -19.99
C THR A 30 19.35 58.91 -19.31
N LEU A 31 18.23 58.43 -18.78
CA LEU A 31 18.21 57.12 -18.12
C LEU A 31 18.76 56.07 -19.08
N HIS A 32 18.39 56.20 -20.34
CA HIS A 32 18.84 55.26 -21.36
C HIS A 32 20.34 55.23 -21.37
N LEU A 33 20.95 56.40 -21.61
CA LEU A 33 22.40 56.48 -21.65
C LEU A 33 23.00 56.05 -20.30
N ALA A 34 22.32 56.42 -19.23
CA ALA A 34 22.81 56.06 -17.90
C ALA A 34 23.01 54.58 -17.85
N HIS A 35 21.89 53.89 -18.11
CA HIS A 35 21.82 52.45 -18.11
C HIS A 35 22.91 51.87 -18.97
N ASN A 36 22.98 52.36 -20.20
CA ASN A 36 23.97 51.91 -21.15
C ASN A 36 25.38 52.01 -20.66
N CYS A 37 25.64 52.85 -19.67
CA CYS A 37 27.01 52.99 -19.22
C CYS A 37 27.28 52.29 -17.90
N ALA A 38 26.22 52.13 -17.12
CA ALA A 38 26.38 51.48 -15.84
C ALA A 38 26.30 49.94 -15.88
N ILE A 39 25.19 49.39 -16.42
CA ILE A 39 24.95 47.95 -16.48
C ILE A 39 25.39 47.32 -17.75
N PRO A 40 26.51 46.61 -17.75
CA PRO A 40 27.04 45.98 -18.96
C PRO A 40 26.25 44.87 -19.62
N PHE A 41 26.53 44.67 -20.90
CA PHE A 41 25.91 43.62 -21.66
C PHE A 41 26.83 42.44 -21.44
N GLU A 42 26.30 41.37 -20.88
CA GLU A 42 27.11 40.20 -20.62
C GLU A 42 26.27 38.90 -20.81
N ASN A 43 26.94 37.83 -21.20
CA ASN A 43 26.31 36.57 -21.44
C ASN A 43 27.08 35.54 -20.67
N LEU A 44 27.63 35.93 -19.53
CA LEU A 44 28.44 34.96 -18.82
C LEU A 44 27.65 33.81 -18.14
N ASP A 45 26.43 34.07 -17.69
CA ASP A 45 25.68 33.01 -17.04
C ASP A 45 25.32 31.91 -18.02
N VAL A 46 25.38 32.21 -19.31
CA VAL A 46 25.06 31.21 -20.31
C VAL A 46 26.23 30.27 -20.45
N LEU A 47 27.46 30.81 -20.47
CA LEU A 47 28.64 29.96 -20.68
C LEU A 47 28.99 29.10 -19.49
N LEU A 48 29.08 29.69 -18.30
CA LEU A 48 29.36 28.85 -17.10
C LEU A 48 27.89 28.52 -17.02
N PRO A 49 27.60 27.24 -17.15
CA PRO A 49 26.18 26.88 -17.09
C PRO A 49 25.51 27.48 -15.83
N ARG A 50 24.42 28.20 -15.96
CA ARG A 50 23.79 28.78 -14.77
C ARG A 50 22.51 29.48 -15.18
N GLU A 51 21.36 28.88 -14.90
CA GLU A 51 20.08 29.45 -15.29
C GLU A 51 19.83 30.94 -15.13
N ILE A 52 19.08 31.50 -16.08
CA ILE A 52 18.78 32.91 -16.06
C ILE A 52 17.33 33.22 -15.66
N GLN A 53 17.07 33.69 -14.45
CA GLN A 53 15.66 33.97 -14.10
C GLN A 53 15.35 35.30 -14.66
N LEU A 54 14.08 35.58 -14.91
CA LEU A 54 13.68 36.86 -15.47
C LEU A 54 12.63 37.57 -14.67
N ASP A 55 12.37 37.10 -13.45
CA ASP A 55 11.38 37.73 -12.59
C ASP A 55 11.97 38.96 -11.90
N GLU A 56 11.22 40.05 -11.86
CA GLU A 56 11.80 41.21 -11.20
C GLU A 56 12.13 40.78 -9.79
N THR A 57 13.39 40.60 -9.47
CA THR A 57 13.86 40.22 -8.14
C THR A 57 15.11 39.51 -8.45
N ALA A 58 15.03 38.58 -9.38
CA ALA A 58 16.25 37.92 -9.72
C ALA A 58 16.95 39.01 -10.51
N LEU A 59 16.19 39.70 -11.39
CA LEU A 59 16.82 40.76 -12.15
C LEU A 59 17.41 41.81 -11.24
N GLU A 60 16.66 42.17 -10.20
CA GLU A 60 17.13 43.16 -9.26
C GLU A 60 18.42 42.68 -8.61
N GLU A 61 18.40 41.48 -8.08
CA GLU A 61 19.59 40.97 -7.42
C GLU A 61 20.78 40.72 -8.33
N LYS A 62 20.54 40.54 -9.61
CA LYS A 62 21.66 40.25 -10.49
C LYS A 62 22.23 41.49 -11.09
N LEU A 63 21.38 42.29 -11.71
CA LEU A 63 21.83 43.51 -12.35
C LEU A 63 22.20 44.66 -11.43
N LEU A 64 21.43 44.90 -10.36
CA LEU A 64 21.74 45.93 -9.38
C LEU A 64 22.68 45.46 -8.23
N TYR A 65 22.16 44.76 -7.24
CA TYR A 65 23.00 44.33 -6.13
C TYR A 65 24.28 43.61 -6.46
N ALA A 66 24.28 42.64 -7.36
CA ALA A 66 25.53 41.94 -7.58
C ALA A 66 26.40 42.64 -8.59
N ARG A 67 25.91 43.78 -9.08
CA ARG A 67 26.66 44.57 -10.08
C ARG A 67 27.04 43.72 -11.29
N ARG A 68 26.10 42.92 -11.82
CA ARG A 68 26.35 42.07 -13.00
C ARG A 68 25.59 42.50 -14.20
N GLY A 69 25.95 41.90 -15.32
CA GLY A 69 25.30 42.24 -16.57
C GLY A 69 24.36 41.16 -17.08
N GLY A 70 23.90 41.33 -18.31
CA GLY A 70 23.02 40.35 -18.88
C GLY A 70 22.78 40.73 -20.31
N TYR A 71 21.72 40.20 -20.91
CA TYR A 71 21.39 40.54 -22.28
C TYR A 71 19.93 40.90 -22.49
N CYS A 72 19.50 40.93 -23.75
CA CYS A 72 18.14 41.32 -24.15
C CYS A 72 17.23 41.30 -22.97
N PHE A 73 16.80 40.07 -22.64
CA PHE A 73 15.83 39.84 -21.58
C PHE A 73 16.10 40.42 -20.24
N GLU A 74 17.32 40.26 -19.74
CA GLU A 74 17.64 40.82 -18.43
C GLU A 74 17.69 42.36 -18.47
N LEU A 75 18.60 42.90 -19.30
CA LEU A 75 18.74 44.35 -19.40
C LEU A 75 17.45 45.14 -19.60
N ASN A 76 16.72 44.83 -20.66
CA ASN A 76 15.46 45.55 -20.91
C ASN A 76 14.39 45.22 -19.89
N GLY A 77 14.57 44.08 -19.22
CA GLY A 77 13.61 43.67 -18.21
C GLY A 77 13.67 44.61 -17.01
N LEU A 78 14.90 44.91 -16.62
CA LEU A 78 15.18 45.80 -15.51
C LEU A 78 14.78 47.20 -15.91
N PHE A 79 15.26 47.61 -17.08
CA PHE A 79 14.98 48.94 -17.60
C PHE A 79 13.47 49.16 -17.64
N GLU A 80 12.72 48.19 -18.16
CA GLU A 80 11.27 48.32 -18.22
C GLU A 80 10.70 48.60 -16.83
N ARG A 81 11.16 47.85 -15.83
CA ARG A 81 10.64 48.08 -14.51
C ARG A 81 10.87 49.51 -14.10
N ALA A 82 12.11 49.96 -14.23
CA ALA A 82 12.44 51.31 -13.82
C ALA A 82 11.50 52.30 -14.49
N LEU A 83 11.54 52.40 -15.81
CA LEU A 83 10.68 53.33 -16.53
C LEU A 83 9.24 53.24 -16.01
N ARG A 84 8.78 52.02 -15.67
CA ARG A 84 7.42 51.86 -15.18
C ARG A 84 7.23 52.57 -13.82
N ASP A 85 8.14 52.28 -12.89
CA ASP A 85 8.13 52.85 -11.54
C ASP A 85 8.30 54.37 -11.58
N ILE A 86 8.92 54.86 -12.64
CA ILE A 86 9.09 56.29 -12.77
C ILE A 86 7.81 56.93 -13.33
N GLY A 87 6.89 56.10 -13.79
CA GLY A 87 5.63 56.62 -14.31
C GLY A 87 5.41 56.55 -15.81
N PHE A 88 6.40 56.13 -16.58
CA PHE A 88 6.23 56.04 -18.04
C PHE A 88 5.20 54.98 -18.39
N ASN A 89 4.91 54.89 -19.69
CA ASN A 89 3.99 53.91 -20.19
C ASN A 89 4.81 52.96 -21.06
N VAL A 90 5.14 51.80 -20.50
CA VAL A 90 5.94 50.83 -21.24
C VAL A 90 5.45 49.39 -21.25
N ARG A 91 5.95 48.67 -22.25
CA ARG A 91 5.67 47.26 -22.46
C ARG A 91 6.79 46.72 -23.34
N SER A 92 7.15 45.45 -23.22
CA SER A 92 8.25 44.90 -24.04
C SER A 92 7.76 44.48 -25.41
N LEU A 93 8.69 44.27 -26.34
CA LEU A 93 8.34 43.80 -27.67
C LEU A 93 9.37 42.75 -28.05
N LEU A 94 9.01 41.81 -28.90
CA LEU A 94 10.01 40.84 -29.31
C LEU A 94 10.32 41.06 -30.79
N GLY A 95 11.58 40.94 -31.17
CA GLY A 95 11.93 41.19 -32.55
C GLY A 95 12.84 40.11 -33.03
N ARG A 96 13.14 40.15 -34.32
CA ARG A 96 13.97 39.12 -34.86
C ARG A 96 15.31 39.67 -35.29
N VAL A 97 16.37 39.04 -34.81
CA VAL A 97 17.70 39.50 -35.14
C VAL A 97 18.04 39.10 -36.55
N ILE A 98 18.13 40.09 -37.44
CA ILE A 98 18.46 39.82 -38.83
C ILE A 98 19.83 40.28 -39.29
N LEU A 99 20.67 40.73 -38.37
CA LEU A 99 22.02 41.18 -38.71
C LEU A 99 22.76 40.29 -39.71
N SER A 100 23.01 39.04 -39.33
CA SER A 100 23.72 38.10 -40.18
C SER A 100 23.07 37.94 -41.54
N HIS A 101 21.97 38.64 -41.75
CA HIS A 101 21.25 38.57 -43.02
C HIS A 101 20.92 37.09 -43.34
N PRO A 102 20.08 36.46 -42.49
CA PRO A 102 19.66 35.06 -42.63
C PRO A 102 18.76 34.79 -43.82
N ALA A 103 18.86 33.54 -44.30
CA ALA A 103 18.07 33.06 -45.41
C ALA A 103 16.56 33.19 -45.10
N SER A 104 16.15 32.81 -43.88
CA SER A 104 14.77 32.89 -43.46
C SER A 104 14.65 33.51 -42.09
N LEU A 105 13.60 34.28 -41.88
CA LEU A 105 13.38 34.95 -40.60
C LEU A 105 13.59 34.04 -39.39
N PRO A 106 14.37 34.54 -38.41
CA PRO A 106 14.68 33.83 -37.17
C PRO A 106 13.60 34.10 -36.16
N PRO A 107 13.61 33.33 -35.08
CA PRO A 107 12.61 33.50 -34.03
C PRO A 107 12.69 34.79 -33.28
N ARG A 108 11.77 35.02 -32.36
CA ARG A 108 11.79 36.26 -31.59
C ARG A 108 12.81 36.13 -30.48
N THR A 109 14.07 36.39 -30.81
CA THR A 109 15.20 36.33 -29.89
C THR A 109 15.45 37.60 -29.10
N HIS A 110 15.08 38.74 -29.65
CA HIS A 110 15.38 40.00 -29.01
C HIS A 110 14.26 40.76 -28.34
N ARG A 111 14.53 41.24 -27.15
CA ARG A 111 13.52 42.01 -26.42
C ARG A 111 13.82 43.48 -26.60
N LEU A 112 12.84 44.33 -26.43
CA LEU A 112 13.07 45.76 -26.56
C LEU A 112 11.85 46.45 -25.97
N LEU A 113 11.93 47.75 -25.74
CA LEU A 113 10.84 48.44 -25.09
C LEU A 113 10.11 49.41 -25.98
N LEU A 114 8.83 49.60 -25.71
CA LEU A 114 8.01 50.53 -26.46
C LEU A 114 7.55 51.49 -25.40
N VAL A 115 7.81 52.78 -25.60
CA VAL A 115 7.44 53.75 -24.61
C VAL A 115 6.54 54.83 -25.17
N ASP A 116 5.47 55.16 -24.45
CA ASP A 116 4.56 56.22 -24.88
C ASP A 116 4.80 57.48 -24.04
N VAL A 117 5.57 58.40 -24.63
CA VAL A 117 5.91 59.66 -23.98
C VAL A 117 5.43 60.84 -24.82
N GLU A 118 4.71 61.76 -24.17
CA GLU A 118 4.16 62.94 -24.82
C GLU A 118 3.51 62.65 -26.18
N ASP A 119 2.41 61.92 -26.10
CA ASP A 119 1.61 61.55 -27.26
C ASP A 119 2.31 60.88 -28.43
N GLU A 120 3.58 60.53 -28.26
CA GLU A 120 4.31 59.85 -29.33
C GLU A 120 4.78 58.47 -28.86
N GLN A 121 5.26 57.67 -29.81
CA GLN A 121 5.74 56.35 -29.44
C GLN A 121 7.20 56.21 -29.77
N TRP A 122 7.96 55.83 -28.74
CA TRP A 122 9.39 55.64 -28.86
C TRP A 122 9.80 54.22 -28.52
N ILE A 123 10.94 53.81 -29.01
CA ILE A 123 11.43 52.48 -28.69
C ILE A 123 12.78 52.61 -28.02
N ALA A 124 12.88 52.13 -26.78
CA ALA A 124 14.12 52.17 -26.05
C ALA A 124 14.65 50.77 -25.99
N ASP A 125 15.93 50.60 -26.11
CA ASP A 125 16.49 49.27 -26.07
C ASP A 125 17.93 49.32 -25.60
N VAL A 126 18.20 48.75 -24.44
CA VAL A 126 19.56 48.75 -23.89
C VAL A 126 20.20 47.37 -23.92
N GLY A 127 19.46 46.37 -24.37
CA GLY A 127 20.00 45.04 -24.34
C GLY A 127 20.48 44.41 -25.62
N PHE A 128 20.61 45.19 -26.70
CA PHE A 128 21.08 44.60 -27.95
C PHE A 128 22.59 44.34 -28.09
N GLY A 129 23.37 44.83 -27.12
CA GLY A 129 24.81 44.62 -27.11
C GLY A 129 25.61 45.65 -27.88
N GLY A 130 26.59 45.17 -28.63
CA GLY A 130 27.43 46.05 -29.44
C GLY A 130 26.77 47.30 -30.01
N GLN A 131 25.76 47.15 -30.84
CA GLN A 131 25.18 48.32 -31.44
C GLN A 131 23.91 48.80 -30.82
N THR A 132 23.62 48.45 -29.58
CA THR A 132 22.33 48.88 -29.02
C THR A 132 22.14 50.36 -29.15
N LEU A 133 20.89 50.79 -29.04
CA LEU A 133 20.63 52.19 -29.11
C LEU A 133 21.18 52.73 -27.81
N THR A 134 21.34 54.03 -27.74
CA THR A 134 21.81 54.64 -26.51
C THR A 134 20.92 55.81 -26.24
N ALA A 135 19.79 55.82 -26.95
CA ALA A 135 18.79 56.87 -26.81
C ALA A 135 17.51 56.46 -27.50
N PRO A 136 16.37 56.81 -26.88
CA PRO A 136 15.07 56.46 -27.47
C PRO A 136 15.05 56.89 -28.91
N LEU A 137 14.15 56.32 -29.70
CA LEU A 137 13.97 56.70 -31.10
C LEU A 137 12.48 56.84 -31.30
N ARG A 138 12.07 57.66 -32.27
CA ARG A 138 10.65 57.84 -32.53
C ARG A 138 10.23 56.75 -33.53
N LEU A 139 8.99 56.30 -33.38
CA LEU A 139 8.49 55.31 -34.30
C LEU A 139 8.09 56.02 -35.59
N GLN A 140 9.04 56.13 -36.52
CA GLN A 140 8.80 56.76 -37.83
C GLN A 140 9.81 56.27 -38.85
N ALA A 141 9.36 56.14 -40.09
CA ALA A 141 10.21 55.67 -41.15
C ALA A 141 11.10 56.76 -41.75
N GLU A 142 12.11 56.32 -42.49
CA GLU A 142 13.06 57.19 -43.18
C GLU A 142 13.86 58.12 -42.27
N ILE A 143 13.14 58.88 -41.45
CA ILE A 143 13.78 59.83 -40.54
C ILE A 143 15.06 59.30 -39.94
N ALA A 144 16.21 59.73 -40.47
CA ALA A 144 17.49 59.28 -39.93
C ALA A 144 17.68 59.84 -38.51
N GLN A 145 17.34 59.04 -37.50
CA GLN A 145 17.46 59.47 -36.11
C GLN A 145 18.87 59.40 -35.58
N GLN A 146 19.15 60.28 -34.64
CA GLN A 146 20.49 60.40 -34.05
C GLN A 146 20.65 59.93 -32.61
N THR A 147 21.79 59.29 -32.35
CA THR A 147 22.06 58.77 -31.04
C THR A 147 23.52 58.96 -30.67
N PRO A 148 23.80 59.26 -29.40
CA PRO A 148 25.14 59.47 -28.86
C PRO A 148 26.20 58.53 -29.44
N HIS A 149 25.80 57.37 -29.94
CA HIS A 149 26.82 56.47 -30.47
C HIS A 149 26.61 56.06 -31.91
N GLY A 150 25.60 56.64 -32.55
CA GLY A 150 25.36 56.29 -33.94
C GLY A 150 24.13 56.91 -34.55
N GLU A 151 23.92 56.57 -35.82
CA GLU A 151 22.77 57.05 -36.58
C GLU A 151 21.92 55.86 -37.03
N TYR A 152 20.63 55.92 -36.75
CA TYR A 152 19.71 54.85 -37.11
C TYR A 152 18.51 55.34 -37.92
N ARG A 153 17.93 54.41 -38.69
CA ARG A 153 16.75 54.63 -39.56
C ARG A 153 15.82 53.42 -39.46
N LEU A 154 14.52 53.69 -39.27
CA LEU A 154 13.50 52.62 -39.15
C LEU A 154 12.66 52.54 -40.43
N MET A 155 12.61 51.35 -41.02
CA MET A 155 11.82 51.13 -42.22
C MET A 155 10.38 50.96 -41.74
N GLN A 156 9.47 50.80 -42.71
CA GLN A 156 8.05 50.61 -42.40
C GLN A 156 7.44 49.54 -43.32
N GLU A 157 8.03 48.35 -43.35
CA GLU A 157 7.54 47.28 -44.20
C GLU A 157 6.27 46.60 -43.76
N GLY A 158 5.13 47.25 -43.94
CA GLY A 158 3.86 46.69 -43.55
C GLY A 158 3.47 47.25 -42.21
N SER A 159 3.13 46.34 -41.31
CA SER A 159 2.79 46.64 -39.92
C SER A 159 4.15 46.54 -39.18
N THR A 160 4.95 45.55 -39.57
CA THR A 160 6.27 45.28 -38.99
C THR A 160 7.31 46.37 -39.29
N TRP A 161 8.23 46.60 -38.37
CA TRP A 161 9.26 47.61 -38.60
C TRP A 161 10.63 46.97 -38.63
N ILE A 162 11.59 47.66 -39.20
CA ILE A 162 12.96 47.16 -39.22
C ILE A 162 13.82 48.30 -38.66
N LEU A 163 14.92 47.95 -37.97
CA LEU A 163 15.82 48.94 -37.38
C LEU A 163 17.11 48.90 -38.15
N GLN A 164 17.66 50.06 -38.44
CA GLN A 164 18.92 50.13 -39.16
C GLN A 164 19.89 51.17 -38.60
N PHE A 165 21.12 51.13 -39.07
CA PHE A 165 22.08 52.10 -38.60
C PHE A 165 23.13 52.20 -39.72
N ARG A 166 23.74 53.39 -39.84
CA ARG A 166 24.76 53.67 -40.87
C ARG A 166 26.06 52.92 -40.81
N HIS A 167 26.58 52.62 -41.97
CA HIS A 167 27.80 51.85 -42.01
C HIS A 167 28.33 51.87 -43.46
N HIS A 168 29.37 52.67 -43.70
CA HIS A 168 29.91 52.78 -45.06
C HIS A 168 28.92 53.46 -46.01
N GLU A 169 28.18 54.45 -45.51
CA GLU A 169 27.23 55.22 -46.30
C GLU A 169 26.00 54.47 -46.83
N HIS A 170 25.62 53.38 -46.16
CA HIS A 170 24.41 52.61 -46.54
C HIS A 170 23.70 52.08 -45.29
N TRP A 171 22.38 52.25 -45.22
CA TRP A 171 21.62 51.79 -44.08
C TRP A 171 21.78 50.29 -43.89
N GLN A 172 21.91 49.88 -42.63
CA GLN A 172 22.05 48.47 -42.33
C GLN A 172 21.00 48.04 -41.29
N SER A 173 20.27 46.98 -41.62
CA SER A 173 19.22 46.47 -40.76
C SER A 173 19.75 45.64 -39.63
N MET A 174 19.32 45.94 -38.41
CA MET A 174 19.75 45.19 -37.25
C MET A 174 18.74 44.09 -36.90
N TYR A 175 17.47 44.44 -36.78
CA TYR A 175 16.48 43.43 -36.46
C TYR A 175 15.08 43.95 -36.69
N CYS A 176 14.15 43.06 -37.06
CA CYS A 176 12.77 43.49 -37.29
C CYS A 176 11.87 43.18 -36.11
N PHE A 177 10.71 43.83 -36.11
CA PHE A 177 9.75 43.71 -35.02
C PHE A 177 8.43 44.46 -35.25
N ASP A 178 7.35 44.01 -34.63
CA ASP A 178 6.03 44.63 -34.74
C ASP A 178 5.51 45.07 -33.34
N LEU A 179 4.33 45.62 -33.27
CA LEU A 179 3.87 46.06 -31.97
C LEU A 179 3.02 45.08 -31.20
N GLY A 180 3.13 43.78 -31.52
CA GLY A 180 2.34 42.80 -30.80
C GLY A 180 2.71 42.65 -29.32
N VAL A 181 1.70 42.44 -28.48
CA VAL A 181 1.91 42.26 -27.04
C VAL A 181 2.74 41.02 -26.75
N GLN A 182 3.49 41.03 -25.65
CA GLN A 182 4.31 39.88 -25.31
C GLN A 182 4.01 39.57 -23.87
N GLN A 183 4.31 38.35 -23.44
CA GLN A 183 4.03 37.95 -22.07
C GLN A 183 5.32 37.47 -21.43
N GLN A 184 5.42 37.56 -20.12
CA GLN A 184 6.65 37.11 -19.46
C GLN A 184 7.17 35.82 -20.04
N SER A 185 6.27 34.87 -20.19
CA SER A 185 6.64 33.57 -20.69
C SER A 185 7.28 33.69 -22.07
N ASP A 186 6.77 34.63 -22.86
CA ASP A 186 7.36 34.77 -24.18
C ASP A 186 8.82 35.13 -24.09
N HIS A 187 9.20 35.84 -23.03
CA HIS A 187 10.59 36.17 -22.83
C HIS A 187 11.34 34.96 -22.25
N VAL A 188 10.68 34.26 -21.35
CA VAL A 188 11.32 33.11 -20.81
C VAL A 188 11.66 32.20 -21.96
N MET A 189 10.73 32.03 -22.89
CA MET A 189 11.02 31.14 -24.01
C MET A 189 12.19 31.72 -24.82
N GLY A 190 12.15 33.04 -25.03
CA GLY A 190 13.24 33.68 -25.76
C GLY A 190 14.59 33.45 -25.08
N ASN A 191 14.57 33.57 -23.77
CA ASN A 191 15.79 33.36 -23.05
C ASN A 191 16.18 31.90 -23.23
N PHE A 192 15.19 30.98 -23.11
CA PHE A 192 15.48 29.55 -23.19
C PHE A 192 16.19 29.19 -24.49
N TRP A 193 15.68 29.77 -25.57
CA TRP A 193 16.24 29.54 -26.88
C TRP A 193 17.69 29.99 -26.90
N SER A 194 17.86 31.28 -26.61
CA SER A 194 19.16 31.92 -26.65
C SER A 194 20.23 31.24 -25.82
N ALA A 195 19.86 30.74 -24.66
CA ALA A 195 20.80 30.11 -23.77
C ALA A 195 21.05 28.66 -23.98
N HIS A 196 20.07 28.00 -24.59
CA HIS A 196 20.18 26.56 -24.76
C HIS A 196 20.14 25.98 -26.18
N TRP A 197 19.64 26.72 -27.16
CA TRP A 197 19.68 26.12 -28.49
C TRP A 197 21.12 25.97 -28.93
N PRO A 198 21.59 24.75 -29.08
CA PRO A 198 22.96 24.46 -29.49
C PRO A 198 23.66 25.39 -30.45
N GLN A 199 22.98 25.85 -31.49
CA GLN A 199 23.62 26.73 -32.45
C GLN A 199 23.53 28.19 -32.01
N SER A 200 23.00 28.50 -30.83
CA SER A 200 22.91 29.91 -30.45
C SER A 200 24.36 30.44 -30.32
N HIS A 201 24.73 31.58 -30.93
CA HIS A 201 26.13 32.06 -30.77
C HIS A 201 26.51 32.36 -29.30
N PHE A 202 25.56 32.84 -28.50
CA PHE A 202 25.82 33.07 -27.08
C PHE A 202 26.39 31.87 -26.36
N ARG A 203 26.46 30.71 -26.94
CA ARG A 203 26.99 29.64 -26.17
C ARG A 203 28.34 29.38 -26.66
N HIS A 204 28.82 30.18 -27.60
CA HIS A 204 30.16 29.86 -28.13
C HIS A 204 31.27 30.89 -27.91
N HIS A 205 30.97 31.92 -27.14
CA HIS A 205 31.97 32.90 -26.84
C HIS A 205 31.48 33.92 -25.84
N LEU A 206 32.43 34.38 -25.02
CA LEU A 206 32.13 35.35 -23.99
C LEU A 206 31.86 36.71 -24.64
N LEU A 207 30.82 37.40 -24.21
CA LEU A 207 30.53 38.68 -24.79
C LEU A 207 30.25 39.76 -23.78
N MET A 208 31.04 40.82 -23.83
CA MET A 208 30.79 41.91 -22.92
C MET A 208 30.85 43.25 -23.62
N CYS A 209 30.04 44.17 -23.16
CA CYS A 209 30.04 45.42 -23.82
C CYS A 209 29.43 46.46 -22.93
N ARG A 210 30.15 47.55 -22.76
CA ARG A 210 29.71 48.61 -21.87
C ARG A 210 29.84 49.92 -22.56
N HIS A 211 28.99 50.87 -22.24
CA HIS A 211 29.08 52.18 -22.88
C HIS A 211 29.69 53.28 -22.02
N LEU A 212 30.35 54.21 -22.71
CA LEU A 212 31.02 55.37 -22.09
C LEU A 212 30.36 56.68 -22.54
N PRO A 213 30.44 57.72 -21.70
CA PRO A 213 29.88 59.04 -21.93
C PRO A 213 30.04 59.66 -23.33
N ASP A 214 31.28 59.89 -23.75
CA ASP A 214 31.51 60.52 -25.05
C ASP A 214 31.66 59.58 -26.22
N GLY A 215 30.52 59.12 -26.72
CA GLY A 215 30.53 58.23 -27.87
C GLY A 215 31.50 57.06 -27.81
N GLY A 216 32.02 56.77 -26.61
CA GLY A 216 32.95 55.66 -26.47
C GLY A 216 32.27 54.41 -25.95
N LYS A 217 32.92 53.26 -26.15
CA LYS A 217 32.38 52.01 -25.64
C LYS A 217 33.46 50.95 -25.55
N LEU A 218 33.24 49.95 -24.70
CA LEU A 218 34.21 48.91 -24.53
C LEU A 218 33.62 47.66 -25.13
N THR A 219 34.48 46.71 -25.44
CA THR A 219 34.05 45.52 -26.11
C THR A 219 34.91 44.31 -25.91
N LEU A 220 34.37 43.31 -25.27
CA LEU A 220 35.15 42.11 -25.08
C LEU A 220 34.46 40.98 -25.88
N THR A 221 35.27 40.09 -26.40
CA THR A 221 34.82 38.97 -27.18
C THR A 221 35.90 37.97 -26.86
N ASN A 222 35.70 37.20 -25.80
CA ASN A 222 36.70 36.26 -25.37
C ASN A 222 37.88 37.06 -24.88
N PHE A 223 39.05 36.88 -25.45
CA PHE A 223 40.15 37.67 -24.97
C PHE A 223 40.35 38.95 -25.76
N HIS A 224 39.57 39.18 -26.80
CA HIS A 224 39.77 40.39 -27.58
C HIS A 224 39.00 41.59 -26.98
N PHE A 225 39.77 42.47 -26.34
CA PHE A 225 39.24 43.69 -25.71
C PHE A 225 39.43 44.83 -26.70
N THR A 226 38.53 45.81 -26.70
CA THR A 226 38.63 46.91 -27.63
C THR A 226 37.96 48.14 -27.04
N ARG A 227 38.61 49.29 -27.22
CA ARG A 227 38.06 50.56 -26.72
C ARG A 227 37.68 51.41 -27.93
N TYR A 228 36.61 52.16 -27.81
CA TYR A 228 36.16 53.00 -28.93
C TYR A 228 35.89 54.43 -28.49
N HIS A 229 36.20 55.36 -29.38
CA HIS A 229 35.91 56.74 -29.09
C HIS A 229 35.22 57.33 -30.29
N GLN A 230 34.14 58.06 -30.04
CA GLN A 230 33.33 58.66 -31.10
C GLN A 230 33.16 57.67 -32.24
N GLY A 231 32.94 56.40 -31.88
CA GLY A 231 32.73 55.35 -32.85
C GLY A 231 33.99 54.90 -33.58
N HIS A 232 35.16 54.99 -32.94
CA HIS A 232 36.40 54.58 -33.61
C HIS A 232 37.23 53.66 -32.75
N ALA A 233 37.83 52.67 -33.39
CA ALA A 233 38.64 51.72 -32.66
C ALA A 233 39.95 52.26 -32.15
N VAL A 234 39.93 52.82 -30.95
CA VAL A 234 41.13 53.36 -30.32
C VAL A 234 41.72 52.34 -29.33
N GLU A 235 42.82 51.67 -29.64
CA GLU A 235 43.35 50.65 -28.72
C GLU A 235 42.56 49.30 -28.79
N GLN A 236 43.33 48.22 -28.95
CA GLN A 236 42.77 46.89 -29.04
C GLN A 236 43.74 45.96 -28.38
N VAL A 237 43.44 45.59 -27.15
CA VAL A 237 44.29 44.68 -26.42
C VAL A 237 43.80 43.27 -26.46
N ASN A 238 44.75 42.35 -26.53
CA ASN A 238 44.38 40.97 -26.56
C ASN A 238 44.78 40.36 -25.23
N VAL A 239 43.92 40.45 -24.23
CA VAL A 239 44.22 39.88 -22.92
C VAL A 239 44.92 38.52 -23.05
N PRO A 240 46.04 38.34 -22.32
CA PRO A 240 46.87 37.13 -22.34
C PRO A 240 46.56 35.98 -21.44
N ASP A 241 45.63 36.18 -20.52
CA ASP A 241 45.37 35.08 -19.60
C ASP A 241 44.08 35.24 -18.82
N VAL A 242 43.60 34.14 -18.27
CA VAL A 242 42.38 34.17 -17.52
C VAL A 242 42.43 35.19 -16.38
N PRO A 243 43.43 35.09 -15.49
CA PRO A 243 43.58 36.00 -14.35
C PRO A 243 43.49 37.46 -14.81
N SER A 244 44.31 37.77 -15.79
CA SER A 244 44.33 39.09 -16.32
C SER A 244 42.93 39.53 -16.78
N LEU A 245 42.19 38.61 -17.40
CA LEU A 245 40.83 38.89 -17.89
C LEU A 245 39.89 39.08 -16.72
N TYR A 246 40.03 38.24 -15.71
CA TYR A 246 39.20 38.31 -14.52
C TYR A 246 39.31 39.74 -14.02
N GLN A 247 40.52 40.26 -14.05
CA GLN A 247 40.74 41.62 -13.61
C GLN A 247 40.04 42.60 -14.55
N LEU A 248 40.29 42.43 -15.85
CA LEU A 248 39.70 43.32 -16.83
C LEU A 248 38.19 43.42 -16.69
N LEU A 249 37.53 42.33 -16.24
CA LEU A 249 36.07 42.34 -16.10
C LEU A 249 35.63 43.28 -14.99
N GLN A 250 36.41 43.32 -13.93
CA GLN A 250 36.07 44.17 -12.82
C GLN A 250 36.51 45.58 -13.09
N GLN A 251 37.67 45.76 -13.71
CA GLN A 251 38.13 47.11 -13.97
C GLN A 251 37.29 47.84 -15.01
N GLN A 252 37.48 47.46 -16.26
CA GLN A 252 36.81 48.08 -17.37
C GLN A 252 35.28 48.01 -17.42
N PHE A 253 34.69 46.87 -17.09
CA PHE A 253 33.23 46.75 -17.17
C PHE A 253 32.49 46.93 -15.88
N GLY A 254 33.24 46.83 -14.79
CA GLY A 254 32.68 47.02 -13.47
C GLY A 254 31.75 45.88 -13.14
N LEU A 255 32.31 44.69 -13.27
CA LEU A 255 31.54 43.50 -13.03
C LEU A 255 31.69 43.11 -11.59
N GLY A 256 30.56 42.86 -10.95
CA GLY A 256 30.56 42.43 -9.57
C GLY A 256 30.95 40.96 -9.40
N VAL A 257 32.24 40.68 -9.52
CA VAL A 257 32.73 39.34 -9.39
C VAL A 257 32.44 38.62 -8.07
N ASN A 258 31.99 39.34 -7.05
CA ASN A 258 31.71 38.69 -5.77
C ASN A 258 30.27 38.90 -5.52
N ASP A 259 29.71 38.06 -4.68
CA ASP A 259 28.31 38.16 -4.35
C ASP A 259 27.90 36.76 -3.97
N VAL A 260 27.25 36.65 -2.83
CA VAL A 260 26.84 35.36 -2.31
C VAL A 260 26.27 34.50 -3.39
N LYS A 261 25.35 35.10 -4.13
CA LYS A 261 24.64 34.45 -5.21
C LYS A 261 25.30 34.54 -6.57
N HIS A 262 25.11 35.65 -7.27
CA HIS A 262 25.62 35.77 -8.62
C HIS A 262 27.09 35.93 -8.94
N GLY A 263 27.93 35.84 -7.94
CA GLY A 263 29.34 36.02 -8.24
C GLY A 263 29.90 34.78 -8.84
N PHE A 264 31.18 34.81 -9.16
CA PHE A 264 31.81 33.67 -9.73
C PHE A 264 33.33 33.75 -9.55
N THR A 265 33.93 32.65 -9.12
CA THR A 265 35.36 32.58 -8.90
C THR A 265 36.12 32.85 -10.16
N GLU A 266 37.42 33.00 -10.06
CA GLU A 266 38.18 33.23 -11.25
C GLU A 266 38.45 31.83 -11.85
N ALA A 267 38.48 30.80 -11.01
CA ALA A 267 38.71 29.47 -11.56
C ALA A 267 37.54 29.07 -12.49
N GLU A 268 36.35 29.56 -12.18
CA GLU A 268 35.18 29.27 -12.97
C GLU A 268 35.32 29.94 -14.33
N LEU A 269 35.83 31.17 -14.36
CA LEU A 269 35.98 31.86 -15.62
C LEU A 269 36.96 31.12 -16.42
N ALA A 270 37.88 30.43 -15.77
CA ALA A 270 38.90 29.70 -16.52
C ALA A 270 38.29 28.52 -17.26
N ALA A 271 37.48 27.71 -16.57
CA ALA A 271 36.80 26.57 -17.17
C ALA A 271 35.95 27.06 -18.34
N VAL A 272 35.33 28.22 -18.19
CA VAL A 272 34.58 28.78 -19.28
C VAL A 272 35.42 29.09 -20.51
N MET A 273 36.49 29.82 -20.36
CA MET A 273 37.32 30.12 -21.50
C MET A 273 38.07 28.88 -21.93
N ALA A 274 38.07 27.84 -21.11
CA ALA A 274 38.85 26.69 -21.50
C ALA A 274 38.21 26.00 -22.65
N ALA A 275 36.89 26.11 -22.72
CA ALA A 275 36.07 25.48 -23.76
C ALA A 275 36.48 25.92 -25.13
N PHE A 276 37.09 27.08 -25.24
CA PHE A 276 37.50 27.59 -26.52
C PHE A 276 39.02 27.52 -26.75
N HIS B 3 40.68 17.80 18.23
CA HIS B 3 40.82 18.97 17.31
C HIS B 3 39.53 19.31 16.53
N MET B 4 39.43 20.55 16.05
CA MET B 4 38.27 20.97 15.31
C MET B 4 38.48 22.13 14.31
N THR B 5 38.47 21.80 13.01
CA THR B 5 38.64 22.76 11.90
C THR B 5 37.41 23.60 11.66
N SER B 6 37.58 24.73 11.00
CA SER B 6 36.46 25.63 10.74
C SER B 6 35.24 24.89 10.22
N PHE B 7 35.48 23.95 9.34
CA PHE B 7 34.40 23.19 8.72
C PHE B 7 33.74 22.32 9.77
N LEU B 8 34.57 21.43 10.26
CA LEU B 8 34.21 20.46 11.26
C LEU B 8 33.27 21.09 12.27
N HIS B 9 33.44 22.38 12.49
CA HIS B 9 32.62 23.14 13.41
C HIS B 9 31.17 23.11 12.97
N ALA B 10 30.82 23.86 11.93
CA ALA B 10 29.43 23.85 11.51
C ALA B 10 28.88 22.49 11.08
N TYR B 11 29.78 21.54 10.89
CA TYR B 11 29.34 20.20 10.53
C TYR B 11 28.62 19.68 11.74
N PHE B 12 29.33 19.70 12.88
CA PHE B 12 28.77 19.23 14.18
C PHE B 12 27.53 20.06 14.56
N THR B 13 27.64 21.36 14.33
CA THR B 13 26.51 22.23 14.56
C THR B 13 25.29 21.76 13.78
N ARG B 14 25.45 21.39 12.49
CA ARG B 14 24.31 20.96 11.70
C ARG B 14 23.83 19.60 12.15
N LEU B 15 24.76 18.73 12.52
CA LEU B 15 24.39 17.41 13.00
C LEU B 15 23.71 17.38 14.41
N HIS B 16 23.54 18.56 15.04
CA HIS B 16 22.93 18.66 16.37
C HIS B 16 23.68 17.62 17.18
N CYS B 17 25.00 17.70 17.14
CA CYS B 17 25.83 16.71 17.78
C CYS B 17 27.07 17.27 18.45
N GLN B 18 27.62 16.52 19.39
CA GLN B 18 28.79 17.00 20.11
C GLN B 18 30.13 16.59 19.45
N PRO B 19 31.08 17.54 19.39
CA PRO B 19 32.39 17.28 18.78
C PRO B 19 32.98 15.92 19.12
N LEU B 20 33.83 15.45 18.21
CA LEU B 20 34.51 14.17 18.34
C LEU B 20 35.88 14.38 17.72
N GLY B 21 36.93 13.97 18.40
CA GLY B 21 38.25 14.19 17.85
C GLY B 21 39.02 12.90 17.66
N VAL B 22 38.47 11.79 18.12
CA VAL B 22 39.18 10.55 17.97
C VAL B 22 38.46 9.65 17.02
N PRO B 23 39.11 9.33 15.90
CA PRO B 23 38.62 8.47 14.82
C PRO B 23 38.52 7.01 15.18
N THR B 24 37.35 6.56 15.60
CA THR B 24 37.20 5.18 15.99
C THR B 24 35.92 4.64 15.43
N VAL B 25 35.79 3.32 15.40
CA VAL B 25 34.56 2.76 14.86
C VAL B 25 33.35 3.35 15.52
N GLU B 26 33.45 3.62 16.82
CA GLU B 26 32.28 4.16 17.49
C GLU B 26 31.94 5.57 17.01
N ALA B 27 32.98 6.37 16.76
CA ALA B 27 32.80 7.74 16.27
C ALA B 27 32.09 7.67 14.92
N LEU B 28 32.53 6.74 14.11
CA LEU B 28 31.93 6.57 12.81
C LEU B 28 30.50 6.21 13.08
N ARG B 29 30.29 5.11 13.80
CA ARG B 29 28.95 4.62 14.10
C ARG B 29 27.90 5.72 14.34
N THR B 30 28.28 6.72 15.13
CA THR B 30 27.36 7.78 15.46
C THR B 30 27.29 8.89 14.45
N LEU B 31 28.44 9.31 13.94
CA LEU B 31 28.44 10.39 12.95
C LEU B 31 27.54 10.02 11.81
N HIS B 32 27.64 8.77 11.41
CA HIS B 32 26.84 8.24 10.32
C HIS B 32 25.37 8.49 10.60
N LEU B 33 24.86 7.96 11.72
CA LEU B 33 23.47 8.12 12.08
C LEU B 33 23.13 9.57 12.27
N ALA B 34 24.11 10.32 12.75
CA ALA B 34 23.89 11.75 12.94
C ALA B 34 23.50 12.38 11.63
N HIS B 35 24.42 12.20 10.68
CA HIS B 35 24.29 12.69 9.32
C HIS B 35 22.96 12.26 8.73
N ASN B 36 22.70 10.96 8.76
CA ASN B 36 21.49 10.40 8.24
C ASN B 36 20.23 11.04 8.77
N CYS B 37 20.31 11.78 9.85
CA CYS B 37 19.08 12.34 10.41
C CYS B 37 19.06 13.80 10.25
N ALA B 38 20.23 14.37 10.09
CA ALA B 38 20.29 15.80 9.97
C ALA B 38 20.13 16.30 8.54
N ILE B 39 21.04 15.87 7.67
CA ILE B 39 21.08 16.24 6.25
C ILE B 39 20.27 15.36 5.32
N PRO B 40 19.09 15.81 4.91
CA PRO B 40 18.26 15.00 4.03
C PRO B 40 18.77 14.65 2.66
N PHE B 41 18.16 13.63 2.08
CA PHE B 41 18.49 13.17 0.74
C PHE B 41 17.51 13.90 -0.14
N GLU B 42 18.02 14.74 -1.01
CA GLU B 42 17.12 15.52 -1.85
C GLU B 42 17.69 15.68 -3.27
N ASN B 43 16.82 15.78 -4.27
CA ASN B 43 17.25 15.90 -5.64
C ASN B 43 16.60 17.12 -6.20
N LEU B 44 16.24 18.05 -5.34
CA LEU B 44 15.54 19.19 -5.84
C LEU B 44 16.30 20.11 -6.82
N ASP B 45 17.61 20.22 -6.70
CA ASP B 45 18.34 21.06 -7.64
C ASP B 45 18.36 20.43 -9.05
N VAL B 46 18.00 19.15 -9.15
CA VAL B 46 18.00 18.54 -10.45
C VAL B 46 16.73 18.95 -11.15
N LEU B 47 15.61 18.90 -10.45
CA LEU B 47 14.33 19.25 -11.06
C LEU B 47 14.14 20.71 -11.42
N LEU B 48 14.34 21.62 -10.47
CA LEU B 48 14.25 23.02 -10.84
C LEU B 48 15.64 22.96 -11.42
N PRO B 49 15.78 23.25 -12.70
CA PRO B 49 17.14 23.17 -13.25
C PRO B 49 18.06 24.04 -12.38
N ARG B 50 19.22 23.51 -11.98
CA ARG B 50 20.15 24.30 -11.16
C ARG B 50 21.39 23.48 -10.92
N GLU B 51 22.52 23.86 -11.52
CA GLU B 51 23.72 23.05 -11.40
C GLU B 51 24.19 22.67 -10.02
N ILE B 52 24.73 21.46 -9.91
CA ILE B 52 25.22 20.94 -8.65
C ILE B 52 26.72 20.96 -8.55
N GLN B 53 27.33 21.94 -7.87
CA GLN B 53 28.81 21.93 -7.75
C GLN B 53 29.19 20.90 -6.71
N LEU B 54 30.39 20.34 -6.80
CA LEU B 54 30.79 19.33 -5.85
C LEU B 54 32.05 19.65 -5.13
N ASP B 55 32.51 20.89 -5.21
CA ASP B 55 33.75 21.28 -4.53
C ASP B 55 33.45 21.60 -3.08
N GLU B 56 34.29 21.14 -2.17
CA GLU B 56 34.04 21.43 -0.77
C GLU B 56 34.01 22.94 -0.64
N THR B 57 32.83 23.50 -0.43
CA THR B 57 32.65 24.94 -0.26
C THR B 57 31.27 25.12 -0.81
N ALA B 58 31.05 24.54 -1.98
CA ALA B 58 29.73 24.66 -2.47
C ALA B 58 29.01 23.65 -1.60
N LEU B 59 29.63 22.49 -1.39
CA LEU B 59 28.99 21.48 -0.57
C LEU B 59 28.70 22.03 0.80
N GLU B 60 29.68 22.76 1.32
CA GLU B 60 29.58 23.37 2.64
C GLU B 60 28.42 24.33 2.69
N GLU B 61 28.37 25.25 1.73
CA GLU B 61 27.30 26.22 1.66
C GLU B 61 25.91 25.64 1.33
N LYS B 62 25.87 24.46 0.75
CA LYS B 62 24.54 23.97 0.43
C LYS B 62 24.00 23.09 1.52
N LEU B 63 24.82 22.12 1.91
CA LEU B 63 24.41 21.16 2.89
C LEU B 63 24.41 21.67 4.31
N LEU B 64 25.40 22.49 4.66
CA LEU B 64 25.44 23.06 6.01
C LEU B 64 24.72 24.41 6.15
N TYR B 65 25.31 25.49 5.67
CA TYR B 65 24.67 26.78 5.82
C TYR B 65 23.28 26.96 5.31
N ALA B 66 22.94 26.39 4.15
CA ALA B 66 21.63 26.65 3.65
C ALA B 66 20.64 25.67 4.15
N ARG B 67 21.12 24.69 4.90
CA ARG B 67 20.29 23.60 5.47
C ARG B 67 19.54 22.84 4.35
N ARG B 68 20.25 22.50 3.29
CA ARG B 68 19.64 21.76 2.20
C ARG B 68 20.19 20.37 2.06
N GLY B 69 19.52 19.55 1.25
CA GLY B 69 19.97 18.19 1.04
C GLY B 69 20.67 17.96 -0.28
N GLY B 70 20.94 16.70 -0.59
CA GLY B 70 21.59 16.36 -1.84
C GLY B 70 21.49 14.89 -2.06
N TYR B 71 22.36 14.35 -2.91
CA TYR B 71 22.35 12.91 -3.13
C TYR B 71 23.76 12.33 -3.16
N CYS B 72 23.90 11.09 -3.62
CA CYS B 72 25.21 10.42 -3.66
C CYS B 72 26.36 11.38 -3.47
N PHE B 73 26.72 12.00 -4.58
CA PHE B 73 27.84 12.91 -4.61
C PHE B 73 27.95 13.98 -3.60
N GLU B 74 26.90 14.74 -3.38
CA GLU B 74 26.95 15.81 -2.38
C GLU B 74 27.03 15.23 -0.95
N LEU B 75 26.03 14.44 -0.52
CA LEU B 75 26.04 13.88 0.84
C LEU B 75 27.37 13.20 1.20
N ASN B 76 27.75 12.12 0.52
CA ASN B 76 29.02 11.48 0.86
C ASN B 76 30.21 12.37 0.64
N GLY B 77 30.05 13.43 -0.14
CA GLY B 77 31.18 14.28 -0.36
C GLY B 77 31.46 15.09 0.87
N LEU B 78 30.39 15.54 1.51
CA LEU B 78 30.45 16.34 2.72
C LEU B 78 30.93 15.40 3.78
N PHE B 79 30.25 14.28 3.90
CA PHE B 79 30.61 13.28 4.90
C PHE B 79 32.08 12.93 4.80
N GLU B 80 32.56 12.69 3.59
CA GLU B 80 33.96 12.36 3.45
C GLU B 80 34.83 13.46 4.05
N ARG B 81 34.51 14.70 3.80
CA ARG B 81 35.36 15.75 4.34
C ARG B 81 35.41 15.66 5.83
N ALA B 82 34.23 15.55 6.44
CA ALA B 82 34.16 15.47 7.89
C ALA B 82 35.08 14.35 8.35
N LEU B 83 34.70 13.11 8.09
CA LEU B 83 35.54 12.00 8.52
C LEU B 83 37.02 12.31 8.34
N ARG B 84 37.40 13.01 7.26
CA ARG B 84 38.81 13.32 7.02
C ARG B 84 39.36 14.28 8.02
N ASP B 85 38.68 15.41 8.19
CA ASP B 85 39.09 16.43 9.17
C ASP B 85 39.15 15.87 10.62
N ILE B 86 38.31 14.88 10.89
CA ILE B 86 38.26 14.26 12.20
C ILE B 86 39.42 13.31 12.34
N GLY B 87 40.12 13.07 11.26
CA GLY B 87 41.26 12.18 11.34
C GLY B 87 41.15 10.78 10.75
N PHE B 88 39.98 10.37 10.27
CA PHE B 88 39.85 9.02 9.71
C PHE B 88 40.65 8.90 8.43
N ASN B 89 40.62 7.70 7.88
CA ASN B 89 41.29 7.40 6.63
C ASN B 89 40.19 7.06 5.63
N VAL B 90 39.87 8.02 4.76
CA VAL B 90 38.81 7.82 3.78
C VAL B 90 39.12 8.27 2.38
N ARG B 91 38.35 7.69 1.45
CA ARG B 91 38.40 7.97 0.03
C ARG B 91 37.05 7.49 -0.52
N SER B 92 36.54 8.14 -1.56
CA SER B 92 35.26 7.70 -2.10
C SER B 92 35.38 6.49 -3.03
N LEU B 93 34.27 5.86 -3.37
CA LEU B 93 34.28 4.75 -4.30
C LEU B 93 33.06 4.90 -5.19
N LEU B 94 33.10 4.37 -6.41
CA LEU B 94 31.93 4.49 -7.27
C LEU B 94 31.39 3.11 -7.51
N GLY B 95 30.08 3.00 -7.51
CA GLY B 95 29.51 1.69 -7.73
C GLY B 95 28.33 1.77 -8.65
N ARG B 96 27.77 0.62 -9.00
CA ARG B 96 26.69 0.65 -9.94
C ARG B 96 25.39 0.27 -9.34
N VAL B 97 24.39 1.12 -9.51
CA VAL B 97 23.08 0.84 -8.98
C VAL B 97 22.38 -0.28 -9.73
N ILE B 98 22.23 -1.42 -9.08
CA ILE B 98 21.59 -2.54 -9.72
C ILE B 98 20.21 -2.90 -9.16
N LEU B 99 19.66 -2.03 -8.31
CA LEU B 99 18.33 -2.31 -7.72
C LEU B 99 17.28 -2.83 -8.71
N SER B 100 16.97 -2.02 -9.72
CA SER B 100 15.99 -2.39 -10.73
C SER B 100 16.31 -3.71 -11.43
N HIS B 101 17.45 -4.30 -11.07
CA HIS B 101 17.86 -5.57 -11.66
C HIS B 101 17.93 -5.39 -13.18
N PRO B 102 18.86 -4.53 -13.65
CA PRO B 102 19.07 -4.24 -15.07
C PRO B 102 19.67 -5.37 -15.87
N ALA B 103 19.33 -5.35 -17.16
CA ALA B 103 19.79 -6.33 -18.14
C ALA B 103 21.32 -6.32 -18.24
N SER B 104 21.91 -5.13 -18.25
CA SER B 104 23.37 -4.99 -18.32
C SER B 104 23.86 -3.95 -17.32
N LEU B 105 25.06 -4.17 -16.78
CA LEU B 105 25.63 -3.25 -15.78
C LEU B 105 25.53 -1.79 -16.17
N PRO B 106 25.00 -0.94 -15.27
CA PRO B 106 24.85 0.49 -15.50
C PRO B 106 26.12 1.15 -15.14
N PRO B 107 26.26 2.42 -15.46
CA PRO B 107 27.48 3.16 -15.15
C PRO B 107 27.70 3.41 -13.66
N ARG B 108 28.82 4.07 -13.32
CA ARG B 108 29.17 4.40 -11.93
C ARG B 108 28.41 5.63 -11.45
N THR B 109 27.17 5.43 -11.08
CA THR B 109 26.24 6.46 -10.63
C THR B 109 26.30 6.80 -9.17
N HIS B 110 26.74 5.83 -8.38
CA HIS B 110 26.75 5.97 -6.93
C HIS B 110 28.07 6.10 -6.20
N ARG B 111 28.14 7.13 -5.37
CA ARG B 111 29.35 7.37 -4.61
C ARG B 111 29.17 6.77 -3.23
N LEU B 112 30.25 6.36 -2.60
CA LEU B 112 30.16 5.80 -1.27
C LEU B 112 31.52 5.93 -0.67
N LEU B 113 31.63 5.74 0.64
CA LEU B 113 32.91 5.91 1.31
C LEU B 113 33.58 4.62 1.78
N LEU B 114 34.91 4.63 1.80
CA LEU B 114 35.66 3.48 2.27
C LEU B 114 36.46 4.07 3.42
N VAL B 115 36.33 3.46 4.59
CA VAL B 115 37.03 3.96 5.76
C VAL B 115 37.89 2.88 6.41
N ASP B 116 39.13 3.26 6.73
CA ASP B 116 40.04 2.34 7.39
C ASP B 116 40.13 2.73 8.86
N VAL B 117 39.42 1.98 9.70
CA VAL B 117 39.38 2.21 11.14
C VAL B 117 39.81 0.97 11.88
N GLU B 118 40.75 1.15 12.80
CA GLU B 118 41.30 0.06 13.59
C GLU B 118 41.58 -1.21 12.76
N ASP B 119 42.59 -1.07 11.89
CA ASP B 119 43.06 -2.14 11.04
C ASP B 119 42.06 -2.90 10.18
N GLU B 120 40.82 -2.40 10.10
CA GLU B 120 39.82 -3.05 9.26
C GLU B 120 39.29 -2.06 8.23
N GLN B 121 38.50 -2.57 7.30
CA GLN B 121 37.96 -1.70 6.28
C GLN B 121 36.46 -1.70 6.31
N TRP B 122 35.90 -0.50 6.42
CA TRP B 122 34.46 -0.35 6.47
C TRP B 122 33.97 0.53 5.32
N ILE B 123 32.69 0.40 5.01
CA ILE B 123 32.12 1.24 3.98
C ILE B 123 30.94 2.05 4.53
N ALA B 124 31.08 3.35 4.54
CA ALA B 124 30.04 4.22 5.03
C ALA B 124 29.39 4.86 3.85
N ASP B 125 28.08 5.02 3.92
CA ASP B 125 27.37 5.61 2.82
C ASP B 125 26.09 6.23 3.29
N VAL B 126 26.00 7.54 3.15
CA VAL B 126 24.81 8.24 3.59
C VAL B 126 24.01 8.80 2.43
N GLY B 127 24.54 8.58 1.23
CA GLY B 127 23.94 9.13 0.03
C GLY B 127 23.03 8.30 -0.86
N PHE B 128 22.75 7.07 -0.48
CA PHE B 128 21.93 6.25 -1.30
C PHE B 128 20.45 6.46 -1.24
N GLY B 129 19.97 7.35 -0.38
CA GLY B 129 18.54 7.62 -0.25
C GLY B 129 17.69 6.66 0.58
N GLY B 130 16.52 6.29 0.06
CA GLY B 130 15.65 5.37 0.77
C GLY B 130 16.31 4.33 1.67
N GLN B 131 17.10 3.43 1.09
CA GLN B 131 17.72 2.35 1.85
C GLN B 131 19.15 2.56 2.23
N THR B 132 19.63 3.79 2.27
CA THR B 132 21.03 3.96 2.61
C THR B 132 21.39 3.29 3.89
N LEU B 133 22.67 3.06 4.07
CA LEU B 133 23.13 2.46 5.31
C LEU B 133 22.95 3.54 6.35
N THR B 134 22.96 3.16 7.63
CA THR B 134 22.81 4.14 8.69
C THR B 134 23.89 3.84 9.69
N ALA B 135 24.81 2.99 9.29
CA ALA B 135 25.92 2.63 10.13
C ALA B 135 26.98 1.90 9.31
N PRO B 136 28.26 2.20 9.52
CA PRO B 136 29.34 1.55 8.80
C PRO B 136 29.07 0.07 8.76
N LEU B 137 29.73 -0.60 7.80
CA LEU B 137 29.66 -2.06 7.64
C LEU B 137 31.10 -2.52 7.43
N ARG B 138 31.38 -3.75 7.79
CA ARG B 138 32.71 -4.28 7.61
C ARG B 138 32.78 -4.88 6.20
N LEU B 139 33.96 -4.79 5.58
CA LEU B 139 34.15 -5.38 4.26
C LEU B 139 34.33 -6.89 4.45
N GLN B 140 33.21 -7.62 4.43
CA GLN B 140 33.22 -9.07 4.56
C GLN B 140 31.97 -9.68 3.97
N ALA B 141 32.15 -10.86 3.38
CA ALA B 141 31.03 -11.54 2.74
C ALA B 141 30.21 -12.34 3.72
N GLU B 142 29.02 -12.71 3.27
CA GLU B 142 28.02 -13.49 4.01
C GLU B 142 27.54 -12.87 5.34
N ILE B 143 28.50 -12.51 6.20
CA ILE B 143 28.22 -11.90 7.51
C ILE B 143 27.04 -10.95 7.46
N ALA B 144 25.86 -11.42 7.86
CA ALA B 144 24.69 -10.56 7.83
C ALA B 144 24.89 -9.43 8.83
N GLN B 145 25.33 -8.27 8.34
CA GLN B 145 25.57 -7.13 9.22
C GLN B 145 24.27 -6.37 9.59
N GLN B 146 24.31 -5.74 10.77
CA GLN B 146 23.14 -5.04 11.30
C GLN B 146 23.24 -3.55 11.34
N THR B 147 22.12 -2.91 11.08
CA THR B 147 22.08 -1.45 11.08
C THR B 147 20.78 -0.94 11.68
N PRO B 148 20.82 0.23 12.34
CA PRO B 148 19.67 0.85 12.96
C PRO B 148 18.40 0.84 12.12
N HIS B 149 18.53 0.70 10.81
CA HIS B 149 17.31 0.65 10.01
C HIS B 149 17.15 -0.57 9.14
N GLY B 150 18.09 -1.50 9.24
CA GLY B 150 17.97 -2.70 8.44
C GLY B 150 19.13 -3.67 8.55
N GLU B 151 18.97 -4.80 7.86
CA GLU B 151 19.97 -5.83 7.87
C GLU B 151 20.50 -5.83 6.47
N TYR B 152 21.79 -5.65 6.36
CA TYR B 152 22.33 -5.62 5.06
C TYR B 152 23.30 -6.76 5.03
N ARG B 153 23.30 -7.49 3.91
CA ARG B 153 24.26 -8.56 3.69
C ARG B 153 25.09 -8.05 2.51
N LEU B 154 26.40 -8.13 2.68
CA LEU B 154 27.30 -7.74 1.65
C LEU B 154 27.52 -9.08 0.89
N MET B 155 28.45 -9.12 -0.09
CA MET B 155 28.77 -10.34 -0.88
C MET B 155 30.09 -10.30 -1.65
N GLN B 156 30.30 -11.28 -2.53
CA GLN B 156 31.54 -11.32 -3.28
C GLN B 156 31.41 -11.24 -4.82
N GLU B 157 31.96 -12.23 -5.50
CA GLU B 157 31.95 -12.29 -6.96
C GLU B 157 33.09 -11.49 -7.56
N GLY B 158 34.27 -12.10 -7.62
CA GLY B 158 35.42 -11.45 -8.20
C GLY B 158 35.83 -10.25 -7.40
N SER B 159 36.45 -9.27 -8.06
CA SER B 159 36.93 -8.04 -7.43
C SER B 159 35.84 -7.08 -6.98
N THR B 160 34.62 -7.36 -7.42
CA THR B 160 33.49 -6.50 -7.09
C THR B 160 32.70 -6.98 -5.86
N TRP B 161 31.97 -6.08 -5.21
CA TRP B 161 31.18 -6.45 -4.05
C TRP B 161 29.77 -5.99 -4.25
N ILE B 162 28.79 -6.85 -3.98
CA ILE B 162 27.40 -6.44 -4.09
C ILE B 162 26.94 -6.06 -2.67
N LEU B 163 25.72 -5.57 -2.51
CA LEU B 163 25.18 -5.18 -1.20
C LEU B 163 23.68 -5.42 -1.25
N GLN B 164 23.05 -5.85 -0.15
CA GLN B 164 21.62 -6.07 -0.22
C GLN B 164 21.02 -5.78 1.12
N PHE B 165 19.70 -5.77 1.17
CA PHE B 165 19.00 -5.51 2.41
C PHE B 165 17.79 -6.47 2.44
N ARG B 166 17.33 -6.87 3.63
CA ARG B 166 16.19 -7.79 3.68
C ARG B 166 14.94 -7.12 3.18
N HIS B 167 14.51 -7.47 1.96
CA HIS B 167 13.31 -6.90 1.38
C HIS B 167 12.29 -8.04 1.43
N HIS B 168 11.03 -7.75 1.75
CA HIS B 168 9.99 -8.78 1.85
C HIS B 168 10.51 -9.87 2.77
N GLU B 169 11.52 -10.57 2.27
CA GLU B 169 12.19 -11.63 2.97
C GLU B 169 12.88 -12.49 1.91
N HIS B 170 13.88 -11.94 1.24
CA HIS B 170 14.63 -12.68 0.22
C HIS B 170 16.03 -12.17 -0.18
N TRP B 171 16.25 -10.87 0.00
CA TRP B 171 17.50 -10.18 -0.36
C TRP B 171 17.34 -9.64 -1.80
N GLN B 172 17.50 -8.32 -1.90
CA GLN B 172 17.37 -7.57 -3.14
C GLN B 172 18.62 -6.71 -3.27
N SER B 173 19.47 -7.13 -4.20
CA SER B 173 20.72 -6.48 -4.53
C SER B 173 20.45 -5.01 -4.79
N MET B 174 21.28 -4.16 -4.21
CA MET B 174 21.13 -2.71 -4.33
C MET B 174 22.06 -2.11 -5.36
N TYR B 175 23.31 -1.92 -4.95
CA TYR B 175 24.29 -1.39 -5.84
C TYR B 175 25.46 -2.33 -5.75
N CYS B 176 26.63 -1.97 -6.30
CA CYS B 176 27.85 -2.82 -6.25
C CYS B 176 29.02 -1.95 -6.59
N PHE B 177 30.23 -2.41 -6.32
CA PHE B 177 31.39 -1.57 -6.58
C PHE B 177 32.69 -2.31 -6.45
N ASP B 178 33.79 -1.58 -6.51
CA ASP B 178 35.11 -2.18 -6.40
C ASP B 178 35.95 -1.19 -5.66
N LEU B 179 37.13 -1.60 -5.21
CA LEU B 179 37.94 -0.68 -4.46
C LEU B 179 38.81 0.25 -5.27
N GLY B 180 38.46 0.43 -6.53
CA GLY B 180 39.27 1.32 -7.35
C GLY B 180 39.21 2.78 -6.97
N VAL B 181 40.36 3.44 -7.04
CA VAL B 181 40.44 4.86 -6.73
C VAL B 181 39.50 5.70 -7.63
N GLN B 182 39.02 6.83 -7.14
CA GLN B 182 38.18 7.67 -7.97
C GLN B 182 38.75 9.04 -7.85
N GLN B 183 38.41 9.95 -8.75
CA GLN B 183 38.92 11.32 -8.70
C GLN B 183 37.73 12.26 -8.67
N GLN B 184 37.93 13.50 -8.21
CA GLN B 184 36.81 14.45 -8.19
C GLN B 184 36.01 14.45 -9.50
N SER B 185 36.73 14.57 -10.60
CA SER B 185 36.10 14.57 -11.91
C SER B 185 35.22 13.32 -12.05
N ASP B 186 35.69 12.18 -11.57
CA ASP B 186 34.87 11.01 -11.71
C ASP B 186 33.53 11.18 -11.08
N HIS B 187 33.46 12.07 -10.08
CA HIS B 187 32.19 12.30 -9.43
C HIS B 187 31.47 13.39 -10.18
N VAL B 188 32.21 14.30 -10.76
CA VAL B 188 31.54 15.32 -11.50
C VAL B 188 30.83 14.65 -12.66
N MET B 189 31.48 13.69 -13.30
CA MET B 189 30.87 13.01 -14.42
C MET B 189 29.68 12.25 -13.92
N GLY B 190 29.83 11.60 -12.78
CA GLY B 190 28.73 10.86 -12.20
C GLY B 190 27.54 11.79 -11.95
N ASN B 191 27.82 12.98 -11.43
CA ASN B 191 26.73 13.88 -11.16
C ASN B 191 26.12 14.35 -12.49
N PHE B 192 26.99 14.55 -13.49
CA PHE B 192 26.50 15.00 -14.79
C PHE B 192 25.50 14.04 -15.36
N TRP B 193 25.87 12.77 -15.32
CA TRP B 193 25.02 11.72 -15.81
C TRP B 193 23.71 11.83 -15.10
N SER B 194 23.73 11.58 -13.80
CA SER B 194 22.55 11.57 -12.96
C SER B 194 21.62 12.72 -13.09
N ALA B 195 22.17 13.90 -13.30
CA ALA B 195 21.33 15.08 -13.36
C ALA B 195 20.87 15.48 -14.73
N HIS B 196 21.57 14.99 -15.75
CA HIS B 196 21.25 15.34 -17.13
C HIS B 196 20.87 14.23 -18.15
N TRP B 197 21.33 13.00 -17.94
CA TRP B 197 20.96 11.96 -18.88
C TRP B 197 19.46 11.86 -18.86
N PRO B 198 18.80 12.23 -19.95
CA PRO B 198 17.33 12.18 -20.06
C PRO B 198 16.54 11.04 -19.33
N GLN B 199 17.01 9.80 -19.41
CA GLN B 199 16.32 8.69 -18.79
C GLN B 199 16.66 8.53 -17.29
N SER B 200 17.50 9.39 -16.72
CA SER B 200 17.84 9.29 -15.29
C SER B 200 16.58 9.50 -14.45
N HIS B 201 16.25 8.58 -13.55
CA HIS B 201 14.99 8.78 -12.85
C HIS B 201 14.94 10.08 -12.05
N PHE B 202 16.11 10.51 -11.56
CA PHE B 202 16.14 11.75 -10.82
C PHE B 202 15.58 12.97 -11.56
N ARG B 203 15.31 12.87 -12.85
CA ARG B 203 14.77 14.04 -13.51
C ARG B 203 13.29 13.89 -13.64
N HIS B 204 12.75 12.79 -13.13
CA HIS B 204 11.32 12.62 -13.30
C HIS B 204 10.41 12.67 -12.09
N HIS B 205 10.97 13.00 -10.92
CA HIS B 205 10.19 13.10 -9.71
C HIS B 205 11.01 13.60 -8.54
N LEU B 206 10.34 14.35 -7.67
CA LEU B 206 10.96 14.88 -6.48
C LEU B 206 11.23 13.76 -5.49
N LEU B 207 12.44 13.73 -4.96
CA LEU B 207 12.78 12.70 -3.99
C LEU B 207 13.38 13.20 -2.68
N MET B 208 12.72 12.94 -1.58
CA MET B 208 13.30 13.38 -0.34
C MET B 208 13.22 12.25 0.68
N CYS B 209 14.22 12.18 1.53
CA CYS B 209 14.25 11.14 2.53
C CYS B 209 15.12 11.54 3.69
N ARG B 210 14.58 11.46 4.88
CA ARG B 210 15.34 11.83 6.04
C ARG B 210 15.23 10.74 7.05
N HIS B 211 16.25 10.56 7.87
CA HIS B 211 16.19 9.53 8.90
C HIS B 211 15.89 10.04 10.32
N LEU B 212 15.23 9.18 11.10
CA LEU B 212 14.87 9.45 12.49
C LEU B 212 15.56 8.47 13.43
N PRO B 213 15.76 8.88 14.69
CA PRO B 213 16.42 8.12 15.76
C PRO B 213 16.04 6.63 15.93
N ASP B 214 14.78 6.35 16.22
CA ASP B 214 14.40 4.96 16.42
C ASP B 214 13.88 4.23 15.20
N GLY B 215 14.82 3.77 14.37
CA GLY B 215 14.47 3.01 13.17
C GLY B 215 13.38 3.62 12.31
N GLY B 216 13.12 4.91 12.50
CA GLY B 216 12.11 5.57 11.71
C GLY B 216 12.70 6.44 10.62
N LYS B 217 11.91 6.73 9.59
CA LYS B 217 12.39 7.57 8.50
C LYS B 217 11.23 8.18 7.79
N LEU B 218 11.51 9.26 7.09
CA LEU B 218 10.49 9.96 6.33
C LEU B 218 10.79 9.72 4.85
N THR B 219 9.75 9.86 4.04
CA THR B 219 9.86 9.58 2.62
C THR B 219 8.93 10.35 1.73
N LEU B 220 9.49 11.23 0.90
CA LEU B 220 8.65 11.98 -0.01
C LEU B 220 9.00 11.54 -1.44
N THR B 221 7.96 11.42 -2.28
CA THR B 221 8.08 11.03 -3.68
C THR B 221 6.98 11.84 -4.29
N ASN B 222 7.31 13.04 -4.73
CA ASN B 222 6.31 13.93 -5.28
C ASN B 222 5.36 14.29 -4.17
N PHE B 223 4.09 13.96 -4.29
CA PHE B 223 3.23 14.36 -3.20
C PHE B 223 2.98 13.21 -2.18
N HIS B 224 3.58 12.05 -2.43
CA HIS B 224 3.38 10.92 -1.55
C HIS B 224 4.37 10.93 -0.40
N PHE B 225 3.88 11.35 0.78
CA PHE B 225 4.67 11.43 2.01
C PHE B 225 4.41 10.17 2.78
N THR B 226 5.43 9.68 3.48
CA THR B 226 5.30 8.45 4.25
C THR B 226 6.20 8.45 5.47
N ARG B 227 5.67 8.01 6.62
CA ARG B 227 6.48 7.95 7.85
C ARG B 227 6.72 6.48 8.20
N TYR B 228 7.90 6.13 8.71
CA TYR B 228 8.17 4.74 9.03
C TYR B 228 8.68 4.62 10.42
N HIS B 229 8.29 3.54 11.11
CA HIS B 229 8.81 3.26 12.45
C HIS B 229 9.30 1.84 12.50
N GLN B 230 10.49 1.67 13.06
CA GLN B 230 11.11 0.36 13.12
C GLN B 230 10.89 -0.36 11.80
N GLY B 231 11.08 0.37 10.70
CA GLY B 231 10.93 -0.22 9.39
C GLY B 231 9.50 -0.55 8.97
N HIS B 232 8.53 0.20 9.47
CA HIS B 232 7.14 -0.06 9.09
C HIS B 232 6.41 1.20 8.65
N ALA B 233 5.55 1.05 7.68
CA ALA B 233 4.81 2.16 7.15
C ALA B 233 3.71 2.63 8.07
N VAL B 234 4.03 3.53 8.97
CA VAL B 234 3.04 4.08 9.87
C VAL B 234 2.62 5.40 9.30
N GLU B 235 1.38 5.55 8.83
CA GLU B 235 0.95 6.84 8.24
C GLU B 235 1.54 7.14 6.84
N GLN B 236 0.65 7.47 5.91
CA GLN B 236 0.99 7.79 4.54
C GLN B 236 0.09 8.90 4.06
N VAL B 237 0.59 10.12 4.07
CA VAL B 237 -0.21 11.24 3.64
C VAL B 237 0.10 11.62 2.22
N ASN B 238 -0.95 12.01 1.53
CA ASN B 238 -0.78 12.43 0.17
C ASN B 238 -1.02 13.94 0.09
N VAL B 239 0.04 14.69 0.28
CA VAL B 239 -0.05 16.12 0.28
C VAL B 239 -0.93 16.60 -0.88
N PRO B 240 -1.90 17.45 -0.58
CA PRO B 240 -2.85 17.98 -1.56
C PRO B 240 -2.49 19.20 -2.41
N ASP B 241 -1.39 19.90 -2.13
CA ASP B 241 -1.06 21.09 -2.89
C ASP B 241 0.37 21.55 -2.69
N VAL B 242 0.84 22.32 -3.65
CA VAL B 242 2.19 22.84 -3.59
C VAL B 242 2.51 23.56 -2.26
N PRO B 243 1.66 24.53 -1.87
CA PRO B 243 1.87 25.28 -0.64
C PRO B 243 2.07 24.35 0.52
N SER B 244 1.13 23.45 0.63
CA SER B 244 1.16 22.49 1.68
C SER B 244 2.49 21.68 1.67
N LEU B 245 2.95 21.32 0.48
CA LEU B 245 4.20 20.58 0.34
C LEU B 245 5.39 21.48 0.71
N TYR B 246 5.35 22.72 0.24
CA TYR B 246 6.41 23.65 0.55
C TYR B 246 6.58 23.62 2.06
N GLN B 247 5.48 23.62 2.80
CA GLN B 247 5.53 23.61 4.25
C GLN B 247 6.13 22.30 4.73
N LEU B 248 5.58 21.18 4.25
CA LEU B 248 6.08 19.85 4.63
C LEU B 248 7.62 19.72 4.46
N LEU B 249 8.20 20.39 3.47
CA LEU B 249 9.61 20.29 3.24
C LEU B 249 10.38 20.92 4.38
N GLN B 250 9.85 21.99 4.92
CA GLN B 250 10.55 22.69 5.98
C GLN B 250 10.29 22.04 7.33
N GLN B 251 9.04 21.62 7.56
CA GLN B 251 8.67 20.95 8.82
C GLN B 251 9.33 19.59 8.97
N GLN B 252 8.80 18.61 8.25
CA GLN B 252 9.34 17.26 8.31
C GLN B 252 10.82 16.99 7.93
N PHE B 253 11.32 17.64 6.89
CA PHE B 253 12.69 17.35 6.50
C PHE B 253 13.68 18.40 6.90
N GLY B 254 13.13 19.53 7.34
CA GLY B 254 13.94 20.64 7.78
C GLY B 254 14.83 21.17 6.71
N LEU B 255 14.17 21.51 5.61
CA LEU B 255 14.84 22.05 4.45
C LEU B 255 14.96 23.57 4.57
N GLY B 256 16.16 24.08 4.35
CA GLY B 256 16.37 25.50 4.43
C GLY B 256 15.83 26.19 3.20
N VAL B 257 14.52 26.39 3.16
CA VAL B 257 13.89 27.04 2.02
C VAL B 257 14.34 28.48 1.71
N ASN B 258 15.12 29.11 2.59
CA ASN B 258 15.58 30.46 2.28
C ASN B 258 17.09 30.38 2.29
N ASP B 259 17.71 31.39 1.75
CA ASP B 259 19.15 31.44 1.70
C ASP B 259 19.46 32.19 0.44
N VAL B 260 20.20 33.26 0.61
CA VAL B 260 20.56 34.08 -0.51
C VAL B 260 20.83 33.24 -1.74
N LYS B 261 21.66 32.20 -1.57
CA LYS B 261 22.07 31.32 -2.65
C LYS B 261 21.14 30.15 -2.92
N HIS B 262 21.31 29.08 -2.15
CA HIS B 262 20.52 27.88 -2.38
C HIS B 262 19.05 27.76 -2.04
N GLY B 263 18.47 28.90 -1.69
CA GLY B 263 17.06 28.87 -1.39
C GLY B 263 16.26 28.78 -2.66
N PHE B 264 14.95 28.69 -2.47
CA PHE B 264 14.03 28.58 -3.58
C PHE B 264 12.63 28.92 -3.17
N THR B 265 11.98 29.76 -3.98
CA THR B 265 10.65 30.24 -3.67
C THR B 265 9.68 29.11 -3.71
N GLU B 266 8.45 29.36 -3.29
CA GLU B 266 7.46 28.31 -3.31
C GLU B 266 6.91 28.23 -4.73
N ALA B 267 6.94 29.35 -5.44
CA ALA B 267 6.43 29.34 -6.81
C ALA B 267 7.35 28.50 -7.65
N GLU B 268 8.61 28.39 -7.26
CA GLU B 268 9.55 27.60 -8.03
C GLU B 268 9.22 26.14 -7.85
N LEU B 269 8.83 25.79 -6.63
CA LEU B 269 8.49 24.39 -6.35
C LEU B 269 7.26 24.05 -7.13
N ALA B 270 6.39 25.03 -7.35
CA ALA B 270 5.17 24.76 -8.09
C ALA B 270 5.49 24.40 -9.52
N ALA B 271 6.38 25.16 -10.16
CA ALA B 271 6.74 24.92 -11.53
C ALA B 271 7.36 23.57 -11.61
N VAL B 272 8.09 23.17 -10.60
CA VAL B 272 8.72 21.86 -10.63
C VAL B 272 7.71 20.76 -10.57
N MET B 273 6.74 20.87 -9.68
CA MET B 273 5.74 19.82 -9.59
C MET B 273 4.77 19.92 -10.74
N ALA B 274 4.72 21.05 -11.39
CA ALA B 274 3.77 21.19 -12.46
C ALA B 274 4.12 20.27 -13.63
N ALA B 275 5.42 19.98 -13.78
CA ALA B 275 5.90 19.14 -14.88
C ALA B 275 5.29 17.77 -14.81
N PHE B 276 4.79 17.37 -13.65
CA PHE B 276 4.22 16.07 -13.54
C PHE B 276 2.71 16.18 -13.37
N HIS C 3 39.34 -17.06 -41.12
CA HIS C 3 37.87 -16.90 -41.00
C HIS C 3 37.39 -15.44 -41.23
N MET C 4 36.11 -15.29 -41.57
CA MET C 4 35.53 -13.96 -41.82
C MET C 4 34.02 -13.79 -41.62
N THR C 5 33.67 -13.12 -40.51
CA THR C 5 32.28 -12.85 -40.12
C THR C 5 31.65 -11.77 -41.02
N SER C 6 30.32 -11.71 -41.01
CA SER C 6 29.60 -10.73 -41.84
C SER C 6 30.12 -9.31 -41.66
N PHE C 7 30.40 -8.94 -40.41
CA PHE C 7 30.91 -7.62 -40.07
C PHE C 7 32.30 -7.48 -40.64
N LEU C 8 33.20 -8.28 -40.11
CA LEU C 8 34.59 -8.31 -40.52
C LEU C 8 34.67 -8.09 -42.02
N HIS C 9 33.66 -8.55 -42.74
CA HIS C 9 33.63 -8.38 -44.18
C HIS C 9 33.66 -6.90 -44.57
N ALA C 10 32.54 -6.19 -44.37
CA ALA C 10 32.47 -4.77 -44.71
C ALA C 10 33.52 -3.94 -43.99
N TYR C 11 34.14 -4.51 -42.95
CA TYR C 11 35.19 -3.78 -42.25
C TYR C 11 36.36 -3.65 -43.21
N PHE C 12 36.88 -4.80 -43.62
CA PHE C 12 37.98 -4.88 -44.59
C PHE C 12 37.62 -4.09 -45.85
N THR C 13 36.38 -4.25 -46.28
CA THR C 13 35.89 -3.53 -47.44
C THR C 13 36.08 -2.03 -47.21
N ARG C 14 35.72 -1.51 -46.03
CA ARG C 14 35.88 -0.06 -45.85
C ARG C 14 37.32 0.32 -45.71
N LEU C 15 38.12 -0.57 -45.16
CA LEU C 15 39.52 -0.29 -44.99
C LEU C 15 40.33 -0.45 -46.29
N HIS C 16 39.65 -0.73 -47.41
CA HIS C 16 40.33 -0.92 -48.71
C HIS C 16 41.51 -1.79 -48.39
N CYS C 17 41.25 -2.88 -47.69
CA CYS C 17 42.29 -3.80 -47.28
C CYS C 17 41.96 -5.29 -47.45
N GLN C 18 42.98 -6.13 -47.51
CA GLN C 18 42.77 -7.55 -47.73
C GLN C 18 42.57 -8.30 -46.44
N PRO C 19 41.60 -9.24 -46.43
CA PRO C 19 41.31 -10.05 -45.26
C PRO C 19 42.55 -10.56 -44.51
N LEU C 20 42.36 -10.76 -43.21
CA LEU C 20 43.40 -11.26 -42.35
C LEU C 20 42.68 -12.20 -41.37
N GLY C 21 43.23 -13.39 -41.17
CA GLY C 21 42.60 -14.33 -40.27
C GLY C 21 43.48 -14.70 -39.10
N VAL C 22 44.76 -14.35 -39.15
CA VAL C 22 45.67 -14.70 -38.06
C VAL C 22 46.10 -13.51 -37.22
N PRO C 23 45.66 -13.47 -35.97
CA PRO C 23 45.94 -12.41 -35.00
C PRO C 23 47.39 -12.30 -34.55
N THR C 24 48.17 -11.45 -35.21
CA THR C 24 49.57 -11.30 -34.89
C THR C 24 49.95 -9.84 -34.82
N VAL C 25 51.09 -9.54 -34.22
CA VAL C 25 51.49 -8.16 -34.12
C VAL C 25 51.49 -7.51 -35.47
N GLU C 26 51.88 -8.24 -36.51
CA GLU C 26 51.91 -7.63 -37.84
C GLU C 26 50.52 -7.29 -38.34
N ALA C 27 49.57 -8.19 -38.09
CA ALA C 27 48.18 -7.96 -38.50
C ALA C 27 47.68 -6.70 -37.82
N LEU C 28 48.01 -6.55 -36.55
CA LEU C 28 47.59 -5.39 -35.81
C LEU C 28 48.27 -4.18 -36.46
N ARG C 29 49.58 -4.27 -36.62
CA ARG C 29 50.33 -3.17 -37.19
C ARG C 29 49.63 -2.52 -38.37
N THR C 30 49.16 -3.35 -39.31
CA THR C 30 48.53 -2.83 -40.52
C THR C 30 47.09 -2.38 -40.38
N LEU C 31 46.26 -3.21 -39.76
CA LEU C 31 44.86 -2.88 -39.57
C LEU C 31 44.77 -1.49 -38.94
N HIS C 32 45.66 -1.24 -37.99
CA HIS C 32 45.70 0.03 -37.28
C HIS C 32 45.86 1.17 -38.29
N LEU C 33 46.94 1.14 -39.06
CA LEU C 33 47.18 2.16 -40.07
C LEU C 33 46.04 2.17 -41.08
N ALA C 34 45.55 0.98 -41.43
CA ALA C 34 44.44 0.89 -42.35
C ALA C 34 43.32 1.76 -41.86
N HIS C 35 42.88 1.43 -40.65
CA HIS C 35 41.79 2.13 -39.98
C HIS C 35 42.00 3.63 -39.96
N ASN C 36 43.20 3.98 -39.53
CA ASN C 36 43.63 5.36 -39.43
C ASN C 36 43.56 6.13 -40.69
N CYS C 37 43.51 5.44 -41.81
CA CYS C 37 43.45 6.17 -43.06
C CYS C 37 42.08 6.13 -43.68
N ALA C 38 41.32 5.10 -43.34
CA ALA C 38 40.02 4.97 -43.93
C ALA C 38 38.90 5.69 -43.19
N ILE C 39 38.73 5.37 -41.91
CA ILE C 39 37.66 5.95 -41.11
C ILE C 39 38.08 7.19 -40.38
N PRO C 40 37.69 8.35 -40.87
CA PRO C 40 38.06 9.61 -40.22
C PRO C 40 37.57 9.92 -38.81
N PHE C 41 38.28 10.85 -38.17
CA PHE C 41 37.98 11.29 -36.81
C PHE C 41 37.04 12.46 -37.04
N GLU C 42 35.84 12.36 -36.53
CA GLU C 42 34.93 13.45 -36.76
C GLU C 42 34.03 13.57 -35.55
N ASN C 43 33.51 14.77 -35.30
CA ASN C 43 32.64 15.04 -34.16
C ASN C 43 31.41 15.77 -34.70
N LEU C 44 31.06 15.47 -35.94
CA LEU C 44 29.94 16.18 -36.48
C LEU C 44 28.56 15.89 -35.89
N ASP C 45 28.34 14.68 -35.36
CA ASP C 45 27.02 14.38 -34.76
C ASP C 45 26.85 15.13 -33.44
N VAL C 46 27.97 15.63 -32.89
CA VAL C 46 27.90 16.37 -31.65
C VAL C 46 27.44 17.75 -31.92
N LEU C 47 27.90 18.36 -33.01
CA LEU C 47 27.52 19.74 -33.31
C LEU C 47 26.14 19.89 -33.86
N LEU C 48 25.79 19.10 -34.87
CA LEU C 48 24.40 19.17 -35.40
C LEU C 48 23.95 18.24 -34.31
N PRO C 49 23.04 18.75 -33.49
CA PRO C 49 22.60 17.89 -32.40
C PRO C 49 22.14 16.54 -32.95
N ARG C 50 22.68 15.43 -32.47
CA ARG C 50 22.25 14.11 -32.97
C ARG C 50 22.91 13.03 -32.12
N GLU C 51 22.14 12.31 -31.35
CA GLU C 51 22.70 11.31 -30.44
C GLU C 51 23.63 10.26 -30.99
N ILE C 52 24.66 9.92 -30.24
CA ILE C 52 25.66 8.95 -30.67
C ILE C 52 25.46 7.57 -30.04
N GLN C 53 24.91 6.59 -30.76
CA GLN C 53 24.74 5.26 -30.15
C GLN C 53 26.08 4.61 -30.18
N LEU C 54 26.32 3.68 -29.27
CA LEU C 54 27.59 2.99 -29.25
C LEU C 54 27.48 1.49 -29.33
N ASP C 55 26.31 0.95 -29.70
CA ASP C 55 26.11 -0.50 -29.79
C ASP C 55 26.61 -0.98 -31.13
N GLU C 56 27.31 -2.10 -31.15
CA GLU C 56 27.82 -2.56 -32.43
C GLU C 56 26.62 -2.78 -33.27
N THR C 57 26.40 -1.89 -34.22
CA THR C 57 25.26 -1.99 -35.15
C THR C 57 25.05 -0.55 -35.51
N ALA C 58 24.98 0.27 -34.50
CA ALA C 58 24.86 1.65 -34.84
C ALA C 58 26.26 1.94 -35.31
N LEU C 59 27.26 1.45 -34.59
CA LEU C 59 28.63 1.71 -34.99
C LEU C 59 28.87 1.22 -36.39
N GLU C 60 28.37 0.02 -36.68
CA GLU C 60 28.52 -0.58 -38.00
C GLU C 60 27.87 0.30 -39.06
N GLU C 61 26.63 0.65 -38.85
CA GLU C 61 25.94 1.46 -39.81
C GLU C 61 26.49 2.85 -39.99
N LYS C 62 27.19 3.37 -39.00
CA LYS C 62 27.67 4.74 -39.10
C LYS C 62 29.03 4.80 -39.64
N LEU C 63 29.93 4.03 -39.07
CA LEU C 63 31.30 4.06 -39.53
C LEU C 63 31.61 3.30 -40.84
N LEU C 64 30.92 2.18 -41.07
CA LEU C 64 31.10 1.39 -42.28
C LEU C 64 30.09 1.76 -43.37
N TYR C 65 28.84 1.33 -43.25
CA TYR C 65 27.88 1.67 -44.29
C TYR C 65 27.68 3.10 -44.68
N ALA C 66 27.62 4.03 -43.74
CA ALA C 66 27.37 5.40 -44.16
C ALA C 66 28.62 6.13 -44.50
N ARG C 67 29.76 5.45 -44.35
CA ARG C 67 31.07 6.03 -44.61
C ARG C 67 31.29 7.31 -43.78
N ARG C 68 30.95 7.28 -42.49
CA ARG C 68 31.13 8.44 -41.60
C ARG C 68 32.19 8.23 -40.56
N GLY C 69 32.46 9.28 -39.81
CA GLY C 69 33.49 9.20 -38.81
C GLY C 69 32.93 9.28 -37.42
N GLY C 70 33.83 9.31 -36.44
CA GLY C 70 33.43 9.40 -35.04
C GLY C 70 34.65 9.77 -34.24
N TYR C 71 34.58 9.53 -32.93
CA TYR C 71 35.71 9.82 -32.06
C TYR C 71 36.00 8.70 -31.08
N CYS C 72 36.84 8.94 -30.07
CA CYS C 72 37.18 7.90 -29.06
C CYS C 72 36.24 6.72 -29.14
N PHE C 73 35.10 6.87 -28.48
CA PHE C 73 34.09 5.83 -28.37
C PHE C 73 33.66 5.10 -29.60
N GLU C 74 33.28 5.82 -30.64
CA GLU C 74 32.90 5.16 -31.86
C GLU C 74 34.08 4.47 -32.56
N LEU C 75 35.13 5.20 -32.92
CA LEU C 75 36.25 4.59 -33.59
C LEU C 75 36.81 3.37 -32.91
N ASN C 76 37.34 3.48 -31.70
CA ASN C 76 37.89 2.29 -31.05
C ASN C 76 36.85 1.21 -30.83
N GLY C 77 35.59 1.61 -30.72
CA GLY C 77 34.48 0.67 -30.50
C GLY C 77 34.34 -0.31 -31.65
N LEU C 78 34.46 0.24 -32.86
CA LEU C 78 34.40 -0.49 -34.11
C LEU C 78 35.68 -1.26 -34.25
N PHE C 79 36.80 -0.60 -34.00
CA PHE C 79 38.09 -1.26 -34.12
C PHE C 79 38.09 -2.43 -33.15
N GLU C 80 37.62 -2.23 -31.93
CA GLU C 80 37.64 -3.32 -30.97
C GLU C 80 36.92 -4.54 -31.54
N ARG C 81 35.72 -4.33 -32.08
CA ARG C 81 34.97 -5.45 -32.64
C ARG C 81 35.75 -6.19 -33.69
N ALA C 82 36.30 -5.44 -34.63
CA ALA C 82 37.11 -6.04 -35.67
C ALA C 82 38.21 -6.95 -35.03
N LEU C 83 39.16 -6.36 -34.32
CA LEU C 83 40.22 -7.13 -33.69
C LEU C 83 39.68 -8.37 -32.99
N ARG C 84 38.50 -8.26 -32.37
CA ARG C 84 37.90 -9.41 -31.68
C ARG C 84 37.49 -10.50 -32.65
N ASP C 85 36.72 -10.14 -33.67
CA ASP C 85 36.27 -11.08 -34.68
C ASP C 85 37.45 -11.71 -35.43
N ILE C 86 38.57 -11.00 -35.51
CA ILE C 86 39.76 -11.53 -36.17
C ILE C 86 40.46 -12.51 -35.26
N GLY C 87 40.04 -12.54 -33.99
CA GLY C 87 40.65 -13.49 -33.06
C GLY C 87 41.57 -12.93 -32.01
N PHE C 88 41.85 -11.63 -32.04
CA PHE C 88 42.76 -11.07 -31.04
C PHE C 88 42.11 -11.13 -29.66
N ASN C 89 42.88 -10.72 -28.66
CA ASN C 89 42.42 -10.63 -27.29
C ASN C 89 42.37 -9.14 -26.91
N VAL C 90 41.16 -8.57 -26.95
CA VAL C 90 40.98 -7.16 -26.64
C VAL C 90 39.85 -6.79 -25.69
N ARG C 91 40.01 -5.59 -25.12
CA ARG C 91 39.07 -4.98 -24.21
C ARG C 91 39.40 -3.49 -24.22
N SER C 92 38.41 -2.64 -24.01
CA SER C 92 38.68 -1.20 -24.00
C SER C 92 39.25 -0.73 -22.64
N LEU C 93 39.80 0.48 -22.59
CA LEU C 93 40.29 1.08 -21.35
C LEU C 93 39.85 2.56 -21.36
N LEU C 94 39.71 3.19 -20.22
CA LEU C 94 39.35 4.59 -20.26
C LEU C 94 40.53 5.36 -19.67
N GLY C 95 40.83 6.52 -20.22
CA GLY C 95 41.98 7.26 -19.72
C GLY C 95 41.63 8.72 -19.62
N ARG C 96 42.57 9.51 -19.12
CA ARG C 96 42.26 10.89 -18.92
C ARG C 96 43.07 11.77 -19.80
N VAL C 97 42.39 12.63 -20.53
CA VAL C 97 43.07 13.52 -21.44
C VAL C 97 43.75 14.63 -20.65
N ILE C 98 45.07 14.61 -20.64
CA ILE C 98 45.81 15.63 -19.91
C ILE C 98 46.59 16.60 -20.78
N LEU C 99 46.37 16.56 -22.09
CA LEU C 99 47.07 17.46 -23.01
C LEU C 99 47.16 18.90 -22.52
N SER C 100 46.00 19.53 -22.33
CA SER C 100 45.95 20.92 -21.91
C SER C 100 46.70 21.16 -20.62
N HIS C 101 47.20 20.09 -20.02
CA HIS C 101 47.95 20.20 -18.77
C HIS C 101 47.03 20.86 -17.72
N PRO C 102 45.92 20.18 -17.38
CA PRO C 102 44.93 20.65 -16.39
C PRO C 102 45.42 20.66 -14.98
N ALA C 103 44.80 21.55 -14.19
CA ALA C 103 45.10 21.74 -12.78
C ALA C 103 44.83 20.44 -12.01
N SER C 104 43.70 19.81 -12.30
CA SER C 104 43.34 18.57 -11.63
C SER C 104 42.89 17.53 -12.66
N LEU C 105 43.22 16.26 -12.41
CA LEU C 105 42.83 15.20 -13.30
C LEU C 105 41.38 15.28 -13.77
N PRO C 106 41.18 15.15 -15.09
CA PRO C 106 39.86 15.21 -15.73
C PRO C 106 39.32 13.83 -15.68
N PRO C 107 38.04 13.69 -16.03
CA PRO C 107 37.38 12.38 -16.01
C PRO C 107 37.86 11.46 -17.11
N ARG C 108 37.35 10.23 -17.14
CA ARG C 108 37.71 9.24 -18.16
C ARG C 108 36.97 9.49 -19.47
N THR C 109 37.45 10.45 -20.24
CA THR C 109 36.90 10.90 -21.50
C THR C 109 37.36 10.05 -22.69
N HIS C 110 38.53 9.47 -22.59
CA HIS C 110 39.10 8.74 -23.70
C HIS C 110 39.13 7.24 -23.65
N ARG C 111 38.68 6.61 -24.73
CA ARG C 111 38.67 5.15 -24.79
C ARG C 111 39.90 4.75 -25.56
N LEU C 112 40.35 3.52 -25.37
CA LEU C 112 41.51 3.05 -26.10
C LEU C 112 41.52 1.54 -25.96
N LEU C 113 42.34 0.84 -26.72
CA LEU C 113 42.32 -0.60 -26.66
C LEU C 113 43.55 -1.21 -26.05
N LEU C 114 43.36 -2.38 -25.42
CA LEU C 114 44.45 -3.12 -24.82
C LEU C 114 44.39 -4.45 -25.54
N VAL C 115 45.51 -4.80 -26.17
CA VAL C 115 45.59 -6.04 -26.94
C VAL C 115 46.71 -6.97 -26.50
N ASP C 116 46.35 -8.23 -26.31
CA ASP C 116 47.32 -9.24 -25.90
C ASP C 116 47.70 -10.08 -27.10
N VAL C 117 48.87 -9.75 -27.65
CA VAL C 117 49.39 -10.44 -28.81
C VAL C 117 50.76 -11.00 -28.50
N GLU C 118 50.92 -12.27 -28.84
CA GLU C 118 52.17 -12.99 -28.62
C GLU C 118 52.78 -12.68 -27.26
N ASP C 119 52.08 -13.15 -26.23
CA ASP C 119 52.47 -13.04 -24.84
C ASP C 119 52.83 -11.65 -24.32
N GLU C 120 52.57 -10.62 -25.11
CA GLU C 120 52.88 -9.26 -24.66
C GLU C 120 51.60 -8.45 -24.65
N GLN C 121 51.69 -7.25 -24.10
CA GLN C 121 50.53 -6.39 -24.05
C GLN C 121 50.78 -5.10 -24.82
N TRP C 122 49.90 -4.83 -25.76
CA TRP C 122 50.01 -3.64 -26.56
C TRP C 122 48.76 -2.79 -26.41
N ILE C 123 48.89 -1.51 -26.72
CA ILE C 123 47.75 -0.61 -26.68
C ILE C 123 47.53 0.02 -28.06
N ALA C 124 46.38 -0.27 -28.64
CA ALA C 124 46.02 0.28 -29.94
C ALA C 124 44.99 1.36 -29.69
N ASP C 125 45.06 2.45 -30.46
CA ASP C 125 44.12 3.52 -30.28
C ASP C 125 44.01 4.33 -31.54
N VAL C 126 42.84 4.31 -32.13
CA VAL C 126 42.66 5.05 -33.36
C VAL C 126 41.74 6.20 -33.16
N GLY C 127 41.26 6.38 -31.93
CA GLY C 127 40.29 7.42 -31.72
C GLY C 127 40.72 8.73 -31.10
N PHE C 128 42.02 8.91 -30.95
CA PHE C 128 42.47 10.12 -30.30
C PHE C 128 42.52 11.39 -31.12
N GLY C 129 42.20 11.30 -32.41
CA GLY C 129 42.20 12.49 -33.24
C GLY C 129 43.56 12.88 -33.79
N GLY C 130 43.82 14.17 -33.78
CA GLY C 130 45.09 14.67 -34.27
C GLY C 130 46.32 13.82 -34.05
N GLN C 131 46.68 13.57 -32.80
CA GLN C 131 47.89 12.80 -32.53
C GLN C 131 47.69 11.33 -32.20
N THR C 132 46.60 10.72 -32.61
CA THR C 132 46.40 9.30 -32.29
C THR C 132 47.55 8.49 -32.73
N LEU C 133 47.65 7.32 -32.13
CA LEU C 133 48.72 6.40 -32.52
C LEU C 133 48.36 5.92 -33.92
N THR C 134 49.31 5.34 -34.63
CA THR C 134 48.96 4.84 -35.92
C THR C 134 49.53 3.45 -36.00
N ALA C 135 49.89 2.94 -34.83
CA ALA C 135 50.47 1.62 -34.72
C ALA C 135 50.48 1.20 -33.28
N PRO C 136 50.26 -0.09 -33.00
CA PRO C 136 50.27 -0.58 -31.62
C PRO C 136 51.53 -0.13 -30.95
N LEU C 137 51.53 -0.11 -29.62
CA LEU C 137 52.73 0.22 -28.84
C LEU C 137 52.82 -0.87 -27.78
N ARG C 138 54.02 -1.13 -27.27
CA ARG C 138 54.19 -2.15 -26.24
C ARG C 138 53.99 -1.48 -24.88
N LEU C 139 53.43 -2.21 -23.93
CA LEU C 139 53.26 -1.62 -22.60
C LEU C 139 54.61 -1.69 -21.89
N GLN C 140 55.40 -0.61 -21.99
CA GLN C 140 56.71 -0.55 -21.33
C GLN C 140 57.11 0.89 -21.20
N ALA C 141 57.81 1.20 -20.11
CA ALA C 141 58.23 2.57 -19.87
C ALA C 141 59.54 2.93 -20.58
N GLU C 142 59.80 4.24 -20.66
CA GLU C 142 61.00 4.84 -21.27
C GLU C 142 61.17 4.54 -22.75
N ILE C 143 61.13 3.24 -23.09
CA ILE C 143 61.28 2.78 -24.46
C ILE C 143 60.62 3.71 -25.47
N ALA C 144 61.42 4.58 -26.09
CA ALA C 144 60.86 5.50 -27.07
C ALA C 144 60.37 4.69 -28.28
N GLN C 145 59.07 4.38 -28.32
CA GLN C 145 58.50 3.60 -29.41
C GLN C 145 58.21 4.44 -30.66
N GLN C 146 58.30 3.77 -31.81
CA GLN C 146 58.12 4.42 -33.10
C GLN C 146 56.81 4.13 -33.84
N THR C 147 56.28 5.17 -34.48
CA THR C 147 55.05 5.03 -35.22
C THR C 147 55.10 5.81 -36.52
N PRO C 148 54.45 5.28 -37.59
CA PRO C 148 54.39 5.89 -38.90
C PRO C 148 54.20 7.40 -38.88
N HIS C 149 53.62 7.94 -37.80
CA HIS C 149 53.42 9.39 -37.76
C HIS C 149 54.04 10.09 -36.60
N GLY C 150 54.80 9.38 -35.78
CA GLY C 150 55.43 10.04 -34.66
C GLY C 150 56.17 9.11 -33.74
N GLU C 151 56.79 9.71 -32.72
CA GLU C 151 57.56 8.97 -31.71
C GLU C 151 56.87 9.10 -30.37
N TYR C 152 56.70 7.97 -29.73
CA TYR C 152 56.03 8.00 -28.47
C TYR C 152 56.93 7.55 -27.31
N ARG C 153 56.35 7.34 -26.13
CA ARG C 153 57.13 6.91 -24.96
C ARG C 153 56.22 6.67 -23.75
N LEU C 154 56.56 5.66 -22.95
CA LEU C 154 55.76 5.39 -21.78
C LEU C 154 56.47 5.55 -20.39
N MET C 155 55.94 6.41 -19.54
CA MET C 155 56.52 6.61 -18.22
C MET C 155 55.52 6.12 -17.17
N GLN C 156 56.05 5.76 -16.00
CA GLN C 156 55.26 5.23 -14.86
C GLN C 156 55.04 6.19 -13.67
N GLU C 157 53.97 5.93 -12.93
CA GLU C 157 53.58 6.68 -11.74
C GLU C 157 52.43 5.95 -11.06
N GLY C 158 52.63 4.66 -10.76
CA GLY C 158 51.58 3.88 -10.13
C GLY C 158 51.20 2.67 -10.96
N SER C 159 49.96 2.18 -10.81
CA SER C 159 49.44 1.00 -11.58
C SER C 159 48.63 1.59 -12.78
N THR C 160 48.69 2.92 -12.78
CA THR C 160 48.11 3.84 -13.75
C THR C 160 49.24 4.11 -14.77
N TRP C 161 48.87 4.32 -16.05
CA TRP C 161 49.78 4.60 -17.16
C TRP C 161 49.73 5.94 -17.85
N ILE C 162 50.90 6.51 -18.11
CA ILE C 162 50.97 7.80 -18.78
C ILE C 162 51.70 7.66 -20.13
N LEU C 163 51.06 8.15 -21.20
CA LEU C 163 51.62 8.06 -22.56
C LEU C 163 52.07 9.42 -23.13
N GLN C 164 53.27 9.45 -23.71
CA GLN C 164 53.72 10.72 -24.27
C GLN C 164 54.36 10.58 -25.66
N PHE C 165 54.59 11.74 -26.27
CA PHE C 165 55.16 11.83 -27.60
C PHE C 165 56.11 13.01 -27.67
N ARG C 166 57.30 12.81 -28.25
CA ARG C 166 58.22 13.91 -28.35
C ARG C 166 57.64 14.95 -29.30
N HIS C 167 57.36 16.14 -28.77
CA HIS C 167 56.84 17.28 -29.55
C HIS C 167 58.02 18.23 -29.69
N HIS C 168 57.72 19.52 -29.64
CA HIS C 168 58.74 20.51 -29.83
C HIS C 168 60.02 20.19 -29.00
N GLU C 169 61.00 19.62 -29.69
CA GLU C 169 62.27 19.29 -29.08
C GLU C 169 62.36 18.24 -27.96
N HIS C 170 61.25 17.79 -27.39
CA HIS C 170 61.38 16.80 -26.30
C HIS C 170 60.10 16.04 -25.94
N TRP C 171 60.07 15.41 -24.76
CA TRP C 171 58.89 14.68 -24.27
C TRP C 171 57.86 15.58 -23.59
N GLN C 172 56.62 15.07 -23.55
CA GLN C 172 55.45 15.73 -22.95
C GLN C 172 54.19 14.85 -23.06
N SER C 173 53.52 14.75 -21.91
CA SER C 173 52.33 13.94 -21.70
C SER C 173 51.16 14.21 -22.61
N MET C 174 50.57 13.11 -23.08
CA MET C 174 49.44 13.14 -24.00
C MET C 174 48.17 12.81 -23.22
N TYR C 175 48.22 11.69 -22.51
CA TYR C 175 47.12 11.29 -21.67
C TYR C 175 47.51 10.06 -20.85
N CYS C 176 46.69 9.73 -19.86
CA CYS C 176 46.97 8.58 -18.98
C CYS C 176 45.75 7.71 -18.79
N PHE C 177 46.01 6.54 -18.22
CA PHE C 177 44.97 5.57 -18.00
C PHE C 177 45.56 4.40 -17.24
N ASP C 178 44.70 3.44 -16.93
CA ASP C 178 45.10 2.25 -16.18
C ASP C 178 44.38 1.02 -16.69
N LEU C 179 44.89 -0.13 -16.27
CA LEU C 179 44.32 -1.33 -16.82
C LEU C 179 43.02 -1.78 -16.27
N GLY C 180 42.29 -0.90 -15.64
CA GLY C 180 41.01 -1.34 -15.12
C GLY C 180 39.94 -1.66 -16.15
N VAL C 181 39.18 -2.71 -15.91
CA VAL C 181 38.09 -3.09 -16.79
C VAL C 181 37.07 -1.95 -16.96
N GLN C 182 36.44 -1.88 -18.13
CA GLN C 182 35.42 -0.88 -18.39
C GLN C 182 34.20 -1.61 -18.88
N GLN C 183 33.03 -0.99 -18.86
CA GLN C 183 31.81 -1.63 -19.30
C GLN C 183 31.18 -0.74 -20.34
N GLN C 184 30.32 -1.30 -21.18
CA GLN C 184 29.70 -0.47 -22.21
C GLN C 184 29.16 0.86 -21.67
N SER C 185 28.44 0.76 -20.57
CA SER C 185 27.88 1.93 -19.97
C SER C 185 28.97 2.91 -19.64
N ASP C 186 30.12 2.43 -19.20
CA ASP C 186 31.15 3.40 -18.88
C ASP C 186 31.49 4.25 -20.10
N HIS C 187 31.32 3.69 -21.28
CA HIS C 187 31.62 4.43 -22.49
C HIS C 187 30.45 5.30 -22.81
N VAL C 188 29.27 4.80 -22.52
CA VAL C 188 28.11 5.59 -22.81
C VAL C 188 28.22 6.83 -21.99
N MET C 189 28.67 6.69 -20.76
CA MET C 189 28.78 7.87 -19.90
C MET C 189 29.87 8.76 -20.47
N GLY C 190 30.98 8.16 -20.86
CA GLY C 190 32.06 8.90 -21.44
C GLY C 190 31.58 9.68 -22.65
N ASN C 191 30.76 9.04 -23.46
CA ASN C 191 30.25 9.76 -24.60
C ASN C 191 29.29 10.88 -24.13
N PHE C 192 28.46 10.58 -23.14
CA PHE C 192 27.48 11.56 -22.71
C PHE C 192 28.14 12.81 -22.31
N TRP C 193 29.23 12.63 -21.56
CA TRP C 193 30.03 13.77 -21.07
C TRP C 193 30.51 14.57 -22.29
N SER C 194 31.36 13.93 -23.08
CA SER C 194 31.97 14.57 -24.22
C SER C 194 31.04 15.27 -25.12
N ALA C 195 29.85 14.71 -25.31
CA ALA C 195 28.92 15.34 -26.23
C ALA C 195 27.97 16.37 -25.66
N HIS C 196 27.80 16.33 -24.34
CA HIS C 196 26.87 17.21 -23.68
C HIS C 196 27.37 18.13 -22.56
N TRP C 197 28.50 17.81 -21.93
CA TRP C 197 28.95 18.74 -20.91
C TRP C 197 29.27 20.12 -21.57
N PRO C 198 28.50 21.13 -21.23
CA PRO C 198 28.71 22.46 -21.80
C PRO C 198 30.15 22.89 -22.08
N GLN C 199 31.08 22.60 -21.19
CA GLN C 199 32.43 23.07 -21.44
C GLN C 199 33.24 22.10 -22.28
N SER C 200 32.64 21.03 -22.80
CA SER C 200 33.44 20.09 -23.61
C SER C 200 33.86 20.77 -24.91
N HIS C 201 35.14 20.72 -25.28
CA HIS C 201 35.51 21.43 -26.51
C HIS C 201 34.84 20.92 -27.78
N PHE C 202 34.53 19.61 -27.83
CA PHE C 202 33.83 19.04 -28.95
C PHE C 202 32.50 19.73 -29.25
N ARG C 203 31.97 20.56 -28.38
CA ARG C 203 30.73 21.23 -28.72
C ARG C 203 31.02 22.58 -29.26
N HIS C 204 32.28 22.91 -29.40
CA HIS C 204 32.54 24.27 -29.86
C HIS C 204 33.26 24.48 -31.18
N HIS C 205 33.45 23.39 -31.90
CA HIS C 205 34.10 23.48 -33.18
C HIS C 205 34.17 22.14 -33.92
N LEU C 206 34.02 22.22 -35.22
CA LEU C 206 34.07 21.03 -36.02
C LEU C 206 35.47 20.45 -36.04
N LEU C 207 35.60 19.17 -35.88
CA LEU C 207 36.90 18.57 -35.90
C LEU C 207 36.97 17.35 -36.79
N MET C 208 37.88 17.38 -37.75
CA MET C 208 38.06 16.23 -38.60
C MET C 208 39.52 15.95 -38.79
N CYS C 209 39.83 14.67 -38.91
CA CYS C 209 41.20 14.34 -39.12
C CYS C 209 41.30 12.96 -39.72
N ARG C 210 42.08 12.84 -40.77
CA ARG C 210 42.21 11.58 -41.45
C ARG C 210 43.64 11.32 -41.73
N HIS C 211 44.05 10.06 -41.72
CA HIS C 211 45.46 9.76 -41.97
C HIS C 211 45.81 9.26 -43.36
N LEU C 212 47.04 9.55 -43.77
CA LEU C 212 47.54 9.16 -45.08
C LEU C 212 48.71 8.22 -44.93
N PRO C 213 48.92 7.39 -45.94
CA PRO C 213 50.00 6.41 -46.00
C PRO C 213 51.38 6.84 -45.53
N ASP C 214 51.99 7.80 -46.23
CA ASP C 214 53.36 8.24 -45.89
C ASP C 214 53.50 9.38 -44.89
N GLY C 215 53.36 9.05 -43.60
CA GLY C 215 53.47 10.04 -42.55
C GLY C 215 52.63 11.29 -42.75
N GLY C 216 51.68 11.28 -43.66
CA GLY C 216 50.88 12.48 -43.86
C GLY C 216 49.52 12.39 -43.21
N LYS C 217 48.88 13.53 -43.04
CA LYS C 217 47.56 13.54 -42.49
C LYS C 217 46.83 14.80 -42.87
N LEU C 218 45.50 14.77 -42.72
CA LEU C 218 44.63 15.89 -43.04
C LEU C 218 44.04 16.36 -41.77
N THR C 219 43.68 17.63 -41.73
CA THR C 219 43.19 18.24 -40.51
C THR C 219 42.23 19.38 -40.72
N LEU C 220 41.02 19.20 -40.26
CA LEU C 220 40.07 20.27 -40.40
C LEU C 220 39.71 20.73 -38.99
N THR C 221 39.48 22.03 -38.83
CA THR C 221 39.12 22.65 -37.55
C THR C 221 38.30 23.80 -38.06
N ASN C 222 37.01 23.57 -38.14
CA ASN C 222 36.12 24.57 -38.68
C ASN C 222 36.50 24.76 -40.11
N PHE C 223 36.88 25.96 -40.50
CA PHE C 223 37.25 26.12 -41.90
C PHE C 223 38.74 25.97 -42.13
N HIS C 224 39.51 25.77 -41.08
CA HIS C 224 40.94 25.68 -41.31
C HIS C 224 41.37 24.28 -41.70
N PHE C 225 41.64 24.10 -42.97
CA PHE C 225 42.07 22.82 -43.49
C PHE C 225 43.59 22.82 -43.53
N THR C 226 44.23 21.67 -43.34
CA THR C 226 45.68 21.60 -43.31
C THR C 226 46.13 20.23 -43.77
N ARG C 227 47.19 20.17 -44.54
CA ARG C 227 47.69 18.90 -45.01
C ARG C 227 49.07 18.74 -44.42
N TYR C 228 49.47 17.51 -44.09
CA TYR C 228 50.80 17.32 -43.51
C TYR C 228 51.57 16.22 -44.21
N HIS C 229 52.88 16.37 -44.34
CA HIS C 229 53.68 15.30 -44.93
C HIS C 229 54.86 15.01 -44.01
N GLN C 230 55.09 13.73 -43.74
CA GLN C 230 56.16 13.32 -42.82
C GLN C 230 56.15 14.21 -41.61
N GLY C 231 54.96 14.51 -41.11
CA GLY C 231 54.81 15.35 -39.93
C GLY C 231 55.08 16.82 -40.14
N HIS C 232 54.81 17.36 -41.31
CA HIS C 232 55.08 18.79 -41.53
C HIS C 232 53.91 19.45 -42.21
N ALA C 233 53.68 20.71 -41.86
CA ALA C 233 52.57 21.42 -42.42
C ALA C 233 52.79 21.89 -43.86
N VAL C 234 52.43 21.07 -44.81
CA VAL C 234 52.56 21.41 -46.21
C VAL C 234 51.18 21.88 -46.68
N GLU C 235 51.01 23.17 -46.99
CA GLU C 235 49.70 23.67 -47.44
C GLU C 235 48.69 23.80 -46.30
N GLN C 236 48.03 24.94 -46.25
CA GLN C 236 47.04 25.23 -45.24
C GLN C 236 45.99 26.09 -45.88
N VAL C 237 44.87 25.51 -46.21
CA VAL C 237 43.82 26.27 -46.84
C VAL C 237 42.77 26.68 -45.89
N ASN C 238 42.23 27.85 -46.13
CA ASN C 238 41.18 28.33 -45.29
C ASN C 238 39.90 28.35 -46.10
N VAL C 239 39.19 27.22 -46.12
CA VAL C 239 37.93 27.10 -46.85
C VAL C 239 37.09 28.38 -46.66
N PRO C 240 36.62 28.95 -47.76
CA PRO C 240 35.83 30.16 -47.78
C PRO C 240 34.33 30.07 -47.63
N ASP C 241 33.75 28.88 -47.65
CA ASP C 241 32.30 28.84 -47.53
C ASP C 241 31.77 27.46 -47.20
N VAL C 242 30.54 27.42 -46.67
CA VAL C 242 29.92 26.16 -46.30
C VAL C 242 29.93 25.16 -47.48
N PRO C 243 29.37 25.55 -48.64
CA PRO C 243 29.31 24.68 -49.82
C PRO C 243 30.67 24.09 -50.09
N SER C 244 31.65 24.96 -50.20
CA SER C 244 32.98 24.53 -50.48
C SER C 244 33.49 23.51 -49.43
N LEU C 245 33.10 23.70 -48.18
CA LEU C 245 33.51 22.81 -47.08
C LEU C 245 32.76 21.46 -47.21
N TYR C 246 31.48 21.56 -47.54
CA TYR C 246 30.66 20.38 -47.73
C TYR C 246 31.38 19.49 -48.75
N GLN C 247 31.96 20.12 -49.76
CA GLN C 247 32.71 19.41 -50.79
C GLN C 247 33.98 18.82 -50.19
N LEU C 248 34.76 19.67 -49.52
CA LEU C 248 35.99 19.23 -48.88
C LEU C 248 35.77 18.01 -47.95
N LEU C 249 34.61 17.91 -47.30
CA LEU C 249 34.38 16.77 -46.41
C LEU C 249 34.29 15.47 -47.19
N GLN C 250 33.70 15.55 -48.37
CA GLN C 250 33.56 14.35 -49.18
C GLN C 250 34.85 14.06 -49.96
N GLN C 251 35.50 15.11 -50.45
CA GLN C 251 36.73 14.87 -51.17
C GLN C 251 37.87 14.36 -50.32
N GLN C 252 38.45 15.26 -49.54
CA GLN C 252 39.57 14.97 -48.68
C GLN C 252 39.40 13.92 -47.59
N PHE C 253 38.25 13.90 -46.92
CA PHE C 253 38.07 12.96 -45.83
C PHE C 253 37.28 11.73 -46.17
N GLY C 254 36.55 11.83 -47.27
CA GLY C 254 35.76 10.71 -47.72
C GLY C 254 34.61 10.45 -46.81
N LEU C 255 33.86 11.50 -46.52
CA LEU C 255 32.75 11.41 -45.64
C LEU C 255 31.51 11.06 -46.43
N GLY C 256 30.79 10.06 -45.98
CA GLY C 256 29.55 9.68 -46.66
C GLY C 256 28.40 10.64 -46.38
N VAL C 257 28.40 11.77 -47.07
CA VAL C 257 27.39 12.76 -46.87
C VAL C 257 25.97 12.34 -47.13
N ASN C 258 25.77 11.20 -47.76
CA ASN C 258 24.39 10.72 -48.01
C ASN C 258 24.22 9.42 -47.24
N ASP C 259 22.97 9.06 -47.01
CA ASP C 259 22.68 7.85 -46.29
C ASP C 259 21.38 8.13 -45.63
N VAL C 260 20.46 7.21 -45.84
CA VAL C 260 19.13 7.34 -45.32
C VAL C 260 19.16 7.83 -43.89
N LYS C 261 20.01 7.18 -43.11
CA LYS C 261 20.14 7.48 -41.69
C LYS C 261 21.18 8.55 -41.35
N HIS C 262 22.46 8.16 -41.30
CA HIS C 262 23.49 9.09 -40.90
C HIS C 262 23.98 10.18 -41.80
N GLY C 263 23.36 10.38 -42.94
CA GLY C 263 23.83 11.46 -43.76
C GLY C 263 23.34 12.80 -43.24
N PHE C 264 23.70 13.87 -43.93
CA PHE C 264 23.28 15.17 -43.51
C PHE C 264 23.36 16.13 -44.68
N THR C 265 22.31 16.94 -44.84
CA THR C 265 22.29 17.90 -45.93
C THR C 265 23.44 18.88 -45.78
N GLU C 266 23.64 19.73 -46.79
CA GLU C 266 24.66 20.76 -46.73
C GLU C 266 24.05 21.95 -45.98
N ALA C 267 22.74 22.08 -45.98
CA ALA C 267 22.13 23.18 -45.25
C ALA C 267 22.34 22.92 -43.76
N GLU C 268 22.40 21.64 -43.38
CA GLU C 268 22.60 21.28 -41.99
C GLU C 268 23.99 21.69 -41.54
N LEU C 269 24.98 21.43 -42.38
CA LEU C 269 26.34 21.82 -42.04
C LEU C 269 26.42 23.33 -41.97
N ALA C 270 25.53 24.02 -42.64
CA ALA C 270 25.62 25.46 -42.59
C ALA C 270 25.16 25.93 -41.24
N ALA C 271 24.04 25.42 -40.75
CA ALA C 271 23.51 25.83 -39.44
C ALA C 271 24.55 25.53 -38.35
N VAL C 272 25.26 24.41 -38.49
CA VAL C 272 26.31 24.06 -37.56
C VAL C 272 27.45 25.06 -37.59
N MET C 273 27.98 25.42 -38.75
CA MET C 273 29.05 26.39 -38.77
C MET C 273 28.49 27.76 -38.49
N ALA C 274 27.19 27.93 -38.51
CA ALA C 274 26.64 29.24 -38.28
C ALA C 274 26.82 29.63 -36.83
N ALA C 275 26.79 28.63 -35.96
CA ALA C 275 26.95 28.85 -34.53
C ALA C 275 28.27 29.56 -34.17
N PHE C 276 29.26 29.43 -35.03
CA PHE C 276 30.51 30.07 -34.80
C PHE C 276 30.68 31.26 -35.72
N HIS D 3 -5.69 17.69 -59.49
CA HIS D 3 -4.21 17.56 -59.55
C HIS D 3 -3.62 16.80 -58.35
N MET D 4 -2.41 16.23 -58.54
CA MET D 4 -1.76 15.47 -57.49
C MET D 4 -0.24 15.40 -57.52
N THR D 5 0.39 16.15 -56.62
CA THR D 5 1.86 16.23 -56.46
C THR D 5 2.43 14.95 -55.84
N SER D 6 3.72 14.75 -56.01
CA SER D 6 4.38 13.55 -55.47
C SER D 6 4.04 13.28 -54.01
N PHE D 7 4.06 14.34 -53.23
CA PHE D 7 3.77 14.30 -51.79
C PHE D 7 2.33 13.90 -51.64
N LEU D 8 1.46 14.79 -52.12
CA LEU D 8 0.03 14.65 -52.04
C LEU D 8 -0.34 13.20 -52.27
N HIS D 9 0.50 12.52 -53.04
CA HIS D 9 0.28 11.12 -53.34
C HIS D 9 0.32 10.24 -52.08
N ALA D 10 1.52 10.04 -51.54
CA ALA D 10 1.66 9.21 -50.33
C ALA D 10 0.87 9.72 -49.14
N TYR D 11 0.39 10.98 -49.21
CA TYR D 11 -0.41 11.55 -48.15
C TYR D 11 -1.71 10.81 -48.15
N PHE D 12 -2.37 10.81 -49.32
CA PHE D 12 -3.65 10.13 -49.53
C PHE D 12 -3.44 8.65 -49.27
N THR D 13 -2.34 8.14 -49.75
CA THR D 13 -2.03 6.75 -49.51
C THR D 13 -2.02 6.45 -48.01
N ARG D 14 -1.37 7.30 -47.19
CA ARG D 14 -1.34 7.03 -45.75
C ARG D 14 -2.70 7.23 -45.08
N LEU D 15 -3.45 8.20 -45.57
CA LEU D 15 -4.76 8.45 -45.02
C LEU D 15 -5.80 7.39 -45.43
N HIS D 16 -5.40 6.34 -46.17
CA HIS D 16 -6.33 5.30 -46.65
C HIS D 16 -7.51 6.05 -47.21
N CYS D 17 -7.23 6.99 -48.10
CA CYS D 17 -8.28 7.83 -48.62
C CYS D 17 -8.17 8.09 -50.12
N GLN D 18 -9.26 8.55 -50.73
CA GLN D 18 -9.24 8.80 -52.16
C GLN D 18 -8.91 10.25 -52.51
N PRO D 19 -8.03 10.44 -53.52
CA PRO D 19 -7.63 11.77 -53.94
C PRO D 19 -8.75 12.80 -53.98
N LEU D 20 -8.35 14.06 -53.84
CA LEU D 20 -9.27 15.18 -53.85
C LEU D 20 -8.49 16.30 -54.51
N GLY D 21 -9.11 16.99 -55.45
CA GLY D 21 -8.41 18.06 -56.15
C GLY D 21 -9.08 19.39 -55.98
N VAL D 22 -10.29 19.40 -55.44
CA VAL D 22 -11.01 20.65 -55.27
C VAL D 22 -11.13 21.07 -53.81
N PRO D 23 -10.46 22.17 -53.46
CA PRO D 23 -10.44 22.77 -52.11
C PRO D 23 -11.78 23.34 -51.63
N THR D 24 -12.56 22.53 -50.93
CA THR D 24 -13.86 22.98 -50.47
C THR D 24 -14.06 22.59 -49.02
N VAL D 25 -14.99 23.24 -48.35
CA VAL D 25 -15.23 22.90 -46.97
C VAL D 25 -15.43 21.42 -46.80
N GLU D 26 -16.05 20.77 -47.76
CA GLU D 26 -16.29 19.34 -47.59
C GLU D 26 -15.00 18.55 -47.67
N ALA D 27 -14.11 18.98 -48.56
CA ALA D 27 -12.82 18.33 -48.75
C ALA D 27 -12.05 18.42 -47.42
N LEU D 28 -12.09 19.59 -46.83
CA LEU D 28 -11.42 19.82 -45.57
C LEU D 28 -12.04 18.88 -44.57
N ARG D 29 -13.36 19.00 -44.38
CA ARG D 29 -14.13 18.18 -43.44
C ARG D 29 -13.65 16.75 -43.36
N THR D 30 -13.42 16.14 -44.51
CA THR D 30 -13.01 14.74 -44.54
C THR D 30 -11.54 14.52 -44.32
N LEU D 31 -10.70 15.27 -45.01
CA LEU D 31 -9.26 15.13 -44.88
C LEU D 31 -8.88 15.22 -43.41
N HIS D 32 -9.55 16.13 -42.70
CA HIS D 32 -9.30 16.35 -41.29
C HIS D 32 -9.48 15.06 -40.54
N LEU D 33 -10.69 14.51 -40.64
CA LEU D 33 -10.99 13.26 -39.96
C LEU D 33 -10.08 12.13 -40.45
N ALA D 34 -9.75 12.17 -41.73
CA ALA D 34 -8.89 11.14 -42.30
C ALA D 34 -7.62 11.14 -41.52
N HIS D 35 -7.00 12.32 -41.52
CA HIS D 35 -5.74 12.59 -40.84
C HIS D 35 -5.81 12.11 -39.40
N ASN D 36 -6.81 12.63 -38.70
CA ASN D 36 -7.05 12.28 -37.32
C ASN D 36 -7.11 10.81 -37.03
N CYS D 37 -7.36 9.97 -38.03
CA CYS D 37 -7.47 8.54 -37.77
C CYS D 37 -6.28 7.80 -38.25
N ALA D 38 -5.60 8.37 -39.22
CA ALA D 38 -4.46 7.70 -39.79
C ALA D 38 -3.16 7.97 -39.05
N ILE D 39 -2.81 9.25 -38.95
CA ILE D 39 -1.56 9.69 -38.31
C ILE D 39 -1.71 10.00 -36.82
N PRO D 40 -1.24 9.10 -35.96
CA PRO D 40 -1.36 9.31 -34.52
C PRO D 40 -0.60 10.45 -33.90
N PHE D 41 -1.07 10.87 -32.74
CA PHE D 41 -0.43 11.92 -31.94
C PHE D 41 0.55 11.17 -31.05
N GLU D 42 1.84 11.43 -31.22
CA GLU D 42 2.84 10.72 -30.44
C GLU D 42 3.95 11.70 -30.09
N ASN D 43 4.60 11.46 -28.96
CA ASN D 43 5.69 12.29 -28.44
C ASN D 43 6.87 11.39 -28.15
N LEU D 44 6.96 10.29 -28.84
CA LEU D 44 8.02 9.38 -28.53
C LEU D 44 9.45 9.84 -28.84
N ASP D 45 9.63 10.72 -29.83
CA ASP D 45 10.98 11.21 -30.17
C ASP D 45 11.48 12.16 -29.10
N VAL D 46 10.58 12.66 -28.28
CA VAL D 46 10.99 13.52 -27.21
C VAL D 46 11.56 12.69 -26.08
N LEU D 47 10.92 11.58 -25.74
CA LEU D 47 11.40 10.77 -24.64
C LEU D 47 12.67 10.02 -24.94
N LEU D 48 12.70 9.25 -26.01
CA LEU D 48 13.97 8.58 -26.35
C LEU D 48 14.51 9.84 -26.90
N PRO D 49 15.62 10.30 -26.36
CA PRO D 49 16.15 11.56 -26.91
C PRO D 49 16.33 11.44 -28.42
N ARG D 50 15.78 12.36 -29.20
CA ARG D 50 15.94 12.25 -30.66
C ARG D 50 15.36 13.50 -31.29
N GLU D 51 16.17 14.35 -31.89
CA GLU D 51 15.70 15.61 -32.44
C GLU D 51 14.56 15.56 -33.43
N ILE D 52 13.68 16.55 -33.33
CA ILE D 52 12.53 16.62 -34.20
C ILE D 52 12.70 17.67 -35.30
N GLN D 53 12.97 17.27 -36.54
CA GLN D 53 13.11 18.25 -37.64
C GLN D 53 11.73 18.65 -38.04
N LEU D 54 11.55 19.85 -38.56
CA LEU D 54 10.23 20.28 -38.98
C LEU D 54 10.14 20.72 -40.43
N ASP D 55 11.14 20.36 -41.23
CA ASP D 55 11.17 20.73 -42.65
C ASP D 55 10.36 19.72 -43.45
N GLU D 56 9.53 20.19 -44.38
CA GLU D 56 8.77 19.24 -45.15
C GLU D 56 9.79 18.35 -45.86
N THR D 57 9.96 17.13 -45.38
CA THR D 57 10.88 16.14 -45.94
C THR D 57 11.14 15.27 -44.77
N ALA D 58 11.48 15.92 -43.68
CA ALA D 58 11.67 15.14 -42.51
C ALA D 58 10.23 14.79 -42.15
N LEU D 59 9.34 15.77 -42.16
CA LEU D 59 7.95 15.50 -41.81
C LEU D 59 7.40 14.39 -42.69
N GLU D 60 7.70 14.46 -43.99
CA GLU D 60 7.25 13.48 -44.96
C GLU D 60 7.78 12.13 -44.61
N GLU D 61 9.09 11.99 -44.42
CA GLU D 61 9.67 10.70 -44.08
C GLU D 61 9.29 10.17 -42.69
N LYS D 62 8.81 11.03 -41.81
CA LYS D 62 8.49 10.53 -40.49
C LYS D 62 7.06 10.15 -40.40
N LEU D 63 6.20 11.10 -40.71
CA LEU D 63 4.77 10.87 -40.63
C LEU D 63 4.15 9.96 -41.70
N LEU D 64 4.67 10.01 -42.94
CA LEU D 64 4.19 9.19 -44.03
C LEU D 64 5.01 7.94 -44.15
N TYR D 65 6.19 8.00 -44.77
CA TYR D 65 6.96 6.78 -44.96
C TYR D 65 7.21 5.86 -43.79
N ALA D 66 7.58 6.41 -42.66
CA ALA D 66 7.87 5.54 -41.52
C ALA D 66 6.65 5.17 -40.71
N ARG D 67 5.50 5.69 -41.15
CA ARG D 67 4.25 5.46 -40.46
C ARG D 67 4.36 5.81 -38.97
N ARG D 68 4.91 6.99 -38.65
CA ARG D 68 5.04 7.42 -37.27
C ARG D 68 4.18 8.62 -36.96
N GLY D 69 4.11 8.98 -35.68
CA GLY D 69 3.27 10.11 -35.28
C GLY D 69 4.07 11.31 -34.85
N GLY D 70 3.39 12.32 -34.33
CA GLY D 70 4.08 13.49 -33.87
C GLY D 70 3.15 14.34 -33.08
N TYR D 71 3.43 15.62 -32.92
CA TYR D 71 2.52 16.48 -32.18
C TYR D 71 2.35 17.82 -32.87
N CYS D 72 1.74 18.81 -32.20
CA CYS D 72 1.45 20.13 -32.79
C CYS D 72 2.20 20.36 -34.08
N PHE D 73 3.44 20.79 -33.93
CA PHE D 73 4.32 21.10 -35.05
C PHE D 73 4.42 20.09 -36.15
N GLU D 74 4.64 18.82 -35.82
CA GLU D 74 4.74 17.84 -36.88
C GLU D 74 3.38 17.60 -37.62
N LEU D 75 2.37 17.15 -36.88
CA LEU D 75 1.06 16.89 -37.48
C LEU D 75 0.53 18.04 -38.30
N ASN D 76 0.27 19.19 -37.70
CA ASN D 76 -0.26 20.29 -38.48
C ASN D 76 0.69 20.79 -39.54
N GLY D 77 1.97 20.45 -39.41
CA GLY D 77 2.97 20.86 -40.40
C GLY D 77 2.80 20.09 -41.69
N LEU D 78 2.51 18.80 -41.53
CA LEU D 78 2.27 17.88 -42.64
C LEU D 78 0.91 18.22 -43.24
N PHE D 79 -0.09 18.29 -42.36
CA PHE D 79 -1.44 18.65 -42.78
C PHE D 79 -1.39 19.97 -43.57
N GLU D 80 -0.71 20.99 -43.05
CA GLU D 80 -0.62 22.25 -43.77
C GLU D 80 -0.14 22.02 -45.20
N ARG D 81 0.92 21.24 -45.37
CA ARG D 81 1.44 21.00 -46.71
C ARG D 81 0.36 20.42 -47.59
N ALA D 82 -0.27 19.35 -47.12
CA ALA D 82 -1.33 18.71 -47.89
C ALA D 82 -2.34 19.76 -48.32
N LEU D 83 -3.11 20.31 -47.40
CA LEU D 83 -4.07 21.35 -47.76
C LEU D 83 -3.53 22.34 -48.81
N ARG D 84 -2.27 22.73 -48.69
CA ARG D 84 -1.68 23.69 -49.64
C ARG D 84 -1.57 23.09 -51.03
N ASP D 85 -0.98 21.89 -51.14
CA ASP D 85 -0.82 21.21 -52.43
C ASP D 85 -2.20 20.91 -53.09
N ILE D 86 -3.22 20.74 -52.26
CA ILE D 86 -4.56 20.48 -52.75
C ILE D 86 -5.19 21.77 -53.24
N GLY D 87 -4.57 22.90 -52.93
CA GLY D 87 -5.10 24.16 -53.42
C GLY D 87 -5.71 25.09 -52.40
N PHE D 88 -5.87 24.67 -51.15
CA PHE D 88 -6.45 25.56 -50.14
C PHE D 88 -5.57 26.74 -49.86
N ASN D 89 -6.11 27.64 -49.04
CA ASN D 89 -5.40 28.83 -48.62
C ASN D 89 -5.11 28.68 -47.11
N VAL D 90 -3.88 28.24 -46.76
CA VAL D 90 -3.52 28.02 -45.36
C VAL D 90 -2.20 28.61 -44.92
N ARG D 91 -2.10 28.77 -43.61
CA ARG D 91 -0.94 29.29 -42.90
C ARG D 91 -1.10 28.83 -41.46
N SER D 92 0.00 28.56 -40.75
CA SER D 92 -0.14 28.11 -39.38
C SER D 92 -0.35 29.29 -38.41
N LEU D 93 -0.76 28.96 -37.20
CA LEU D 93 -0.93 29.99 -36.17
C LEU D 93 -0.35 29.40 -34.86
N LEU D 94 0.07 30.24 -33.92
CA LEU D 94 0.58 29.71 -32.67
C LEU D 94 -0.34 30.17 -31.55
N GLY D 95 -0.67 29.27 -30.63
CA GLY D 95 -1.56 29.67 -29.58
C GLY D 95 -1.01 29.17 -28.27
N ARG D 96 -1.65 29.59 -27.20
CA ARG D 96 -1.21 29.25 -25.88
C ARG D 96 -2.11 28.22 -25.19
N VAL D 97 -1.50 27.11 -24.77
CA VAL D 97 -2.23 26.06 -24.09
C VAL D 97 -2.62 26.51 -22.71
N ILE D 98 -3.90 26.74 -22.51
CA ILE D 98 -4.38 27.18 -21.22
C ILE D 98 -5.21 26.16 -20.45
N LEU D 99 -5.23 24.90 -20.92
CA LEU D 99 -6.02 23.85 -20.24
C LEU D 99 -5.87 23.82 -18.73
N SER D 100 -4.65 23.57 -18.26
CA SER D 100 -4.36 23.49 -16.83
C SER D 100 -4.80 24.75 -16.08
N HIS D 101 -5.33 25.73 -16.81
CA HIS D 101 -5.78 26.95 -16.19
C HIS D 101 -4.61 27.60 -15.39
N PRO D 102 -3.51 27.98 -16.09
CA PRO D 102 -2.30 28.60 -15.52
C PRO D 102 -2.50 30.01 -15.00
N ALA D 103 -1.71 30.32 -13.97
CA ALA D 103 -1.73 31.61 -13.31
C ALA D 103 -1.45 32.77 -14.29
N SER D 104 -0.51 32.54 -15.21
CA SER D 104 -0.12 33.54 -16.24
C SER D 104 0.03 32.88 -17.61
N LEU D 105 -0.39 33.58 -18.64
CA LEU D 105 -0.31 33.04 -19.97
C LEU D 105 1.04 32.39 -20.29
N PRO D 106 1.01 31.19 -20.87
CA PRO D 106 2.18 30.43 -21.25
C PRO D 106 2.59 30.86 -22.62
N PRO D 107 3.75 30.40 -23.06
CA PRO D 107 4.27 30.75 -24.39
C PRO D 107 3.47 30.14 -25.55
N ARG D 108 3.89 30.40 -26.78
CA ARG D 108 3.21 29.87 -27.95
C ARG D 108 3.74 28.47 -28.24
N THR D 109 3.15 27.48 -27.56
CA THR D 109 3.49 26.07 -27.62
C THR D 109 2.73 25.30 -28.67
N HIS D 110 1.54 25.80 -29.02
CA HIS D 110 0.68 25.08 -29.93
C HIS D 110 0.48 25.62 -31.31
N ARG D 111 0.66 24.74 -32.29
CA ARG D 111 0.48 25.13 -33.69
C ARG D 111 -0.92 24.72 -34.14
N LEU D 112 -1.48 25.45 -35.09
CA LEU D 112 -2.79 25.11 -35.58
C LEU D 112 -2.90 25.79 -36.95
N LEU D 113 -3.90 25.41 -37.75
CA LEU D 113 -4.03 25.96 -39.10
C LEU D 113 -5.19 26.90 -39.28
N LEU D 114 -5.01 27.86 -40.16
CA LEU D 114 -6.06 28.82 -40.48
C LEU D 114 -6.31 28.58 -41.96
N VAL D 115 -7.56 28.29 -42.29
CA VAL D 115 -7.91 28.00 -43.69
C VAL D 115 -9.00 28.91 -44.20
N ASP D 116 -8.76 29.46 -45.38
CA ASP D 116 -9.73 30.32 -46.05
C ASP D 116 -10.44 29.54 -47.17
N VAL D 117 -11.62 29.05 -46.84
CA VAL D 117 -12.45 28.29 -47.76
C VAL D 117 -13.81 28.98 -47.95
N GLU D 118 -14.18 29.13 -49.22
CA GLU D 118 -15.42 29.77 -49.60
C GLU D 118 -15.71 31.02 -48.77
N ASP D 119 -14.92 32.04 -49.03
CA ASP D 119 -15.03 33.35 -48.40
C ASP D 119 -15.16 33.39 -46.88
N GLU D 120 -14.91 32.26 -46.22
CA GLU D 120 -14.96 32.23 -44.76
C GLU D 120 -13.61 31.80 -44.22
N GLN D 121 -13.42 31.92 -42.91
CA GLN D 121 -12.18 31.51 -42.29
C GLN D 121 -12.42 30.42 -41.27
N TRP D 122 -11.71 29.32 -41.47
CA TRP D 122 -11.86 28.19 -40.58
C TRP D 122 -10.54 27.85 -39.95
N ILE D 123 -10.57 27.11 -38.85
CA ILE D 123 -9.35 26.70 -38.20
C ILE D 123 -9.31 25.19 -38.08
N ALA D 124 -8.35 24.59 -38.74
CA ALA D 124 -8.20 23.16 -38.67
C ALA D 124 -7.00 22.89 -37.76
N ASP D 125 -7.09 21.83 -36.98
CA ASP D 125 -6.02 21.47 -36.06
C ASP D 125 -6.08 19.98 -35.75
N VAL D 126 -5.05 19.26 -36.14
CA VAL D 126 -5.03 17.84 -35.88
C VAL D 126 -3.96 17.48 -34.87
N GLY D 127 -3.20 18.46 -34.43
CA GLY D 127 -2.13 18.12 -33.52
C GLY D 127 -2.28 18.40 -32.05
N PHE D 128 -3.49 18.69 -31.59
CA PHE D 128 -3.64 18.98 -30.17
C PHE D 128 -3.73 17.78 -29.25
N GLY D 129 -3.69 16.58 -29.84
CA GLY D 129 -3.77 15.38 -29.03
C GLY D 129 -5.18 14.93 -28.58
N GLY D 130 -5.27 14.53 -27.31
CA GLY D 130 -6.52 14.06 -26.78
C GLY D 130 -7.77 14.73 -27.31
N GLN D 131 -7.93 16.02 -27.09
CA GLN D 131 -9.13 16.71 -27.52
C GLN D 131 -9.04 17.47 -28.80
N THR D 132 -8.09 17.13 -29.66
CA THR D 132 -8.00 17.90 -30.91
C THR D 132 -9.32 17.97 -31.63
N LEU D 133 -9.42 18.92 -32.53
CA LEU D 133 -10.63 19.02 -33.33
C LEU D 133 -10.57 17.85 -34.30
N THR D 134 -11.69 17.50 -34.90
CA THR D 134 -11.70 16.41 -35.84
C THR D 134 -12.43 16.91 -37.09
N ALA D 135 -12.63 18.22 -37.12
CA ALA D 135 -13.33 18.86 -38.21
C ALA D 135 -13.14 20.36 -38.10
N PRO D 136 -12.94 21.03 -39.24
CA PRO D 136 -12.75 22.48 -39.28
C PRO D 136 -13.84 23.13 -38.45
N LEU D 137 -13.61 24.38 -38.05
CA LEU D 137 -14.59 25.16 -37.30
C LEU D 137 -14.56 26.52 -37.94
N ARG D 138 -15.65 27.25 -37.80
CA ARG D 138 -15.73 28.58 -38.39
C ARG D 138 -15.23 29.57 -37.37
N LEU D 139 -14.57 30.63 -37.84
CA LEU D 139 -14.11 31.64 -36.93
C LEU D 139 -15.29 32.52 -36.52
N GLN D 140 -15.95 32.17 -35.42
CA GLN D 140 -17.09 32.92 -34.90
C GLN D 140 -17.31 32.62 -33.46
N ALA D 141 -17.73 33.63 -32.72
CA ALA D 141 -17.97 33.46 -31.29
C ALA D 141 -19.32 32.84 -30.95
N GLU D 142 -19.45 32.38 -29.70
CA GLU D 142 -20.65 31.74 -29.15
C GLU D 142 -21.14 30.48 -29.87
N ILE D 143 -21.30 30.59 -31.19
CA ILE D 143 -21.77 29.50 -32.03
C ILE D 143 -21.22 28.17 -31.60
N ALA D 144 -22.00 27.40 -30.85
CA ALA D 144 -21.53 26.09 -30.41
C ALA D 144 -21.37 25.18 -31.63
N GLN D 145 -20.15 25.06 -32.14
CA GLN D 145 -19.91 24.24 -33.32
C GLN D 145 -19.81 22.78 -32.98
N GLN D 146 -20.09 21.94 -33.97
CA GLN D 146 -20.11 20.50 -33.78
C GLN D 146 -19.03 19.73 -34.51
N THR D 147 -18.53 18.70 -33.85
CA THR D 147 -17.48 17.87 -34.43
C THR D 147 -17.73 16.40 -34.12
N PRO D 148 -17.33 15.51 -35.03
CA PRO D 148 -17.47 14.07 -34.88
C PRO D 148 -17.10 13.53 -33.49
N HIS D 149 -16.27 14.27 -32.75
CA HIS D 149 -15.92 13.79 -31.43
C HIS D 149 -16.22 14.73 -30.28
N GLY D 150 -16.86 15.86 -30.59
CA GLY D 150 -17.20 16.76 -29.52
C GLY D 150 -17.86 18.04 -29.97
N GLU D 151 -18.19 18.87 -28.99
CA GLU D 151 -18.80 20.18 -29.23
C GLU D 151 -17.80 21.26 -28.73
N TYR D 152 -17.45 22.22 -29.60
CA TYR D 152 -16.50 23.28 -29.26
C TYR D 152 -17.13 24.67 -29.45
N ARG D 153 -16.50 25.70 -28.88
CA ARG D 153 -17.00 27.08 -28.98
C ARG D 153 -15.88 28.11 -29.05
N LEU D 154 -15.65 28.71 -30.21
CA LEU D 154 -14.60 29.70 -30.25
C LEU D 154 -15.07 30.85 -29.40
N MET D 155 -14.27 31.93 -29.36
CA MET D 155 -14.62 33.11 -28.57
C MET D 155 -13.69 34.29 -28.79
N GLN D 156 -14.26 35.32 -29.41
CA GLN D 156 -13.59 36.56 -29.72
C GLN D 156 -13.45 37.43 -28.45
N GLU D 157 -12.33 37.24 -27.75
CA GLU D 157 -12.04 37.99 -26.53
C GLU D 157 -11.05 39.08 -26.88
N GLY D 158 -11.51 40.29 -27.12
CA GLY D 158 -10.60 41.34 -27.50
C GLY D 158 -10.03 41.11 -28.91
N SER D 159 -8.89 40.44 -29.00
CA SER D 159 -8.26 40.17 -30.31
C SER D 159 -7.66 38.78 -30.41
N THR D 160 -7.76 38.07 -29.30
CA THR D 160 -7.26 36.73 -29.18
C THR D 160 -8.48 35.82 -29.03
N TRP D 161 -8.63 34.87 -29.95
CA TRP D 161 -9.74 33.92 -29.92
C TRP D 161 -9.44 32.91 -28.84
N ILE D 162 -10.47 32.28 -28.28
CA ILE D 162 -10.23 31.32 -27.23
C ILE D 162 -10.96 30.01 -27.35
N LEU D 163 -10.70 29.27 -28.42
CA LEU D 163 -11.35 27.98 -28.57
C LEU D 163 -11.52 27.25 -27.24
N GLN D 164 -12.71 26.73 -27.01
CA GLN D 164 -13.00 25.98 -25.78
C GLN D 164 -13.99 24.88 -26.14
N PHE D 165 -14.09 23.84 -25.32
CA PHE D 165 -15.01 22.76 -25.64
C PHE D 165 -16.01 22.37 -24.56
N ARG D 166 -17.03 21.64 -24.97
CA ARG D 166 -18.03 21.19 -24.04
C ARG D 166 -17.56 19.97 -23.26
N HIS D 167 -17.78 20.04 -21.94
CA HIS D 167 -17.41 18.98 -20.99
C HIS D 167 -18.04 19.11 -19.59
N HIS D 168 -18.88 18.12 -19.25
CA HIS D 168 -19.58 18.03 -17.96
C HIS D 168 -20.48 19.26 -17.70
N GLU D 169 -21.24 19.69 -18.73
CA GLU D 169 -22.18 20.82 -18.62
C GLU D 169 -21.67 22.28 -18.73
N HIS D 170 -20.45 22.47 -19.23
CA HIS D 170 -19.90 23.81 -19.40
C HIS D 170 -18.62 23.77 -20.23
N TRP D 171 -18.26 24.91 -20.81
CA TRP D 171 -17.08 24.99 -21.65
C TRP D 171 -15.74 25.03 -20.90
N GLN D 172 -14.72 24.50 -21.55
CA GLN D 172 -13.37 24.48 -20.98
C GLN D 172 -12.48 25.14 -22.00
N SER D 173 -11.60 26.00 -21.52
CA SER D 173 -10.70 26.64 -22.44
C SER D 173 -9.67 25.58 -22.76
N MET D 174 -9.20 25.58 -24.00
CA MET D 174 -8.19 24.63 -24.42
C MET D 174 -6.90 25.41 -24.77
N TYR D 175 -7.03 26.42 -25.63
CA TYR D 175 -5.89 27.23 -26.02
C TYR D 175 -6.29 28.56 -26.63
N CYS D 176 -5.51 29.62 -26.41
CA CYS D 176 -5.86 30.89 -27.02
C CYS D 176 -4.88 31.21 -28.09
N PHE D 177 -5.31 32.02 -29.05
CA PHE D 177 -4.43 32.41 -30.13
C PHE D 177 -4.89 33.69 -30.80
N ASP D 178 -4.15 34.10 -31.82
CA ASP D 178 -4.46 35.31 -32.54
C ASP D 178 -4.07 35.03 -33.98
N LEU D 179 -4.55 35.88 -34.87
CA LEU D 179 -4.26 35.65 -36.28
C LEU D 179 -2.92 36.14 -36.79
N GLY D 180 -1.97 36.39 -35.88
CA GLY D 180 -0.67 36.86 -36.31
C GLY D 180 0.09 35.81 -37.09
N VAL D 181 0.81 36.26 -38.10
CA VAL D 181 1.63 35.38 -38.93
C VAL D 181 2.71 34.69 -38.10
N GLN D 182 3.16 33.52 -38.54
CA GLN D 182 4.21 32.80 -37.82
C GLN D 182 5.23 32.40 -38.86
N GLN D 183 6.45 32.06 -38.48
CA GLN D 183 7.46 31.68 -39.46
C GLN D 183 7.96 30.33 -39.08
N GLN D 184 8.58 29.60 -40.01
CA GLN D 184 9.10 28.25 -39.65
C GLN D 184 9.89 28.21 -38.35
N SER D 185 10.78 29.18 -38.18
CA SER D 185 11.57 29.30 -36.99
C SER D 185 10.65 29.43 -35.78
N ASP D 186 9.56 30.19 -35.87
CA ASP D 186 8.71 30.30 -34.71
C ASP D 186 8.21 28.94 -34.24
N HIS D 187 8.08 27.99 -35.18
CA HIS D 187 7.67 26.64 -34.81
C HIS D 187 8.88 25.90 -34.32
N VAL D 188 10.04 26.16 -34.92
CA VAL D 188 11.20 25.46 -34.44
C VAL D 188 11.44 25.80 -32.98
N MET D 189 11.20 27.04 -32.61
CA MET D 189 11.40 27.47 -31.24
C MET D 189 10.35 26.80 -30.42
N GLY D 190 9.12 26.78 -30.92
CA GLY D 190 8.02 26.13 -30.22
C GLY D 190 8.36 24.66 -29.95
N ASN D 191 8.89 23.99 -30.96
CA ASN D 191 9.25 22.61 -30.77
C ASN D 191 10.38 22.54 -29.77
N PHE D 192 11.34 23.46 -29.84
CA PHE D 192 12.51 23.41 -28.92
C PHE D 192 12.09 23.46 -27.45
N TRP D 193 11.18 24.39 -27.16
CA TRP D 193 10.63 24.57 -25.84
C TRP D 193 10.00 23.24 -25.42
N SER D 194 8.96 22.84 -26.11
CA SER D 194 8.22 21.64 -25.82
C SER D 194 9.03 20.42 -25.64
N ALA D 195 10.09 20.26 -26.39
CA ALA D 195 10.85 19.05 -26.29
C ALA D 195 11.99 19.07 -25.32
N HIS D 196 12.40 20.28 -24.94
CA HIS D 196 13.56 20.46 -24.07
C HIS D 196 13.40 21.23 -22.75
N TRP D 197 12.40 22.09 -22.62
CA TRP D 197 12.25 22.83 -21.38
C TRP D 197 11.98 21.80 -20.33
N PRO D 198 12.89 21.63 -19.36
CA PRO D 198 12.73 20.65 -18.29
C PRO D 198 11.32 20.43 -17.72
N GLN D 199 10.54 21.47 -17.50
CA GLN D 199 9.20 21.27 -16.96
C GLN D 199 8.14 20.99 -18.01
N SER D 200 8.51 20.72 -19.26
CA SER D 200 7.51 20.45 -20.29
C SER D 200 6.93 19.07 -20.02
N HIS D 201 5.60 18.95 -19.92
CA HIS D 201 5.06 17.62 -19.60
C HIS D 201 5.46 16.55 -20.59
N PHE D 202 5.57 16.92 -21.85
CA PHE D 202 6.00 15.98 -22.86
C PHE D 202 7.30 15.25 -22.53
N ARG D 203 8.03 15.68 -21.51
CA ARG D 203 9.25 14.97 -21.25
C ARG D 203 9.04 14.03 -20.12
N HIS D 204 7.82 13.99 -19.60
CA HIS D 204 7.62 13.12 -18.46
C HIS D 204 6.70 11.92 -18.58
N HIS D 205 6.23 11.68 -19.79
CA HIS D 205 5.39 10.54 -20.02
C HIS D 205 5.09 10.34 -21.48
N LEU D 206 4.95 9.08 -21.87
CA LEU D 206 4.62 8.71 -23.22
C LEU D 206 3.20 9.10 -23.54
N LEU D 207 2.96 9.71 -24.68
CA LEU D 207 1.60 10.09 -25.03
C LEU D 207 1.17 9.71 -26.43
N MET D 208 0.14 8.89 -26.55
CA MET D 208 -0.28 8.54 -27.86
C MET D 208 -1.76 8.69 -27.94
N CYS D 209 -2.25 9.03 -29.11
CA CYS D 209 -3.67 9.17 -29.26
C CYS D 209 -4.06 9.11 -30.72
N ARG D 210 -4.97 8.21 -31.04
CA ARG D 210 -5.41 8.03 -32.41
C ARG D 210 -6.93 8.09 -32.49
N HIS D 211 -7.44 8.56 -33.60
CA HIS D 211 -8.87 8.65 -33.74
C HIS D 211 -9.50 7.56 -34.61
N LEU D 212 -10.75 7.23 -34.27
CA LEU D 212 -11.52 6.20 -34.97
C LEU D 212 -12.75 6.82 -35.60
N PRO D 213 -13.27 6.18 -36.65
CA PRO D 213 -14.45 6.61 -37.40
C PRO D 213 -15.69 7.08 -36.62
N ASP D 214 -16.31 6.19 -35.84
CA ASP D 214 -17.51 6.57 -35.10
C ASP D 214 -17.30 7.12 -33.70
N GLY D 215 -16.97 8.41 -33.65
CA GLY D 215 -16.75 9.09 -32.37
C GLY D 215 -15.85 8.38 -31.37
N GLY D 216 -15.09 7.41 -31.85
CA GLY D 216 -14.20 6.68 -30.96
C GLY D 216 -12.76 7.13 -31.10
N LYS D 217 -11.95 6.82 -30.07
CA LYS D 217 -10.55 7.19 -30.08
C LYS D 217 -9.79 6.31 -29.11
N LEU D 218 -8.49 6.21 -29.34
CA LEU D 218 -7.61 5.43 -28.50
C LEU D 218 -6.74 6.39 -27.71
N THR D 219 -6.20 5.93 -26.59
CA THR D 219 -5.45 6.81 -25.74
C THR D 219 -4.43 6.10 -24.90
N LEU D 220 -3.16 6.38 -25.13
CA LEU D 220 -2.13 5.76 -24.33
C LEU D 220 -1.46 6.88 -23.53
N THR D 221 -1.07 6.56 -22.29
CA THR D 221 -0.41 7.50 -21.39
C THR D 221 0.45 6.55 -20.61
N ASN D 222 1.64 6.28 -21.12
CA ASN D 222 2.53 5.33 -20.46
C ASN D 222 1.90 3.97 -20.67
N PHE D 223 1.58 3.25 -19.60
CA PHE D 223 0.97 1.96 -19.79
C PHE D 223 -0.55 1.98 -19.71
N HIS D 224 -1.13 3.14 -19.44
CA HIS D 224 -2.58 3.18 -19.35
C HIS D 224 -3.22 3.39 -20.74
N PHE D 225 -3.80 2.32 -21.27
CA PHE D 225 -4.45 2.33 -22.57
C PHE D 225 -5.93 2.50 -22.33
N THR D 226 -6.62 3.16 -23.24
CA THR D 226 -8.04 3.41 -23.07
C THR D 226 -8.74 3.53 -24.42
N ARG D 227 -9.92 2.92 -24.57
CA ARG D 227 -10.66 3.01 -25.83
C ARG D 227 -11.92 3.82 -25.55
N TYR D 228 -12.36 4.61 -26.51
CA TYR D 228 -13.55 5.43 -26.32
C TYR D 228 -14.55 5.25 -27.47
N HIS D 229 -15.83 5.25 -27.14
CA HIS D 229 -16.84 5.18 -28.18
C HIS D 229 -17.83 6.30 -27.93
N GLN D 230 -18.18 7.01 -29.00
CA GLN D 230 -19.09 8.14 -28.91
C GLN D 230 -18.76 8.97 -27.68
N GLY D 231 -17.46 9.16 -27.43
CA GLY D 231 -17.00 9.94 -26.31
C GLY D 231 -17.16 9.28 -24.96
N HIS D 232 -17.09 7.96 -24.89
CA HIS D 232 -17.23 7.28 -23.61
C HIS D 232 -16.13 6.25 -23.38
N ALA D 233 -15.69 6.14 -22.13
CA ALA D 233 -14.62 5.22 -21.80
C ALA D 233 -15.02 3.76 -21.80
N VAL D 234 -14.92 3.12 -22.95
CA VAL D 234 -15.28 1.72 -23.07
C VAL D 234 -14.00 0.92 -23.00
N GLU D 235 -13.75 0.18 -21.93
CA GLU D 235 -12.51 -0.60 -21.85
C GLU D 235 -11.30 0.27 -21.52
N GLN D 236 -10.53 -0.18 -20.52
CA GLN D 236 -9.35 0.51 -20.07
C GLN D 236 -8.33 -0.52 -19.65
N VAL D 237 -7.39 -0.81 -20.52
CA VAL D 237 -6.35 -1.78 -20.20
C VAL D 237 -5.08 -1.15 -19.71
N ASN D 238 -4.47 -1.80 -18.74
CA ASN D 238 -3.24 -1.31 -18.20
C ASN D 238 -2.14 -2.27 -18.64
N VAL D 239 -1.61 -2.04 -19.83
CA VAL D 239 -0.55 -2.88 -20.36
C VAL D 239 0.43 -3.25 -19.26
N PRO D 240 0.76 -4.52 -19.16
CA PRO D 240 1.67 -5.08 -18.16
C PRO D 240 3.16 -5.10 -18.40
N ASP D 241 3.59 -4.81 -19.63
CA ASP D 241 5.02 -4.87 -19.89
C ASP D 241 5.43 -4.17 -21.16
N VAL D 242 6.72 -3.85 -21.24
CA VAL D 242 7.27 -3.17 -22.41
C VAL D 242 6.95 -3.91 -23.70
N PRO D 243 7.31 -5.20 -23.79
CA PRO D 243 7.06 -6.01 -24.99
C PRO D 243 5.61 -5.87 -25.41
N SER D 244 4.74 -6.11 -24.46
CA SER D 244 3.32 -6.03 -24.70
C SER D 244 2.91 -4.63 -25.26
N LEU D 245 3.55 -3.58 -24.74
CA LEU D 245 3.28 -2.22 -25.16
C LEU D 245 3.84 -1.99 -26.55
N TYR D 246 5.05 -2.51 -26.79
CA TYR D 246 5.65 -2.38 -28.09
C TYR D 246 4.65 -2.88 -29.14
N GLN D 247 3.99 -3.99 -28.79
CA GLN D 247 3.01 -4.61 -29.66
C GLN D 247 1.81 -3.66 -29.81
N LEU D 248 1.26 -3.23 -28.68
CA LEU D 248 0.11 -2.34 -28.67
C LEU D 248 0.31 -1.11 -29.55
N LEU D 249 1.54 -0.62 -29.62
CA LEU D 249 1.82 0.56 -30.44
C LEU D 249 1.62 0.28 -31.92
N GLN D 250 2.02 -0.91 -32.34
CA GLN D 250 1.88 -1.28 -33.73
C GLN D 250 0.44 -1.69 -34.04
N GLN D 251 -0.19 -2.44 -33.13
CA GLN D 251 -1.55 -2.88 -33.36
C GLN D 251 -2.54 -1.74 -33.39
N GLN D 252 -2.84 -1.22 -32.20
CA GLN D 252 -3.82 -0.15 -32.03
C GLN D 252 -3.53 1.22 -32.70
N PHE D 253 -2.30 1.69 -32.67
CA PHE D 253 -2.04 3.00 -33.25
C PHE D 253 -1.43 2.94 -34.62
N GLY D 254 -0.93 1.76 -34.96
CA GLY D 254 -0.34 1.55 -36.27
C GLY D 254 0.89 2.38 -36.41
N LEU D 255 1.80 2.13 -35.48
CA LEU D 255 3.01 2.85 -35.46
C LEU D 255 4.04 2.07 -36.23
N GLY D 256 4.77 2.76 -37.10
CA GLY D 256 5.79 2.12 -37.91
C GLY D 256 7.06 1.89 -37.13
N VAL D 257 7.03 0.89 -36.27
CA VAL D 257 8.18 0.56 -35.48
C VAL D 257 9.48 0.23 -36.24
N ASN D 258 9.43 0.05 -37.55
CA ASN D 258 10.67 -0.25 -38.25
C ASN D 258 10.84 0.88 -39.21
N ASP D 259 12.04 1.02 -39.75
CA ASP D 259 12.32 2.08 -40.70
C ASP D 259 13.74 2.43 -40.48
N VAL D 260 14.51 2.36 -41.54
CA VAL D 260 15.93 2.65 -41.48
C VAL D 260 16.21 3.82 -40.56
N LYS D 261 15.46 4.90 -40.77
CA LYS D 261 15.62 6.12 -40.01
C LYS D 261 14.79 6.17 -38.73
N HIS D 262 13.54 6.59 -38.83
CA HIS D 262 12.69 6.77 -37.66
C HIS D 262 12.15 5.62 -36.85
N GLY D 263 12.64 4.43 -37.12
CA GLY D 263 12.16 3.32 -36.35
C GLY D 263 12.84 3.31 -35.00
N PHE D 264 12.49 2.34 -34.17
CA PHE D 264 13.07 2.24 -32.86
C PHE D 264 12.88 0.87 -32.26
N THR D 265 13.96 0.25 -31.82
CA THR D 265 13.89 -1.10 -31.26
C THR D 265 12.91 -1.13 -30.09
N GLU D 266 12.64 -2.33 -29.61
CA GLU D 266 11.76 -2.46 -28.47
C GLU D 266 12.61 -2.19 -27.22
N ALA D 267 13.92 -2.49 -27.29
CA ALA D 267 14.77 -2.26 -26.13
C ALA D 267 14.85 -0.76 -25.85
N GLU D 268 14.71 0.04 -26.91
CA GLU D 268 14.74 1.47 -26.77
C GLU D 268 13.48 1.92 -26.07
N LEU D 269 12.34 1.33 -26.40
CA LEU D 269 11.10 1.72 -25.74
C LEU D 269 11.19 1.36 -24.28
N ALA D 270 12.00 0.35 -23.98
CA ALA D 270 12.15 -0.08 -22.59
C ALA D 270 12.90 0.97 -21.78
N ALA D 271 14.03 1.43 -22.31
CA ALA D 271 14.79 2.44 -21.62
C ALA D 271 13.92 3.67 -21.41
N VAL D 272 13.07 3.98 -22.37
CA VAL D 272 12.23 5.13 -22.22
C VAL D 272 11.23 4.98 -21.10
N MET D 273 10.58 3.83 -21.03
CA MET D 273 9.62 3.63 -19.97
C MET D 273 10.34 3.41 -18.67
N ALA D 274 11.61 3.06 -18.73
CA ALA D 274 12.32 2.79 -17.50
C ALA D 274 12.46 4.03 -16.64
N ALA D 275 12.59 5.17 -17.29
CA ALA D 275 12.74 6.42 -16.58
C ALA D 275 11.60 6.69 -15.64
N PHE D 276 10.47 6.03 -15.82
CA PHE D 276 9.33 6.27 -14.95
C PHE D 276 9.09 5.06 -14.05
N HIS E 3 -18.70 7.13 58.79
CA HIS E 3 -18.47 7.63 57.41
C HIS E 3 -19.38 6.95 56.35
N MET E 4 -19.61 7.65 55.24
CA MET E 4 -20.44 7.12 54.16
C MET E 4 -20.15 7.56 52.72
N THR E 5 -19.54 6.66 51.94
CA THR E 5 -19.19 6.92 50.54
C THR E 5 -20.42 6.94 49.65
N SER E 6 -20.27 7.50 48.45
CA SER E 6 -21.39 7.58 47.51
C SER E 6 -22.06 6.24 47.31
N PHE E 7 -21.26 5.20 47.11
CA PHE E 7 -21.77 3.85 46.91
C PHE E 7 -22.52 3.40 48.16
N LEU E 8 -21.78 3.29 49.27
CA LEU E 8 -22.29 2.88 50.56
C LEU E 8 -23.66 3.47 50.76
N HIS E 9 -23.88 4.62 50.17
CA HIS E 9 -25.17 5.28 50.29
C HIS E 9 -26.29 4.45 49.68
N ALA E 10 -26.37 4.37 48.37
CA ALA E 10 -27.43 3.58 47.75
C ALA E 10 -27.40 2.09 48.16
N TYR E 11 -26.29 1.67 48.78
CA TYR E 11 -26.20 0.29 49.25
C TYR E 11 -27.23 0.16 50.36
N PHE E 12 -27.04 0.94 51.44
CA PHE E 12 -27.96 1.00 52.59
C PHE E 12 -29.39 1.30 52.12
N THR E 13 -29.52 2.17 51.13
CA THR E 13 -30.82 2.52 50.58
C THR E 13 -31.44 1.27 49.97
N ARG E 14 -30.67 0.43 49.30
CA ARG E 14 -31.33 -0.75 48.74
C ARG E 14 -31.67 -1.76 49.80
N LEU E 15 -30.80 -1.83 50.80
CA LEU E 15 -31.00 -2.77 51.88
C LEU E 15 -32.07 -2.34 52.86
N HIS E 16 -32.82 -1.27 52.54
CA HIS E 16 -33.86 -0.76 53.45
C HIS E 16 -33.28 -0.83 54.82
N CYS E 17 -32.11 -0.24 54.99
CA CYS E 17 -31.40 -0.34 56.23
C CYS E 17 -30.73 0.97 56.69
N GLN E 18 -30.42 1.08 57.98
CA GLN E 18 -29.82 2.32 58.46
C GLN E 18 -28.30 2.27 58.45
N PRO E 19 -27.64 3.37 58.03
CA PRO E 19 -26.18 3.44 57.99
C PRO E 19 -25.43 2.80 59.16
N LEU E 20 -24.21 2.37 58.89
CA LEU E 20 -23.37 1.76 59.90
C LEU E 20 -21.98 2.21 59.55
N GLY E 21 -21.25 2.72 60.54
CA GLY E 21 -19.92 3.20 60.25
C GLY E 21 -18.86 2.45 60.98
N VAL E 22 -19.26 1.62 61.94
CA VAL E 22 -18.30 0.87 62.71
C VAL E 22 -18.30 -0.62 62.36
N PRO E 23 -17.20 -1.10 61.81
CA PRO E 23 -17.00 -2.49 61.41
C PRO E 23 -16.91 -3.45 62.58
N THR E 24 -18.01 -4.10 62.96
CA THR E 24 -18.00 -5.02 64.09
C THR E 24 -18.77 -6.25 63.73
N VAL E 25 -18.57 -7.34 64.47
CA VAL E 25 -19.27 -8.56 64.18
C VAL E 25 -20.75 -8.29 64.12
N GLU E 26 -21.27 -7.43 64.97
CA GLU E 26 -22.71 -7.19 64.92
C GLU E 26 -23.14 -6.49 63.62
N ALA E 27 -22.31 -5.56 63.15
CA ALA E 27 -22.59 -4.83 61.90
C ALA E 27 -22.67 -5.86 60.78
N LEU E 28 -21.70 -6.76 60.77
CA LEU E 28 -21.66 -7.80 59.78
C LEU E 28 -22.96 -8.61 59.91
N ARG E 29 -23.22 -9.15 61.09
CA ARG E 29 -24.40 -9.97 61.32
C ARG E 29 -25.64 -9.39 60.63
N THR E 30 -25.86 -8.09 60.78
CA THR E 30 -27.07 -7.51 60.20
C THR E 30 -27.01 -7.20 58.73
N LEU E 31 -25.89 -6.63 58.28
CA LEU E 31 -25.72 -6.32 56.86
C LEU E 31 -25.91 -7.58 56.04
N HIS E 32 -25.41 -8.69 56.54
CA HIS E 32 -25.53 -9.95 55.86
C HIS E 32 -26.99 -10.27 55.66
N LEU E 33 -27.76 -10.32 56.75
CA LEU E 33 -29.17 -10.63 56.65
C LEU E 33 -29.87 -9.62 55.76
N ALA E 34 -29.50 -8.36 55.92
CA ALA E 34 -30.10 -7.29 55.14
C ALA E 34 -29.99 -7.63 53.67
N HIS E 35 -28.75 -7.82 53.25
CA HIS E 35 -28.40 -8.14 51.91
C HIS E 35 -29.19 -9.34 51.44
N ASN E 36 -29.17 -10.40 52.24
CA ASN E 36 -29.92 -11.61 51.93
C ASN E 36 -31.39 -11.41 51.68
N CYS E 37 -31.97 -10.32 52.17
CA CYS E 37 -33.37 -10.12 51.97
C CYS E 37 -33.68 -9.12 50.92
N ALA E 38 -32.75 -8.21 50.70
CA ALA E 38 -33.00 -7.20 49.70
C ALA E 38 -32.63 -7.61 48.28
N ILE E 39 -31.37 -8.00 48.06
CA ILE E 39 -30.84 -8.36 46.74
C ILE E 39 -30.97 -9.84 46.44
N PRO E 40 -31.94 -10.23 45.61
CA PRO E 40 -32.13 -11.63 45.29
C PRO E 40 -31.04 -12.33 44.52
N PHE E 41 -31.04 -13.67 44.63
CA PHE E 41 -30.15 -14.57 43.92
C PHE E 41 -30.87 -14.88 42.61
N GLU E 42 -30.26 -14.50 41.50
CA GLU E 42 -30.88 -14.66 40.19
C GLU E 42 -29.80 -14.99 39.12
N ASN E 43 -30.21 -15.76 38.12
CA ASN E 43 -29.32 -16.15 37.08
C ASN E 43 -29.97 -15.79 35.79
N LEU E 44 -30.76 -14.73 35.79
CA LEU E 44 -31.45 -14.41 34.58
C LEU E 44 -30.60 -13.92 33.41
N ASP E 45 -29.54 -13.18 33.67
CA ASP E 45 -28.69 -12.72 32.55
C ASP E 45 -27.94 -13.85 31.84
N VAL E 46 -27.86 -15.02 32.46
CA VAL E 46 -27.20 -16.15 31.84
C VAL E 46 -28.16 -16.73 30.84
N LEU E 47 -29.44 -16.87 31.19
CA LEU E 47 -30.44 -17.49 30.30
C LEU E 47 -30.81 -16.64 29.12
N LEU E 48 -31.17 -15.37 29.34
CA LEU E 48 -31.46 -14.53 28.16
C LEU E 48 -30.00 -14.27 28.01
N PRO E 49 -29.45 -14.61 26.86
CA PRO E 49 -28.00 -14.39 26.73
C PRO E 49 -27.68 -12.91 27.02
N ARG E 50 -26.73 -12.64 27.91
CA ARG E 50 -26.42 -11.24 28.23
C ARG E 50 -25.24 -11.23 29.19
N GLU E 51 -24.05 -10.86 28.70
CA GLU E 51 -22.83 -10.88 29.53
C GLU E 51 -22.90 -10.31 30.92
N ILE E 52 -22.14 -10.90 31.84
CA ILE E 52 -22.12 -10.43 33.21
C ILE E 52 -20.86 -9.67 33.56
N GLN E 53 -20.89 -8.36 33.72
CA GLN E 53 -19.64 -7.69 34.05
C GLN E 53 -19.48 -7.85 35.53
N LEU E 54 -18.26 -7.75 36.04
CA LEU E 54 -18.04 -7.87 37.48
C LEU E 54 -17.29 -6.70 38.09
N ASP E 55 -17.16 -5.61 37.36
CA ASP E 55 -16.42 -4.43 37.85
C ASP E 55 -17.32 -3.61 38.73
N GLU E 56 -16.81 -3.14 39.86
CA GLU E 56 -17.71 -2.38 40.71
C GLU E 56 -18.14 -1.21 39.91
N THR E 57 -19.38 -1.20 39.46
CA THR E 57 -19.96 -0.12 38.64
C THR E 57 -20.99 -0.86 37.87
N ALA E 58 -20.58 -1.93 37.23
CA ALA E 58 -21.60 -2.68 36.56
C ALA E 58 -22.34 -3.27 37.75
N LEU E 59 -21.62 -3.83 38.70
CA LEU E 59 -22.31 -4.40 39.83
C LEU E 59 -23.22 -3.38 40.47
N GLU E 60 -22.70 -2.17 40.68
CA GLU E 60 -23.51 -1.12 41.30
C GLU E 60 -24.78 -0.87 40.47
N GLU E 61 -24.63 -0.65 39.18
CA GLU E 61 -25.80 -0.37 38.39
C GLU E 61 -26.77 -1.52 38.25
N LYS E 62 -26.30 -2.76 38.42
CA LYS E 62 -27.19 -3.89 38.23
C LYS E 62 -27.88 -4.32 39.50
N LEU E 63 -27.11 -4.47 40.56
CA LEU E 63 -27.69 -4.91 41.81
C LEU E 63 -28.40 -3.82 42.59
N LEU E 64 -27.88 -2.60 42.57
CA LEU E 64 -28.48 -1.47 43.25
C LEU E 64 -29.43 -0.69 42.39
N TYR E 65 -28.95 0.16 41.48
CA TYR E 65 -29.89 0.93 40.67
C TYR E 65 -30.97 0.21 39.89
N ALA E 66 -30.67 -0.88 39.22
CA ALA E 66 -31.73 -1.54 38.47
C ALA E 66 -32.54 -2.49 39.31
N ARG E 67 -32.19 -2.60 40.58
CA ARG E 67 -32.88 -3.48 41.49
C ARG E 67 -32.89 -4.92 40.94
N ARG E 68 -31.74 -5.40 40.50
CA ARG E 68 -31.69 -6.74 39.96
C ARG E 68 -30.90 -7.65 40.83
N GLY E 69 -30.92 -8.96 40.53
CA GLY E 69 -30.15 -9.92 41.32
C GLY E 69 -28.93 -10.46 40.59
N GLY E 70 -28.31 -11.49 41.15
CA GLY E 70 -27.18 -12.09 40.49
C GLY E 70 -26.79 -13.31 41.30
N TYR E 71 -25.59 -13.84 41.06
CA TYR E 71 -25.11 -14.99 41.79
C TYR E 71 -23.74 -14.81 42.42
N CYS E 72 -23.12 -15.92 42.84
CA CYS E 72 -21.82 -15.90 43.53
C CYS E 72 -21.14 -14.58 43.29
N PHE E 73 -20.54 -14.48 42.09
CA PHE E 73 -19.73 -13.36 41.69
C PHE E 73 -20.27 -11.98 41.84
N GLU E 74 -21.51 -11.78 41.40
CA GLU E 74 -22.11 -10.46 41.52
C GLU E 74 -22.44 -10.14 42.98
N LEU E 75 -23.31 -10.96 43.60
CA LEU E 75 -23.71 -10.73 44.99
C LEU E 75 -22.55 -10.51 45.98
N ASN E 76 -21.62 -11.46 46.09
CA ASN E 76 -20.51 -11.26 47.02
C ASN E 76 -19.60 -10.15 46.55
N GLY E 77 -19.57 -9.89 45.25
CA GLY E 77 -18.75 -8.80 44.73
C GLY E 77 -19.17 -7.43 45.25
N LEU E 78 -20.49 -7.23 45.27
CA LEU E 78 -21.13 -6.01 45.75
C LEU E 78 -20.95 -5.99 47.25
N PHE E 79 -21.30 -7.10 47.89
CA PHE E 79 -21.20 -7.22 49.34
C PHE E 79 -19.77 -6.87 49.79
N GLU E 80 -18.78 -7.45 49.11
CA GLU E 80 -17.39 -7.21 49.45
C GLU E 80 -17.11 -5.72 49.45
N ARG E 81 -17.59 -5.02 48.42
CA ARG E 81 -17.33 -3.57 48.34
C ARG E 81 -17.91 -2.87 49.51
N ALA E 82 -19.16 -3.19 49.83
CA ALA E 82 -19.79 -2.54 50.94
C ALA E 82 -18.94 -2.76 52.19
N LEU E 83 -18.78 -4.00 52.62
CA LEU E 83 -18.00 -4.23 53.81
C LEU E 83 -16.69 -3.46 53.78
N ARG E 84 -16.05 -3.37 52.61
CA ARG E 84 -14.79 -2.64 52.53
C ARG E 84 -14.93 -1.16 52.83
N ASP E 85 -15.89 -0.51 52.17
CA ASP E 85 -16.17 0.90 52.38
C ASP E 85 -16.63 1.17 53.82
N ILE E 86 -17.17 0.17 54.48
CA ILE E 86 -17.60 0.36 55.84
C ILE E 86 -16.39 0.24 56.75
N GLY E 87 -15.28 -0.23 56.22
CA GLY E 87 -14.09 -0.32 57.04
C GLY E 87 -13.62 -1.71 57.43
N PHE E 88 -14.37 -2.75 57.09
CA PHE E 88 -13.98 -4.11 57.43
C PHE E 88 -12.74 -4.49 56.65
N ASN E 89 -12.22 -5.66 56.99
CA ASN E 89 -11.06 -6.21 56.33
C ASN E 89 -11.53 -7.47 55.53
N VAL E 90 -11.75 -7.29 54.25
CA VAL E 90 -12.23 -8.40 53.43
C VAL E 90 -11.50 -8.65 52.13
N ARG E 91 -11.65 -9.87 51.63
CA ARG E 91 -11.09 -10.32 50.36
C ARG E 91 -11.96 -11.51 49.95
N SER E 92 -12.08 -11.80 48.67
CA SER E 92 -12.92 -12.92 48.28
C SER E 92 -12.12 -14.24 48.30
N LEU E 93 -12.83 -15.37 48.28
CA LEU E 93 -12.20 -16.68 48.22
C LEU E 93 -12.98 -17.50 47.16
N LEU E 94 -12.34 -18.48 46.54
CA LEU E 94 -13.07 -19.28 45.57
C LEU E 94 -13.16 -20.69 46.12
N GLY E 95 -14.30 -21.32 46.00
CA GLY E 95 -14.43 -22.65 46.56
C GLY E 95 -15.03 -23.57 45.54
N ARG E 96 -15.12 -24.85 45.88
CA ARG E 96 -15.65 -25.79 44.92
C ARG E 96 -16.96 -26.34 45.38
N VAL E 97 -17.94 -26.24 44.52
CA VAL E 97 -19.26 -26.71 44.87
C VAL E 97 -19.27 -28.23 44.83
N ILE E 98 -19.41 -28.83 45.99
CA ILE E 98 -19.49 -30.27 46.05
C ILE E 98 -20.84 -30.83 46.44
N LEU E 99 -21.90 -30.01 46.48
CA LEU E 99 -23.25 -30.48 46.85
C LEU E 99 -23.64 -31.80 46.20
N SER E 100 -23.69 -31.81 44.85
CA SER E 100 -24.08 -32.99 44.10
C SER E 100 -23.19 -34.20 44.42
N HIS E 101 -22.19 -33.99 45.26
CA HIS E 101 -21.31 -35.07 45.67
C HIS E 101 -20.64 -35.68 44.43
N PRO E 102 -19.87 -34.86 43.70
CA PRO E 102 -19.17 -35.26 42.46
C PRO E 102 -18.08 -36.28 42.65
N ALA E 103 -17.81 -36.99 41.56
CA ALA E 103 -16.78 -38.03 41.52
C ALA E 103 -15.40 -37.46 41.76
N SER E 104 -15.13 -36.31 41.14
CA SER E 104 -13.87 -35.60 41.28
C SER E 104 -14.10 -34.10 41.49
N LEU E 105 -13.25 -33.50 42.31
CA LEU E 105 -13.35 -32.09 42.62
C LEU E 105 -13.60 -31.23 41.40
N PRO E 106 -14.60 -30.35 41.47
CA PRO E 106 -14.98 -29.44 40.38
C PRO E 106 -14.14 -28.20 40.53
N PRO E 107 -14.21 -27.29 39.56
CA PRO E 107 -13.45 -26.05 39.57
C PRO E 107 -13.91 -25.07 40.55
N ARG E 108 -13.16 -23.98 40.67
CA ARG E 108 -13.52 -22.95 41.62
C ARG E 108 -14.64 -22.08 41.03
N THR E 109 -15.87 -22.54 41.22
CA THR E 109 -17.09 -21.92 40.75
C THR E 109 -17.70 -20.93 41.70
N HIS E 110 -17.47 -21.10 42.98
CA HIS E 110 -18.11 -20.28 43.98
C HIS E 110 -17.30 -19.25 44.67
N ARG E 111 -17.82 -18.04 44.77
CA ARG E 111 -17.07 -16.98 45.41
C ARG E 111 -17.64 -16.80 46.81
N LEU E 112 -16.85 -16.29 47.73
CA LEU E 112 -17.32 -16.10 49.06
C LEU E 112 -16.37 -15.12 49.73
N LEU E 113 -16.74 -14.59 50.89
CA LEU E 113 -15.88 -13.57 51.50
C LEU E 113 -15.24 -14.06 52.75
N LEU E 114 -14.10 -13.49 53.08
CA LEU E 114 -13.37 -13.81 54.31
C LEU E 114 -13.26 -12.47 55.02
N VAL E 115 -13.71 -12.41 56.26
CA VAL E 115 -13.69 -11.16 56.97
C VAL E 115 -12.97 -11.27 58.29
N ASP E 116 -12.10 -10.30 58.56
CA ASP E 116 -11.35 -10.28 59.80
C ASP E 116 -11.95 -9.19 60.68
N VAL E 117 -12.74 -9.64 61.65
CA VAL E 117 -13.42 -8.78 62.60
C VAL E 117 -13.05 -9.19 64.01
N GLU E 118 -12.67 -8.20 64.82
CA GLU E 118 -12.22 -8.40 66.19
C GLU E 118 -11.33 -9.66 66.39
N ASP E 119 -10.11 -9.54 65.86
CA ASP E 119 -9.09 -10.57 65.94
C ASP E 119 -9.46 -11.99 65.55
N GLU E 120 -10.64 -12.18 64.95
CA GLU E 120 -11.03 -13.51 64.49
C GLU E 120 -11.30 -13.48 62.98
N GLN E 121 -11.50 -14.66 62.40
CA GLN E 121 -11.76 -14.74 60.99
C GLN E 121 -13.10 -15.37 60.73
N TRP E 122 -13.92 -14.65 59.98
CA TRP E 122 -15.25 -15.13 59.66
C TRP E 122 -15.42 -15.25 58.16
N ILE E 123 -16.42 -15.99 57.72
CA ILE E 123 -16.68 -16.10 56.31
C ILE E 123 -18.09 -15.71 56.04
N ALA E 124 -18.28 -14.68 55.25
CA ALA E 124 -19.62 -14.23 54.91
C ALA E 124 -19.84 -14.63 53.49
N ASP E 125 -21.05 -15.06 53.16
CA ASP E 125 -21.35 -15.44 51.81
C ASP E 125 -22.82 -15.26 51.55
N VAL E 126 -23.16 -14.40 50.59
CA VAL E 126 -24.58 -14.16 50.28
C VAL E 126 -24.96 -14.64 48.89
N GLY E 127 -24.00 -15.19 48.17
CA GLY E 127 -24.28 -15.58 46.82
C GLY E 127 -24.46 -17.02 46.52
N PHE E 128 -24.58 -17.86 47.52
CA PHE E 128 -24.71 -19.28 47.26
C PHE E 128 -26.08 -19.72 46.86
N GLY E 129 -27.05 -18.83 46.91
CA GLY E 129 -28.40 -19.21 46.54
C GLY E 129 -29.27 -19.88 47.61
N GLY E 130 -29.99 -20.91 47.19
CA GLY E 130 -30.82 -21.63 48.13
C GLY E 130 -30.33 -21.67 49.58
N GLN E 131 -29.22 -22.37 49.82
CA GLN E 131 -28.74 -22.52 51.20
C GLN E 131 -27.67 -21.54 51.64
N THR E 132 -27.56 -20.39 51.03
CA THR E 132 -26.49 -19.51 51.43
C THR E 132 -26.54 -19.23 52.88
N LEU E 133 -25.42 -18.84 53.44
CA LEU E 133 -25.44 -18.44 54.83
C LEU E 133 -26.28 -17.14 54.90
N THR E 134 -26.69 -16.78 56.11
CA THR E 134 -27.46 -15.57 56.30
C THR E 134 -26.86 -14.85 57.50
N ALA E 135 -25.66 -15.28 57.85
CA ALA E 135 -24.96 -14.69 58.96
C ALA E 135 -23.50 -15.17 58.90
N PRO E 136 -22.57 -14.32 59.25
CA PRO E 136 -21.16 -14.72 59.21
C PRO E 136 -21.02 -15.98 60.06
N LEU E 137 -19.91 -16.70 59.88
CA LEU E 137 -19.59 -17.89 60.66
C LEU E 137 -18.14 -17.73 61.06
N ARG E 138 -17.72 -18.35 62.14
CA ARG E 138 -16.34 -18.28 62.55
C ARG E 138 -15.59 -19.38 61.82
N LEU E 139 -14.35 -19.11 61.44
CA LEU E 139 -13.53 -20.15 60.86
C LEU E 139 -13.06 -21.07 62.02
N GLN E 140 -13.79 -22.17 62.25
CA GLN E 140 -13.46 -23.17 63.26
C GLN E 140 -14.16 -24.45 62.92
N ALA E 141 -13.54 -25.57 63.23
CA ALA E 141 -14.14 -26.85 62.92
C ALA E 141 -15.12 -27.34 64.00
N GLU E 142 -15.91 -28.36 63.63
CA GLU E 142 -16.88 -29.02 64.49
C GLU E 142 -17.94 -28.10 65.04
N ILE E 143 -17.53 -27.01 65.66
CA ILE E 143 -18.47 -26.03 66.23
C ILE E 143 -19.71 -25.84 65.38
N ALA E 144 -20.83 -26.44 65.76
CA ALA E 144 -22.03 -26.29 64.99
C ALA E 144 -22.49 -24.85 65.12
N GLN E 145 -22.25 -24.04 64.09
CA GLN E 145 -22.65 -22.65 64.11
C GLN E 145 -24.12 -22.41 63.71
N GLN E 146 -24.72 -21.37 64.29
CA GLN E 146 -26.12 -21.06 64.06
C GLN E 146 -26.44 -19.87 63.16
N THR E 147 -27.45 -20.01 62.33
CA THR E 147 -27.82 -18.95 61.44
C THR E 147 -29.35 -18.82 61.33
N PRO E 148 -29.83 -17.59 61.17
CA PRO E 148 -31.25 -17.30 61.05
C PRO E 148 -32.00 -18.27 60.20
N HIS E 149 -31.32 -18.95 59.29
CA HIS E 149 -32.04 -19.90 58.46
C HIS E 149 -31.51 -21.28 58.47
N GLY E 150 -30.55 -21.57 59.35
CA GLY E 150 -30.05 -22.92 59.40
C GLY E 150 -28.86 -23.10 60.32
N GLU E 151 -28.42 -24.36 60.45
CA GLU E 151 -27.28 -24.70 61.27
C GLU E 151 -26.18 -25.22 60.36
N TYR E 152 -24.99 -24.66 60.53
CA TYR E 152 -23.84 -25.03 59.73
C TYR E 152 -22.60 -25.37 60.58
N ARG E 153 -21.57 -25.85 59.89
CA ARG E 153 -20.32 -26.06 60.57
C ARG E 153 -19.27 -26.16 59.52
N LEU E 154 -18.05 -25.91 59.95
CA LEU E 154 -16.92 -25.99 59.07
C LEU E 154 -16.00 -27.10 59.55
N MET E 155 -15.34 -27.72 58.58
CA MET E 155 -14.44 -28.81 58.82
C MET E 155 -13.13 -28.53 58.11
N GLN E 156 -12.01 -28.89 58.75
CA GLN E 156 -10.68 -28.74 58.13
C GLN E 156 -10.18 -30.07 57.64
N GLU E 157 -9.66 -30.15 56.43
CA GLU E 157 -9.07 -31.39 55.95
C GLU E 157 -7.78 -30.86 55.38
N GLY E 158 -6.81 -30.62 56.24
CA GLY E 158 -5.58 -30.08 55.74
C GLY E 158 -5.77 -28.58 55.80
N SER E 159 -5.33 -27.93 54.75
CA SER E 159 -5.40 -26.48 54.65
C SER E 159 -6.67 -26.14 53.89
N THR E 160 -7.45 -27.15 53.54
CA THR E 160 -8.67 -26.83 52.82
C THR E 160 -9.85 -27.00 53.76
N TRP E 161 -10.80 -26.06 53.73
CA TRP E 161 -12.00 -26.16 54.56
C TRP E 161 -13.19 -26.67 53.73
N ILE E 162 -14.23 -27.17 54.40
CA ILE E 162 -15.47 -27.64 53.77
C ILE E 162 -16.54 -27.04 54.66
N LEU E 163 -17.54 -26.36 54.09
CA LEU E 163 -18.63 -25.80 54.89
C LEU E 163 -19.83 -26.71 54.67
N GLN E 164 -20.51 -27.09 55.76
CA GLN E 164 -21.68 -27.94 55.59
C GLN E 164 -22.88 -27.56 56.45
N PHE E 165 -24.04 -28.07 56.05
CA PHE E 165 -25.29 -27.78 56.74
C PHE E 165 -26.02 -29.01 57.24
N ARG E 166 -26.72 -28.82 58.37
CA ARG E 166 -27.48 -29.91 58.95
C ARG E 166 -28.72 -29.96 58.14
N HIS E 167 -29.26 -31.16 57.93
CA HIS E 167 -30.45 -31.34 57.11
C HIS E 167 -30.88 -32.80 57.25
N HIS E 168 -32.15 -33.06 57.60
CA HIS E 168 -32.63 -34.44 57.79
C HIS E 168 -31.61 -35.32 58.56
N GLU E 169 -31.34 -34.90 59.81
CA GLU E 169 -30.47 -35.58 60.75
C GLU E 169 -29.04 -35.95 60.41
N HIS E 170 -28.45 -35.21 59.49
CA HIS E 170 -27.06 -35.43 59.14
C HIS E 170 -26.40 -34.16 58.55
N TRP E 171 -25.08 -34.10 58.57
CA TRP E 171 -24.40 -32.97 57.97
C TRP E 171 -24.23 -33.27 56.47
N GLN E 172 -24.12 -32.22 55.67
CA GLN E 172 -23.95 -32.42 54.23
C GLN E 172 -23.11 -31.29 53.69
N SER E 173 -22.01 -31.63 53.03
CA SER E 173 -21.14 -30.59 52.54
C SER E 173 -21.72 -29.80 51.39
N MET E 174 -21.55 -28.49 51.44
CA MET E 174 -22.07 -27.66 50.37
C MET E 174 -20.93 -27.29 49.46
N TYR E 175 -19.83 -26.89 50.06
CA TYR E 175 -18.68 -26.57 49.23
C TYR E 175 -17.39 -26.58 49.99
N CYS E 176 -16.27 -26.55 49.25
CA CYS E 176 -14.97 -26.56 49.89
C CYS E 176 -14.08 -25.43 49.41
N PHE E 177 -13.09 -25.05 50.20
CA PHE E 177 -12.28 -23.92 49.76
C PHE E 177 -11.10 -23.72 50.64
N ASP E 178 -10.19 -22.83 50.26
CA ASP E 178 -9.07 -22.55 51.15
C ASP E 178 -8.77 -21.08 51.15
N LEU E 179 -7.88 -20.66 52.03
CA LEU E 179 -7.62 -19.26 52.12
C LEU E 179 -6.74 -18.62 51.08
N GLY E 180 -6.57 -19.26 49.92
CA GLY E 180 -5.73 -18.65 48.91
C GLY E 180 -6.29 -17.35 48.33
N VAL E 181 -5.42 -16.42 48.03
CA VAL E 181 -5.82 -15.14 47.46
C VAL E 181 -6.39 -15.34 46.10
N GLN E 182 -7.30 -14.47 45.67
CA GLN E 182 -7.90 -14.58 44.34
C GLN E 182 -7.83 -13.22 43.71
N GLN E 183 -7.92 -13.15 42.39
CA GLN E 183 -7.81 -11.89 41.68
C GLN E 183 -9.07 -11.66 40.85
N GLN E 184 -9.40 -10.42 40.55
CA GLN E 184 -10.61 -10.19 39.76
C GLN E 184 -10.79 -11.12 38.59
N SER E 185 -9.69 -11.40 37.91
CA SER E 185 -9.77 -12.26 36.73
C SER E 185 -10.17 -13.65 37.17
N ASP E 186 -9.72 -14.04 38.35
CA ASP E 186 -10.10 -15.36 38.77
C ASP E 186 -11.59 -15.48 38.87
N HIS E 187 -12.27 -14.39 39.20
CA HIS E 187 -13.73 -14.37 39.26
C HIS E 187 -14.32 -14.26 37.88
N VAL E 188 -13.69 -13.46 37.02
CA VAL E 188 -14.18 -13.35 35.69
C VAL E 188 -14.17 -14.71 35.07
N MET E 189 -13.09 -15.46 35.24
CA MET E 189 -13.02 -16.82 34.70
C MET E 189 -14.13 -17.68 35.32
N GLY E 190 -14.27 -17.58 36.66
CA GLY E 190 -15.32 -18.32 37.33
C GLY E 190 -16.72 -18.02 36.76
N ASN E 191 -16.94 -16.73 36.51
CA ASN E 191 -18.19 -16.36 35.93
C ASN E 191 -18.30 -16.94 34.49
N PHE E 192 -17.21 -16.88 33.74
CA PHE E 192 -17.23 -17.37 32.35
C PHE E 192 -17.62 -18.83 32.31
N TRP E 193 -17.03 -19.60 33.23
CA TRP E 193 -17.33 -21.01 33.28
C TRP E 193 -18.84 -21.18 33.51
N SER E 194 -19.30 -20.68 34.67
CA SER E 194 -20.65 -20.81 35.13
C SER E 194 -21.65 -20.39 34.15
N ALA E 195 -21.37 -19.32 33.41
CA ALA E 195 -22.35 -18.85 32.45
C ALA E 195 -22.28 -19.47 31.08
N HIS E 196 -21.12 -19.99 30.68
CA HIS E 196 -20.96 -20.52 29.34
C HIS E 196 -20.61 -22.00 29.19
N TRP E 197 -20.06 -22.64 30.23
CA TRP E 197 -19.75 -24.06 30.05
C TRP E 197 -21.05 -24.80 29.80
N PRO E 198 -21.23 -25.34 28.62
CA PRO E 198 -22.47 -26.07 28.26
C PRO E 198 -23.15 -26.90 29.31
N GLN E 199 -22.42 -27.62 30.14
CA GLN E 199 -23.05 -28.43 31.16
C GLN E 199 -23.31 -27.65 32.43
N SER E 200 -23.04 -26.35 32.47
CA SER E 200 -23.32 -25.63 33.71
C SER E 200 -24.83 -25.61 34.04
N HIS E 201 -25.28 -26.09 35.19
CA HIS E 201 -26.71 -26.04 35.42
C HIS E 201 -27.35 -24.66 35.27
N PHE E 202 -26.62 -23.59 35.57
CA PHE E 202 -27.18 -22.28 35.41
C PHE E 202 -27.66 -22.00 34.04
N ARG E 203 -27.39 -22.83 33.05
CA ARG E 203 -27.85 -22.53 31.71
C ARG E 203 -29.03 -23.31 31.41
N HIS E 204 -29.52 -24.10 32.35
CA HIS E 204 -30.67 -24.91 32.03
C HIS E 204 -31.98 -24.65 32.81
N HIS E 205 -31.98 -23.61 33.62
CA HIS E 205 -33.19 -23.28 34.32
C HIS E 205 -33.10 -21.95 35.05
N LEU E 206 -34.23 -21.27 35.16
CA LEU E 206 -34.24 -20.01 35.85
C LEU E 206 -34.14 -20.26 37.35
N LEU E 207 -33.33 -19.48 38.05
CA LEU E 207 -33.22 -19.66 39.48
C LEU E 207 -33.31 -18.38 40.29
N MET E 208 -34.25 -18.34 41.22
CA MET E 208 -34.34 -17.12 41.99
C MET E 208 -34.59 -17.48 43.40
N CYS E 209 -33.98 -16.75 44.30
CA CYS E 209 -34.15 -17.04 45.69
C CYS E 209 -33.97 -15.79 46.50
N ARG E 210 -34.89 -15.51 47.40
CA ARG E 210 -34.78 -14.30 48.18
C ARG E 210 -35.03 -14.64 49.62
N HIS E 211 -34.45 -13.89 50.55
CA HIS E 211 -34.65 -14.21 51.97
C HIS E 211 -35.54 -13.27 52.72
N LEU E 212 -36.29 -13.81 53.68
CA LEU E 212 -37.24 -13.07 54.49
C LEU E 212 -36.80 -13.04 55.94
N PRO E 213 -37.21 -12.01 56.68
CA PRO E 213 -36.90 -11.78 58.10
C PRO E 213 -36.93 -12.98 59.07
N ASP E 214 -38.10 -13.60 59.25
CA ASP E 214 -38.22 -14.74 60.19
C ASP E 214 -38.01 -16.12 59.58
N GLY E 215 -36.76 -16.47 59.40
CA GLY E 215 -36.40 -17.79 58.86
C GLY E 215 -37.11 -18.20 57.58
N GLY E 216 -37.74 -17.23 56.92
CA GLY E 216 -38.46 -17.57 55.72
C GLY E 216 -37.66 -17.23 54.50
N LYS E 217 -38.03 -17.82 53.36
CA LYS E 217 -37.35 -17.53 52.12
C LYS E 217 -38.22 -17.89 50.98
N LEU E 218 -37.93 -17.31 49.82
CA LEU E 218 -38.69 -17.57 48.61
C LEU E 218 -37.79 -18.33 47.62
N THR E 219 -38.40 -19.05 46.69
CA THR E 219 -37.64 -19.89 45.82
C THR E 219 -38.29 -20.13 44.53
N LEU E 220 -37.69 -19.68 43.46
CA LEU E 220 -38.26 -19.94 42.19
C LEU E 220 -37.28 -20.85 41.42
N THR E 221 -37.84 -21.74 40.61
CA THR E 221 -37.10 -22.67 39.79
C THR E 221 -38.00 -22.83 38.59
N ASN E 222 -37.82 -22.00 37.58
CA ASN E 222 -38.69 -22.05 36.43
C ASN E 222 -40.03 -21.57 36.90
N PHE E 223 -41.06 -22.39 36.77
CA PHE E 223 -42.36 -21.94 37.24
C PHE E 223 -42.68 -22.44 38.63
N HIS E 224 -41.79 -23.22 39.22
CA HIS E 224 -42.09 -23.73 40.56
C HIS E 224 -41.66 -22.75 41.63
N PHE E 225 -42.66 -22.06 42.19
CA PHE E 225 -42.50 -21.05 43.24
C PHE E 225 -42.71 -21.72 44.57
N THR E 226 -42.04 -21.27 45.62
CA THR E 226 -42.15 -21.91 46.93
C THR E 226 -41.83 -20.95 48.06
N ARG E 227 -42.67 -20.92 49.10
CA ARG E 227 -42.43 -20.03 50.24
C ARG E 227 -42.05 -20.89 51.44
N TYR E 228 -41.19 -20.41 52.30
CA TYR E 228 -40.77 -21.24 53.42
C TYR E 228 -40.85 -20.42 54.66
N HIS E 229 -41.20 -21.06 55.78
CA HIS E 229 -41.22 -20.37 57.06
C HIS E 229 -40.46 -21.21 58.05
N GLN E 230 -39.60 -20.55 58.83
CA GLN E 230 -38.76 -21.28 59.79
C GLN E 230 -38.24 -22.58 59.17
N GLY E 231 -37.85 -22.47 57.90
CA GLY E 231 -37.30 -23.59 57.18
C GLY E 231 -38.29 -24.65 56.82
N HIS E 232 -39.53 -24.27 56.54
CA HIS E 232 -40.51 -25.28 56.18
C HIS E 232 -41.27 -24.84 54.96
N ALA E 233 -41.62 -25.81 54.13
CA ALA E 233 -42.33 -25.52 52.89
C ALA E 233 -43.79 -25.19 53.08
N VAL E 234 -44.06 -23.92 53.29
CA VAL E 234 -45.43 -23.44 53.47
C VAL E 234 -45.94 -22.88 52.17
N GLU E 235 -46.83 -23.54 51.43
CA GLU E 235 -47.29 -23.02 50.12
C GLU E 235 -46.30 -23.25 48.92
N GLN E 236 -46.80 -23.87 47.86
CA GLN E 236 -45.97 -24.14 46.69
C GLN E 236 -46.81 -23.94 45.51
N VAL E 237 -46.68 -22.78 44.87
CA VAL E 237 -47.44 -22.48 43.69
C VAL E 237 -46.69 -22.76 42.40
N ASN E 238 -47.41 -23.24 41.41
CA ASN E 238 -46.78 -23.55 40.17
C ASN E 238 -47.29 -22.53 39.19
N VAL E 239 -46.64 -21.39 39.11
CA VAL E 239 -47.04 -20.35 38.17
C VAL E 239 -47.45 -20.93 36.80
N PRO E 240 -48.64 -20.54 36.31
CA PRO E 240 -49.21 -21.00 35.02
C PRO E 240 -48.85 -20.35 33.72
N ASP E 241 -48.13 -19.24 33.74
CA ASP E 241 -47.81 -18.60 32.48
C ASP E 241 -46.70 -17.56 32.61
N VAL E 242 -46.14 -17.19 31.47
CA VAL E 242 -45.06 -16.22 31.49
C VAL E 242 -45.47 -14.91 32.14
N PRO E 243 -46.56 -14.29 31.67
CA PRO E 243 -47.07 -13.03 32.21
C PRO E 243 -47.16 -13.06 33.73
N SER E 244 -47.84 -14.09 34.19
CA SER E 244 -48.02 -14.30 35.58
C SER E 244 -46.65 -14.34 36.30
N LEU E 245 -45.66 -15.01 35.69
CA LEU E 245 -44.33 -15.13 36.29
C LEU E 245 -43.62 -13.80 36.29
N TYR E 246 -43.77 -13.05 35.21
CA TYR E 246 -43.17 -11.73 35.07
C TYR E 246 -43.64 -10.87 36.23
N GLN E 247 -44.88 -11.10 36.63
CA GLN E 247 -45.46 -10.36 37.73
C GLN E 247 -44.81 -10.85 39.03
N LEU E 248 -44.83 -12.16 39.24
CA LEU E 248 -44.25 -12.72 40.44
C LEU E 248 -42.83 -12.27 40.70
N LEU E 249 -42.05 -12.03 39.63
CA LEU E 249 -40.68 -11.61 39.77
C LEU E 249 -40.60 -10.25 40.39
N GLN E 250 -41.52 -9.38 40.00
CA GLN E 250 -41.52 -8.06 40.57
C GLN E 250 -42.18 -8.02 41.94
N GLN E 251 -43.22 -8.82 42.14
CA GLN E 251 -43.88 -8.81 43.44
C GLN E 251 -43.04 -9.44 44.56
N GLN E 252 -42.95 -10.76 44.51
CA GLN E 252 -42.22 -11.52 45.48
C GLN E 252 -40.72 -11.28 45.61
N PHE E 253 -40.00 -11.13 44.52
CA PHE E 253 -38.55 -10.96 44.62
C PHE E 253 -38.10 -9.54 44.53
N GLY E 254 -39.00 -8.69 44.05
CA GLY E 254 -38.73 -7.28 43.93
C GLY E 254 -37.68 -7.05 42.91
N LEU E 255 -37.87 -7.62 41.75
CA LEU E 255 -36.93 -7.50 40.68
C LEU E 255 -37.22 -6.26 39.88
N GLY E 256 -36.18 -5.46 39.64
CA GLY E 256 -36.35 -4.26 38.84
C GLY E 256 -36.51 -4.56 37.36
N VAL E 257 -37.71 -4.94 36.93
CA VAL E 257 -37.94 -5.25 35.53
C VAL E 257 -37.72 -4.13 34.49
N ASN E 258 -37.57 -2.90 34.94
CA ASN E 258 -37.36 -1.81 34.00
C ASN E 258 -36.06 -1.23 34.36
N ASP E 259 -35.46 -0.53 33.42
CA ASP E 259 -34.17 0.11 33.65
C ASP E 259 -33.60 0.17 32.29
N VAL E 260 -33.15 1.36 31.92
CA VAL E 260 -32.61 1.59 30.60
C VAL E 260 -31.70 0.46 30.15
N LYS E 261 -30.78 0.11 31.05
CA LYS E 261 -29.78 -0.92 30.81
C LYS E 261 -30.23 -2.35 31.15
N HIS E 262 -30.15 -2.70 32.45
CA HIS E 262 -30.47 -4.04 32.90
C HIS E 262 -31.86 -4.57 32.96
N GLY E 263 -32.84 -3.81 32.48
CA GLY E 263 -34.19 -4.34 32.53
C GLY E 263 -34.37 -5.35 31.43
N PHE E 264 -35.57 -5.89 31.36
CA PHE E 264 -35.87 -6.83 30.33
C PHE E 264 -37.41 -6.92 30.14
N THR E 265 -37.86 -6.91 28.90
CA THR E 265 -39.27 -7.02 28.58
C THR E 265 -39.83 -8.33 29.07
N GLU E 266 -41.14 -8.48 29.04
CA GLU E 266 -41.75 -9.69 29.46
C GLU E 266 -41.69 -10.63 28.26
N ALA E 267 -41.58 -10.09 27.05
CA ALA E 267 -41.52 -10.99 25.91
C ALA E 267 -40.14 -11.69 25.93
N GLU E 268 -39.16 -11.03 26.53
CA GLU E 268 -37.83 -11.64 26.62
C GLU E 268 -37.89 -12.83 27.60
N LEU E 269 -38.57 -12.65 28.73
CA LEU E 269 -38.64 -13.72 29.68
C LEU E 269 -39.36 -14.86 29.05
N ALA E 270 -40.15 -14.58 28.03
CA ALA E 270 -40.92 -15.65 27.44
C ALA E 270 -40.02 -16.52 26.67
N ALA E 271 -39.19 -15.89 25.85
CA ALA E 271 -38.25 -16.63 25.00
C ALA E 271 -37.36 -17.48 25.88
N VAL E 272 -37.02 -16.94 27.05
CA VAL E 272 -36.18 -17.67 27.96
C VAL E 272 -36.83 -18.90 28.47
N MET E 273 -38.05 -18.82 28.95
CA MET E 273 -38.74 -20.00 29.45
C MET E 273 -39.14 -20.87 28.29
N ALA E 274 -39.14 -20.34 27.08
CA ALA E 274 -39.56 -21.14 25.97
C ALA E 274 -38.57 -22.24 25.71
N ALA E 275 -37.30 -22.01 26.05
CA ALA E 275 -36.26 -23.02 25.85
C ALA E 275 -36.51 -24.32 26.61
N PHE E 276 -37.34 -24.24 27.64
CA PHE E 276 -37.63 -25.43 28.41
C PHE E 276 -39.06 -25.93 28.23
N HIS F 3 -45.97 13.76 6.08
CA HIS F 3 -46.20 13.18 7.44
C HIS F 3 -44.90 12.78 8.17
N MET F 4 -44.98 12.70 9.48
CA MET F 4 -43.81 12.33 10.25
C MET F 4 -44.08 11.65 11.60
N THR F 5 -43.82 10.33 11.64
CA THR F 5 -43.97 9.49 12.85
C THR F 5 -42.86 9.70 13.90
N SER F 6 -43.17 9.31 15.12
CA SER F 6 -42.20 9.52 16.16
C SER F 6 -40.82 9.10 15.78
N PHE F 7 -40.74 7.98 15.10
CA PHE F 7 -39.45 7.42 14.73
C PHE F 7 -38.80 8.28 13.70
N LEU F 8 -39.54 8.40 12.61
CA LEU F 8 -39.11 9.16 11.46
C LEU F 8 -38.48 10.48 11.91
N HIS F 9 -38.93 10.97 13.05
CA HIS F 9 -38.40 12.19 13.60
C HIS F 9 -36.93 12.06 13.91
N ALA F 10 -36.57 11.28 14.92
CA ALA F 10 -35.15 11.14 15.23
C ALA F 10 -34.34 10.52 14.19
N TYR F 11 -35.00 9.95 13.18
CA TYR F 11 -34.27 9.39 12.07
C TYR F 11 -33.65 10.57 11.32
N PHE F 12 -34.50 11.51 10.89
CA PHE F 12 -34.06 12.71 10.16
C PHE F 12 -33.09 13.49 11.04
N THR F 13 -33.38 13.56 12.32
CA THR F 13 -32.48 14.21 13.23
C THR F 13 -31.11 13.58 13.20
N ARG F 14 -31.03 12.27 13.15
CA ARG F 14 -29.70 11.66 13.15
C ARG F 14 -29.05 11.86 11.78
N LEU F 15 -29.84 11.81 10.73
CA LEU F 15 -29.33 12.01 9.40
C LEU F 15 -28.91 13.44 9.07
N HIS F 16 -29.03 14.38 10.03
CA HIS F 16 -28.67 15.80 9.84
C HIS F 16 -29.32 16.17 8.53
N CYS F 17 -30.61 15.89 8.44
CA CYS F 17 -31.30 16.07 7.19
C CYS F 17 -32.69 16.56 7.36
N GLN F 18 -33.26 17.14 6.30
CA GLN F 18 -34.61 17.71 6.38
C GLN F 18 -35.72 16.73 6.03
N PRO F 19 -36.79 16.74 6.81
CA PRO F 19 -37.91 15.84 6.58
C PRO F 19 -38.29 15.65 5.14
N LEU F 20 -38.85 14.50 4.83
CA LEU F 20 -39.32 14.18 3.47
C LEU F 20 -40.61 13.42 3.66
N GLY F 21 -41.64 13.76 2.89
CA GLY F 21 -42.90 13.07 3.07
C GLY F 21 -43.40 12.40 1.82
N VAL F 22 -42.71 12.64 0.71
CA VAL F 22 -43.14 12.06 -0.54
C VAL F 22 -42.15 11.05 -1.05
N PRO F 23 -42.53 9.78 -1.05
CA PRO F 23 -41.74 8.62 -1.50
C PRO F 23 -41.42 8.60 -2.98
N THR F 24 -40.27 9.10 -3.38
CA THR F 24 -39.96 9.14 -4.79
C THR F 24 -38.54 8.73 -4.99
N VAL F 25 -38.16 8.40 -6.21
CA VAL F 25 -36.79 8.00 -6.42
C VAL F 25 -35.84 9.04 -5.88
N GLU F 26 -36.16 10.32 -6.02
CA GLU F 26 -35.21 11.31 -5.53
C GLU F 26 -35.07 11.28 -4.01
N ALA F 27 -36.19 11.05 -3.34
CA ALA F 27 -36.18 11.00 -1.89
C ALA F 27 -35.24 9.84 -1.47
N LEU F 28 -35.41 8.72 -2.15
CA LEU F 28 -34.59 7.57 -1.86
C LEU F 28 -33.15 8.02 -2.10
N ARG F 29 -32.88 8.48 -3.31
CA ARG F 29 -31.54 8.89 -3.66
C ARG F 29 -30.78 9.59 -2.55
N THR F 30 -31.45 10.52 -1.88
CA THR F 30 -30.77 11.29 -0.85
C THR F 30 -30.73 10.63 0.52
N LEU F 31 -31.84 10.02 0.93
CA LEU F 31 -31.91 9.36 2.22
C LEU F 31 -30.80 8.35 2.29
N HIS F 32 -30.59 7.66 1.18
CA HIS F 32 -29.56 6.65 1.10
C HIS F 32 -28.23 7.25 1.44
N LEU F 33 -27.82 8.25 0.66
CA LEU F 33 -26.54 8.89 0.92
C LEU F 33 -26.53 9.51 2.30
N ALA F 34 -27.69 9.97 2.75
CA ALA F 34 -27.76 10.60 4.05
C ALA F 34 -27.30 9.60 5.09
N HIS F 35 -28.00 8.46 5.06
CA HIS F 35 -27.78 7.33 5.94
C HIS F 35 -26.33 6.92 5.87
N ASN F 36 -25.86 6.70 4.66
CA ASN F 36 -24.49 6.29 4.45
C ASN F 36 -23.47 7.19 5.09
N CYS F 37 -23.82 8.41 5.45
CA CYS F 37 -22.81 9.29 5.99
C CYS F 37 -23.01 9.53 7.44
N ALA F 38 -24.21 9.29 7.89
CA ALA F 38 -24.53 9.51 9.27
C ALA F 38 -24.28 8.33 10.21
N ILE F 39 -24.94 7.21 9.91
CA ILE F 39 -24.84 5.96 10.68
C ILE F 39 -23.75 5.01 10.18
N PRO F 40 -22.61 4.95 10.85
CA PRO F 40 -21.51 4.10 10.42
C PRO F 40 -21.74 2.62 10.43
N PHE F 41 -20.87 1.93 9.71
CA PHE F 41 -20.87 0.48 9.61
C PHE F 41 -19.89 0.03 10.71
N GLU F 42 -20.39 -0.72 11.67
CA GLU F 42 -19.54 -1.14 12.79
C GLU F 42 -19.97 -2.54 13.22
N ASN F 43 -19.02 -3.29 13.73
CA ASN F 43 -19.24 -4.66 14.18
C ASN F 43 -18.76 -4.77 15.60
N LEU F 44 -18.69 -3.65 16.28
CA LEU F 44 -18.15 -3.69 17.61
C LEU F 44 -18.92 -4.52 18.64
N ASP F 45 -20.22 -4.67 18.50
CA ASP F 45 -20.95 -5.46 19.50
C ASP F 45 -20.64 -6.95 19.30
N VAL F 46 -20.03 -7.28 18.17
CA VAL F 46 -19.69 -8.65 17.93
C VAL F 46 -18.44 -8.95 18.66
N LEU F 47 -17.45 -8.09 18.57
CA LEU F 47 -16.19 -8.36 19.27
C LEU F 47 -16.26 -8.30 20.78
N LEU F 48 -16.75 -7.20 21.33
CA LEU F 48 -16.85 -7.16 22.78
C LEU F 48 -18.08 -7.99 22.72
N PRO F 49 -18.05 -9.16 23.36
CA PRO F 49 -19.27 -9.97 23.27
C PRO F 49 -20.46 -9.14 23.74
N ARG F 50 -21.54 -9.13 22.97
CA ARG F 50 -22.74 -8.35 23.34
C ARG F 50 -23.79 -8.59 22.29
N GLU F 51 -24.88 -9.25 22.67
CA GLU F 51 -25.94 -9.58 21.70
C GLU F 51 -26.56 -8.46 20.90
N ILE F 52 -26.85 -8.74 19.63
CA ILE F 52 -27.43 -7.76 18.72
C ILE F 52 -28.91 -7.97 18.53
N GLN F 53 -29.75 -7.14 19.14
CA GLN F 53 -31.20 -7.34 18.94
C GLN F 53 -31.53 -6.76 17.60
N LEU F 54 -32.59 -7.22 16.96
CA LEU F 54 -32.96 -6.67 15.69
C LEU F 54 -34.38 -6.14 15.63
N ASP F 55 -35.04 -5.99 16.78
CA ASP F 55 -36.40 -5.47 16.79
C ASP F 55 -36.37 -3.97 16.68
N GLU F 56 -37.27 -3.42 15.88
CA GLU F 56 -37.28 -1.97 15.78
C GLU F 56 -37.56 -1.45 17.18
N THR F 57 -36.53 -0.91 17.80
CA THR F 57 -36.62 -0.34 19.15
C THR F 57 -35.23 -0.52 19.67
N ALA F 58 -34.73 -1.72 19.49
CA ALA F 58 -33.39 -1.91 19.92
C ALA F 58 -32.68 -1.17 18.82
N LEU F 59 -33.07 -1.41 17.56
CA LEU F 59 -32.41 -0.73 16.45
C LEU F 59 -32.46 0.78 16.64
N GLU F 60 -33.61 1.25 17.08
CA GLU F 60 -33.83 2.66 17.28
C GLU F 60 -32.87 3.17 18.34
N GLU F 61 -32.86 2.50 19.49
CA GLU F 61 -31.99 2.92 20.59
C GLU F 61 -30.50 2.76 20.33
N LYS F 62 -30.11 1.91 19.39
CA LYS F 62 -28.71 1.70 19.16
C LYS F 62 -28.19 2.58 18.07
N LEU F 63 -28.85 2.53 16.93
CA LEU F 63 -28.42 3.34 15.83
C LEU F 63 -28.73 4.86 15.92
N LEU F 64 -29.89 5.23 16.45
CA LEU F 64 -30.26 6.62 16.56
C LEU F 64 -29.89 7.19 17.90
N TYR F 65 -30.59 6.84 18.98
CA TYR F 65 -30.24 7.45 20.26
C TYR F 65 -28.83 7.33 20.78
N ALA F 66 -28.21 6.16 20.65
CA ALA F 66 -26.87 5.99 21.15
C ALA F 66 -25.79 6.40 20.21
N ARG F 67 -26.22 6.81 19.02
CA ARG F 67 -25.31 7.23 17.97
C ARG F 67 -24.31 6.14 17.68
N ARG F 68 -24.81 4.91 17.51
CA ARG F 68 -23.92 3.79 17.21
C ARG F 68 -24.14 3.24 15.84
N GLY F 69 -23.25 2.34 15.45
CA GLY F 69 -23.38 1.74 14.13
C GLY F 69 -23.79 0.28 14.19
N GLY F 70 -23.76 -0.37 13.04
CA GLY F 70 -24.12 -1.77 12.95
C GLY F 70 -23.70 -2.31 11.61
N TYR F 71 -24.31 -3.42 11.20
CA TYR F 71 -24.00 -4.00 9.89
C TYR F 71 -25.25 -4.48 9.17
N CYS F 72 -25.08 -5.21 8.08
CA CYS F 72 -26.22 -5.68 7.32
C CYS F 72 -27.51 -5.49 8.09
N PHE F 73 -27.83 -6.48 8.91
CA PHE F 73 -29.09 -6.50 9.66
C PHE F 73 -29.56 -5.27 10.38
N GLU F 74 -28.69 -4.63 11.14
CA GLU F 74 -29.10 -3.44 11.87
C GLU F 74 -29.31 -2.28 10.91
N LEU F 75 -28.27 -1.88 10.15
CA LEU F 75 -28.37 -0.76 9.23
C LEU F 75 -29.56 -0.87 8.30
N ASN F 76 -29.64 -1.90 7.47
CA ASN F 76 -30.80 -1.97 6.58
C ASN F 76 -32.11 -2.14 7.31
N GLY F 77 -32.04 -2.61 8.54
CA GLY F 77 -33.26 -2.80 9.27
C GLY F 77 -33.88 -1.49 9.62
N LEU F 78 -33.05 -0.56 10.06
CA LEU F 78 -33.44 0.79 10.47
C LEU F 78 -33.87 1.51 9.22
N PHE F 79 -33.03 1.45 8.19
CA PHE F 79 -33.33 2.09 6.94
C PHE F 79 -34.69 1.62 6.45
N GLU F 80 -34.92 0.30 6.48
CA GLU F 80 -36.19 -0.21 5.99
C GLU F 80 -37.31 0.46 6.74
N ARG F 81 -37.20 0.60 8.06
CA ARG F 81 -38.30 1.19 8.81
C ARG F 81 -38.56 2.59 8.28
N ALA F 82 -37.49 3.36 8.16
CA ALA F 82 -37.61 4.71 7.67
C ALA F 82 -38.38 4.71 6.34
N LEU F 83 -37.75 4.19 5.29
CA LEU F 83 -38.45 4.13 4.03
C LEU F 83 -39.92 3.75 4.19
N ARG F 84 -40.24 2.87 5.12
CA ARG F 84 -41.63 2.45 5.27
C ARG F 84 -42.47 3.56 5.82
N ASP F 85 -42.05 4.11 6.93
CA ASP F 85 -42.76 5.22 7.55
C ASP F 85 -42.91 6.44 6.59
N ILE F 86 -41.99 6.58 5.65
CA ILE F 86 -42.04 7.70 4.74
C ILE F 86 -43.03 7.35 3.67
N GLY F 87 -43.48 6.10 3.65
CA GLY F 87 -44.48 5.71 2.67
C GLY F 87 -44.04 4.85 1.48
N PHE F 88 -42.75 4.54 1.37
CA PHE F 88 -42.27 3.71 0.25
C PHE F 88 -42.81 2.29 0.39
N ASN F 89 -42.49 1.50 -0.62
CA ASN F 89 -42.89 0.10 -0.63
C ASN F 89 -41.59 -0.74 -0.50
N VAL F 90 -41.33 -1.23 0.71
CA VAL F 90 -40.12 -2.01 0.96
C VAL F 90 -40.28 -3.28 1.73
N ARG F 91 -39.29 -4.14 1.56
CA ARG F 91 -39.17 -5.44 2.21
C ARG F 91 -37.69 -5.80 2.11
N SER F 92 -37.18 -6.58 3.05
CA SER F 92 -35.76 -6.94 2.97
C SER F 92 -35.52 -8.15 2.09
N LEU F 93 -34.28 -8.38 1.70
CA LEU F 93 -33.89 -9.53 0.90
C LEU F 93 -32.59 -10.13 1.48
N LEU F 94 -32.37 -11.42 1.33
CA LEU F 94 -31.13 -11.95 1.88
C LEU F 94 -30.32 -12.43 0.72
N GLY F 95 -29.02 -12.14 0.76
CA GLY F 95 -28.17 -12.58 -0.32
C GLY F 95 -26.91 -13.27 0.18
N ARG F 96 -26.09 -13.77 -0.73
CA ARG F 96 -24.90 -14.47 -0.33
C ARG F 96 -23.67 -13.72 -0.71
N VAL F 97 -22.82 -13.49 0.28
CA VAL F 97 -21.59 -12.79 0.04
C VAL F 97 -20.62 -13.66 -0.72
N ILE F 98 -20.32 -13.29 -1.95
CA ILE F 98 -19.40 -14.05 -2.76
C ILE F 98 -18.12 -13.32 -3.05
N LEU F 99 -17.87 -12.19 -2.40
CA LEU F 99 -16.62 -11.44 -2.66
C LEU F 99 -15.37 -12.29 -2.74
N SER F 100 -15.07 -13.00 -1.66
CA SER F 100 -13.89 -13.84 -1.57
C SER F 100 -13.84 -14.89 -2.67
N HIS F 101 -14.90 -14.96 -3.47
CA HIS F 101 -14.96 -15.90 -4.57
C HIS F 101 -14.83 -17.32 -4.01
N PRO F 102 -15.79 -17.73 -3.16
CA PRO F 102 -15.85 -19.03 -2.51
C PRO F 102 -16.06 -20.18 -3.45
N ALA F 103 -15.58 -21.34 -3.02
CA ALA F 103 -15.69 -22.57 -3.79
C ALA F 103 -17.19 -22.97 -3.95
N SER F 104 -17.96 -22.78 -2.89
CA SER F 104 -19.39 -23.11 -2.92
C SER F 104 -20.20 -22.00 -2.26
N LEU F 105 -21.40 -21.76 -2.79
CA LEU F 105 -22.27 -20.71 -2.29
C LEU F 105 -22.41 -20.71 -0.80
N PRO F 106 -22.18 -19.55 -0.17
CA PRO F 106 -22.27 -19.35 1.28
C PRO F 106 -23.68 -19.09 1.63
N PRO F 107 -24.00 -19.10 2.91
CA PRO F 107 -25.38 -18.88 3.36
C PRO F 107 -25.85 -17.46 3.19
N ARG F 108 -27.13 -17.21 3.50
CA ARG F 108 -27.73 -15.89 3.39
C ARG F 108 -27.29 -15.02 4.55
N THR F 109 -26.10 -14.44 4.40
CA THR F 109 -25.45 -13.58 5.39
C THR F 109 -25.81 -12.10 5.29
N HIS F 110 -26.17 -11.66 4.08
CA HIS F 110 -26.41 -10.25 3.84
C HIS F 110 -27.81 -9.81 3.60
N ARG F 111 -28.19 -8.74 4.29
CA ARG F 111 -29.54 -8.23 4.14
C ARG F 111 -29.47 -7.06 3.19
N LEU F 112 -30.56 -6.77 2.50
CA LEU F 112 -30.58 -5.64 1.60
C LEU F 112 -32.02 -5.29 1.35
N LEU F 113 -32.29 -4.12 0.78
CA LEU F 113 -33.66 -3.71 0.59
C LEU F 113 -34.14 -3.73 -0.84
N LEU F 114 -35.44 -3.98 -1.01
CA LEU F 114 -36.06 -3.98 -2.33
C LEU F 114 -37.11 -2.89 -2.23
N VAL F 115 -37.01 -1.90 -3.11
CA VAL F 115 -37.96 -0.79 -3.07
C VAL F 115 -38.70 -0.62 -4.36
N ASP F 116 -40.02 -0.45 -4.27
CA ASP F 116 -40.86 -0.23 -5.45
C ASP F 116 -41.26 1.24 -5.53
N VAL F 117 -40.53 1.99 -6.35
CA VAL F 117 -40.76 3.40 -6.55
C VAL F 117 -41.04 3.69 -8.01
N GLU F 118 -42.14 4.42 -8.24
CA GLU F 118 -42.59 4.81 -9.58
C GLU F 118 -42.53 3.66 -10.59
N ASP F 119 -43.38 2.68 -10.32
CA ASP F 119 -43.52 1.49 -11.15
C ASP F 119 -42.26 0.68 -11.49
N GLU F 120 -41.14 0.98 -10.84
CA GLU F 120 -39.94 0.21 -11.10
C GLU F 120 -39.48 -0.42 -9.79
N GLN F 121 -38.44 -1.25 -9.87
CA GLN F 121 -37.91 -1.91 -8.68
C GLN F 121 -36.46 -1.61 -8.49
N TRP F 122 -36.16 -1.09 -7.31
CA TRP F 122 -34.79 -0.70 -7.00
C TRP F 122 -34.32 -1.44 -5.77
N ILE F 123 -33.01 -1.52 -5.61
CA ILE F 123 -32.48 -2.18 -4.44
C ILE F 123 -31.58 -1.21 -3.74
N ALA F 124 -31.92 -0.91 -2.49
CA ALA F 124 -31.14 -0.01 -1.66
C ALA F 124 -30.43 -0.84 -0.61
N ASP F 125 -29.19 -0.49 -0.34
CA ASP F 125 -28.43 -1.24 0.62
C ASP F 125 -27.37 -0.39 1.26
N VAL F 126 -27.51 -0.16 2.55
CA VAL F 126 -26.55 0.67 3.24
C VAL F 126 -25.70 -0.14 4.18
N GLY F 127 -26.00 -1.43 4.31
CA GLY F 127 -25.26 -2.22 5.26
C GLY F 127 -24.13 -3.10 4.83
N PHE F 128 -23.72 -3.01 3.58
CA PHE F 128 -22.66 -3.88 3.15
C PHE F 128 -21.25 -3.47 3.53
N GLY F 129 -21.10 -2.37 4.25
CA GLY F 129 -19.76 -1.94 4.62
C GLY F 129 -18.93 -1.19 3.57
N GLY F 130 -17.65 -1.55 3.49
CA GLY F 130 -16.77 -0.90 2.55
C GLY F 130 -17.34 -0.44 1.21
N GLN F 131 -17.83 -1.38 0.41
CA GLN F 131 -18.33 -1.04 -0.90
C GLN F 131 -19.82 -0.98 -0.96
N THR F 132 -20.52 -0.71 0.12
CA THR F 132 -21.96 -0.65 -0.01
C THR F 132 -22.37 0.33 -1.07
N LEU F 133 -23.60 0.21 -1.52
CA LEU F 133 -24.11 1.16 -2.48
C LEU F 133 -24.32 2.48 -1.72
N THR F 134 -24.43 3.58 -2.45
CA THR F 134 -24.66 4.84 -1.78
C THR F 134 -25.80 5.50 -2.52
N ALA F 135 -26.51 4.68 -3.27
CA ALA F 135 -27.65 5.14 -4.02
C ALA F 135 -28.40 3.99 -4.63
N PRO F 136 -29.72 4.04 -4.60
CA PRO F 136 -30.54 2.96 -5.17
C PRO F 136 -29.99 2.60 -6.50
N LEU F 137 -30.38 1.41 -6.96
CA LEU F 137 -30.02 0.93 -8.29
C LEU F 137 -31.29 0.33 -8.86
N ARG F 138 -31.37 0.27 -10.18
CA ARG F 138 -32.56 -0.28 -10.82
C ARG F 138 -32.31 -1.76 -11.04
N LEU F 139 -33.35 -2.57 -10.87
CA LEU F 139 -33.22 -4.00 -11.09
C LEU F 139 -33.15 -4.26 -12.59
N GLN F 140 -31.92 -4.24 -13.13
CA GLN F 140 -31.72 -4.48 -14.57
C GLN F 140 -30.31 -4.94 -14.83
N ALA F 141 -30.16 -5.86 -15.77
CA ALA F 141 -28.83 -6.39 -16.09
C ALA F 141 -28.02 -5.49 -17.02
N GLU F 142 -26.73 -5.79 -17.10
CA GLU F 142 -25.77 -5.06 -17.93
C GLU F 142 -25.61 -3.55 -17.65
N ILE F 143 -26.74 -2.86 -17.65
CA ILE F 143 -26.79 -1.42 -17.40
C ILE F 143 -25.82 -0.99 -16.34
N ALA F 144 -24.63 -0.56 -16.73
CA ALA F 144 -23.65 -0.08 -15.75
C ALA F 144 -24.21 1.14 -14.98
N GLN F 145 -24.79 0.91 -13.79
CA GLN F 145 -25.38 1.99 -12.99
C GLN F 145 -24.32 2.78 -12.24
N GLN F 146 -24.63 4.05 -11.98
CA GLN F 146 -23.71 4.94 -11.33
C GLN F 146 -24.09 5.34 -9.93
N THR F 147 -23.08 5.52 -9.09
CA THR F 147 -23.30 5.87 -7.67
C THR F 147 -22.22 6.80 -7.19
N PRO F 148 -22.56 7.73 -6.29
CA PRO F 148 -21.66 8.72 -5.71
C PRO F 148 -20.30 8.17 -5.33
N HIS F 149 -20.20 6.86 -5.11
CA HIS F 149 -18.90 6.31 -4.74
C HIS F 149 -18.41 5.22 -5.62
N GLY F 150 -19.13 4.92 -6.69
CA GLY F 150 -18.65 3.87 -7.58
C GLY F 150 -19.59 3.53 -8.70
N GLU F 151 -19.16 2.58 -9.53
CA GLU F 151 -19.95 2.12 -10.64
C GLU F 151 -20.29 0.68 -10.35
N TYR F 152 -21.58 0.39 -10.34
CA TYR F 152 -22.00 -0.95 -10.05
C TYR F 152 -22.71 -1.46 -11.26
N ARG F 153 -23.28 -2.65 -11.12
CA ARG F 153 -24.05 -3.29 -12.18
C ARG F 153 -24.47 -4.65 -11.66
N LEU F 154 -25.00 -5.49 -12.53
CA LEU F 154 -25.42 -6.79 -12.07
C LEU F 154 -25.97 -7.63 -13.20
N MET F 155 -25.82 -8.93 -13.09
CA MET F 155 -26.32 -9.78 -14.13
C MET F 155 -27.48 -10.60 -13.56
N GLN F 156 -27.99 -11.55 -14.32
CA GLN F 156 -29.11 -12.31 -13.79
C GLN F 156 -29.19 -13.81 -14.10
N GLU F 157 -28.06 -14.52 -13.98
CA GLU F 157 -27.98 -15.97 -14.20
C GLU F 157 -29.19 -16.57 -13.50
N GLY F 158 -30.03 -17.26 -14.28
CA GLY F 158 -31.22 -17.90 -13.75
C GLY F 158 -32.17 -16.96 -13.07
N SER F 159 -32.87 -17.48 -12.09
CA SER F 159 -33.83 -16.70 -11.34
C SER F 159 -33.12 -16.00 -10.19
N THR F 160 -31.81 -15.81 -10.28
CA THR F 160 -31.10 -15.15 -9.19
C THR F 160 -30.39 -13.88 -9.64
N TRP F 161 -29.84 -13.12 -8.71
CA TRP F 161 -29.15 -11.89 -9.06
C TRP F 161 -27.75 -11.73 -8.47
N ILE F 162 -26.77 -11.32 -9.27
CA ILE F 162 -25.43 -11.12 -8.77
C ILE F 162 -25.29 -9.61 -8.68
N LEU F 163 -24.16 -9.07 -8.19
CA LEU F 163 -23.97 -7.61 -8.09
C LEU F 163 -22.48 -7.42 -8.23
N GLN F 164 -22.05 -6.39 -8.95
CA GLN F 164 -20.62 -6.22 -9.10
C GLN F 164 -20.21 -4.77 -9.17
N PHE F 165 -19.01 -4.46 -8.74
CA PHE F 165 -18.58 -3.09 -8.83
C PHE F 165 -17.37 -3.12 -9.72
N ARG F 166 -16.94 -1.97 -10.22
CA ARG F 166 -15.75 -1.96 -11.07
C ARG F 166 -14.59 -1.79 -10.12
N HIS F 167 -13.70 -2.76 -10.09
CA HIS F 167 -12.55 -2.70 -9.21
C HIS F 167 -11.33 -2.41 -10.07
N HIS F 168 -11.56 -1.46 -10.97
CA HIS F 168 -10.59 -1.03 -11.95
C HIS F 168 -11.06 -1.90 -13.10
N GLU F 169 -11.34 -1.26 -14.24
CA GLU F 169 -11.82 -1.92 -15.45
C GLU F 169 -12.56 -3.23 -15.22
N HIS F 170 -11.82 -4.31 -14.94
CA HIS F 170 -12.43 -5.62 -14.72
C HIS F 170 -13.43 -5.55 -13.57
N TRP F 171 -14.55 -6.24 -13.73
CA TRP F 171 -15.54 -6.20 -12.68
C TRP F 171 -15.35 -7.35 -11.72
N GLN F 172 -16.04 -7.28 -10.58
CA GLN F 172 -15.93 -8.31 -9.55
C GLN F 172 -17.22 -8.46 -8.75
N SER F 173 -17.74 -9.68 -8.66
CA SER F 173 -18.95 -9.92 -7.92
C SER F 173 -18.79 -9.58 -6.44
N MET F 174 -19.92 -9.23 -5.84
CA MET F 174 -19.98 -8.86 -4.44
C MET F 174 -20.84 -9.85 -3.69
N TYR F 175 -22.12 -9.98 -4.04
CA TYR F 175 -22.99 -10.89 -3.33
C TYR F 175 -24.17 -11.24 -4.16
N CYS F 176 -24.72 -12.43 -4.08
CA CYS F 176 -25.85 -12.70 -4.96
C CYS F 176 -27.16 -12.86 -4.17
N PHE F 177 -28.29 -12.67 -4.81
CA PHE F 177 -29.54 -12.82 -4.08
C PHE F 177 -30.74 -12.97 -4.98
N ASP F 178 -31.89 -13.28 -4.38
CA ASP F 178 -33.13 -13.50 -5.13
C ASP F 178 -34.32 -12.80 -4.49
N LEU F 179 -35.39 -12.59 -5.26
CA LEU F 179 -36.50 -11.84 -4.72
C LEU F 179 -37.41 -12.53 -3.74
N GLY F 180 -36.90 -13.60 -3.14
CA GLY F 180 -37.71 -14.31 -2.17
C GLY F 180 -37.95 -13.56 -0.87
N VAL F 181 -39.16 -13.69 -0.38
CA VAL F 181 -39.53 -13.06 0.89
C VAL F 181 -38.65 -13.52 2.05
N GLN F 182 -38.47 -12.68 3.05
CA GLN F 182 -37.67 -13.07 4.19
C GLN F 182 -38.50 -12.73 5.39
N GLN F 183 -38.21 -13.30 6.56
CA GLN F 183 -38.99 -12.98 7.76
C GLN F 183 -38.03 -12.48 8.81
N GLN F 184 -38.51 -11.77 9.83
CA GLN F 184 -37.57 -11.28 10.85
C GLN F 184 -36.58 -12.36 11.34
N SER F 185 -37.12 -13.52 11.71
CA SER F 185 -36.30 -14.61 12.17
C SER F 185 -35.22 -14.88 11.11
N ASP F 186 -35.55 -14.86 9.83
CA ASP F 186 -34.51 -15.13 8.87
C ASP F 186 -33.32 -14.23 9.04
N HIS F 187 -33.55 -13.04 9.60
CA HIS F 187 -32.45 -12.10 9.79
C HIS F 187 -31.83 -12.40 11.12
N VAL F 188 -32.64 -12.86 12.06
CA VAL F 188 -32.07 -13.16 13.35
C VAL F 188 -31.08 -14.28 13.15
N MET F 189 -31.45 -15.26 12.32
CA MET F 189 -30.55 -16.37 12.08
C MET F 189 -29.34 -15.81 11.39
N GLY F 190 -29.55 -14.97 10.38
CA GLY F 190 -28.42 -14.38 9.68
C GLY F 190 -27.46 -13.68 10.64
N ASN F 191 -28.02 -12.94 11.57
CA ASN F 191 -27.20 -12.25 12.54
C ASN F 191 -26.47 -13.30 13.40
N PHE F 192 -27.20 -14.32 13.84
CA PHE F 192 -26.61 -15.37 14.69
C PHE F 192 -25.38 -15.95 14.08
N TRP F 193 -25.52 -16.34 12.82
CA TRP F 193 -24.43 -16.88 12.04
C TRP F 193 -23.27 -15.90 12.11
N SER F 194 -23.49 -14.74 11.53
CA SER F 194 -22.48 -13.73 11.43
C SER F 194 -21.77 -13.38 12.67
N ALA F 195 -22.47 -13.36 13.77
CA ALA F 195 -21.84 -12.95 15.00
C ALA F 195 -21.24 -14.04 15.83
N HIS F 196 -21.69 -15.26 15.58
CA HIS F 196 -21.24 -16.40 16.35
C HIS F 196 -20.51 -17.57 15.60
N TRP F 197 -20.74 -17.79 14.31
CA TRP F 197 -20.05 -18.88 13.64
C TRP F 197 -18.55 -18.63 13.77
N PRO F 198 -17.84 -19.47 14.49
CA PRO F 198 -16.41 -19.26 14.67
C PRO F 198 -15.56 -18.76 13.51
N GLN F 199 -15.84 -19.21 12.29
CA GLN F 199 -15.04 -18.74 11.16
C GLN F 199 -15.56 -17.45 10.54
N SER F 200 -16.58 -16.80 11.08
CA SER F 200 -17.09 -15.55 10.51
C SER F 200 -16.03 -14.47 10.65
N HIS F 201 -15.67 -13.78 9.58
CA HIS F 201 -14.60 -12.79 9.76
C HIS F 201 -14.92 -11.68 10.77
N PHE F 202 -16.19 -11.35 10.89
CA PHE F 202 -16.57 -10.35 11.84
C PHE F 202 -16.13 -10.65 13.25
N ARG F 203 -15.65 -11.86 13.53
CA ARG F 203 -15.27 -12.08 14.91
C ARG F 203 -13.80 -11.93 15.02
N HIS F 204 -13.14 -11.62 13.91
CA HIS F 204 -11.69 -11.52 13.99
C HIS F 204 -11.00 -10.16 13.79
N HIS F 205 -11.80 -9.11 13.70
CA HIS F 205 -11.23 -7.80 13.58
C HIS F 205 -12.30 -6.75 13.65
N LEU F 206 -11.91 -5.60 14.16
CA LEU F 206 -12.78 -4.45 14.27
C LEU F 206 -13.01 -3.84 12.90
N LEU F 207 -14.26 -3.58 12.54
CA LEU F 207 -14.52 -2.99 11.24
C LEU F 207 -15.44 -1.77 11.27
N MET F 208 -14.93 -0.64 10.80
CA MET F 208 -15.75 0.53 10.78
C MET F 208 -15.58 1.21 9.44
N CYS F 209 -16.66 1.82 8.98
CA CYS F 209 -16.65 2.50 7.71
C CYS F 209 -17.75 3.50 7.67
N ARG F 210 -17.41 4.72 7.30
CA ARG F 210 -18.42 5.76 7.25
C ARG F 210 -18.29 6.49 5.95
N HIS F 211 -19.38 7.02 5.42
CA HIS F 211 -19.29 7.74 4.16
C HIS F 211 -19.33 9.26 4.28
N LEU F 212 -18.64 9.90 3.35
CA LEU F 212 -18.54 11.37 3.26
C LEU F 212 -19.19 11.88 1.98
N PRO F 213 -19.65 13.12 1.99
CA PRO F 213 -20.30 13.82 0.88
C PRO F 213 -19.70 13.68 -0.55
N ASP F 214 -18.45 14.13 -0.73
CA ASP F 214 -17.84 14.06 -2.06
C ASP F 214 -17.03 12.82 -2.33
N GLY F 215 -17.73 11.73 -2.66
CA GLY F 215 -17.07 10.47 -2.99
C GLY F 215 -16.00 10.02 -2.03
N GLY F 216 -16.01 10.56 -0.81
CA GLY F 216 -15.00 10.19 0.16
C GLY F 216 -15.56 9.27 1.20
N LYS F 217 -14.70 8.52 1.87
CA LYS F 217 -15.16 7.60 2.90
C LYS F 217 -14.03 7.34 3.87
N LEU F 218 -14.40 6.90 5.07
CA LEU F 218 -13.45 6.54 6.13
C LEU F 218 -13.46 5.03 6.32
N THR F 219 -12.33 4.50 6.75
CA THR F 219 -12.17 3.07 6.85
C THR F 219 -11.27 2.62 7.94
N LEU F 220 -11.85 1.96 8.94
CA LEU F 220 -11.06 1.41 10.03
C LEU F 220 -11.07 -0.13 9.98
N THR F 221 -9.90 -0.74 10.21
CA THR F 221 -9.74 -2.20 10.24
C THR F 221 -8.73 -2.37 11.35
N ASN F 222 -9.21 -2.60 12.56
CA ASN F 222 -8.29 -2.64 13.66
C ASN F 222 -7.63 -1.29 13.80
N PHE F 223 -6.32 -1.22 13.77
CA PHE F 223 -5.73 0.10 13.93
C PHE F 223 -5.44 0.78 12.58
N HIS F 224 -5.77 0.13 11.48
CA HIS F 224 -5.49 0.74 10.18
C HIS F 224 -6.64 1.63 9.73
N PHE F 225 -6.41 2.93 9.86
CA PHE F 225 -7.38 3.97 9.47
C PHE F 225 -7.01 4.44 8.08
N THR F 226 -8.02 4.77 7.29
CA THR F 226 -7.77 5.22 5.92
C THR F 226 -8.84 6.22 5.49
N ARG F 227 -8.43 7.29 4.80
CA ARG F 227 -9.38 8.29 4.28
C ARG F 227 -9.38 8.17 2.75
N TYR F 228 -10.54 8.33 2.13
CA TYR F 228 -10.60 8.23 0.68
C TYR F 228 -11.27 9.44 0.10
N HIS F 229 -10.78 9.90 -1.06
CA HIS F 229 -11.45 10.99 -1.77
C HIS F 229 -11.70 10.55 -3.21
N GLN F 230 -12.92 10.79 -3.69
CA GLN F 230 -13.32 10.39 -5.03
C GLN F 230 -12.77 8.99 -5.31
N GLY F 231 -12.90 8.11 -4.32
CA GLY F 231 -12.44 6.74 -4.48
C GLY F 231 -10.94 6.56 -4.49
N HIS F 232 -10.21 7.43 -3.80
CA HIS F 232 -8.77 7.29 -3.76
C HIS F 232 -8.21 7.37 -2.35
N ALA F 233 -7.20 6.54 -2.11
CA ALA F 233 -6.57 6.47 -0.83
C ALA F 233 -5.73 7.67 -0.49
N VAL F 234 -6.35 8.69 0.08
CA VAL F 234 -5.62 9.88 0.48
C VAL F 234 -5.37 9.77 1.98
N GLU F 235 -4.14 9.61 2.42
CA GLU F 235 -3.88 9.47 3.87
C GLU F 235 -4.28 8.12 4.48
N GLN F 236 -3.32 7.50 5.15
CA GLN F 236 -3.50 6.21 5.79
C GLN F 236 -2.76 6.19 7.11
N VAL F 237 -3.49 6.40 8.19
CA VAL F 237 -2.86 6.41 9.49
C VAL F 237 -3.02 5.10 10.20
N ASN F 238 -1.97 4.73 10.90
CA ASN F 238 -1.98 3.51 11.65
C ASN F 238 -2.01 3.88 13.14
N VAL F 239 -3.21 4.08 13.68
CA VAL F 239 -3.40 4.46 15.08
C VAL F 239 -2.46 3.65 15.98
N PRO F 240 -1.72 4.36 16.82
CA PRO F 240 -0.76 3.75 17.73
C PRO F 240 -1.21 3.20 19.06
N ASP F 241 -2.45 3.42 19.48
CA ASP F 241 -2.87 2.92 20.78
C ASP F 241 -4.36 2.92 20.95
N VAL F 242 -4.80 2.14 21.92
CA VAL F 242 -6.20 2.04 22.18
C VAL F 242 -6.83 3.41 22.45
N PRO F 243 -6.27 4.19 23.41
CA PRO F 243 -6.81 5.52 23.76
C PRO F 243 -7.01 6.35 22.53
N SER F 244 -5.94 6.40 21.77
CA SER F 244 -5.95 7.13 20.55
C SER F 244 -7.10 6.66 19.65
N LEU F 245 -7.31 5.35 19.56
CA LEU F 245 -8.36 4.80 18.73
C LEU F 245 -9.70 5.12 19.31
N TYR F 246 -9.81 5.06 20.64
CA TYR F 246 -11.07 5.38 21.29
C TYR F 246 -11.50 6.76 20.80
N GLN F 247 -10.55 7.68 20.76
CA GLN F 247 -10.78 9.04 20.29
C GLN F 247 -11.20 9.02 18.80
N LEU F 248 -10.40 8.37 17.96
CA LEU F 248 -10.71 8.30 16.55
C LEU F 248 -12.11 7.81 16.27
N LEU F 249 -12.63 6.92 17.11
CA LEU F 249 -13.99 6.42 16.87
C LEU F 249 -15.04 7.52 17.03
N GLN F 250 -14.82 8.37 18.00
CA GLN F 250 -15.76 9.44 18.26
C GLN F 250 -15.54 10.58 17.29
N GLN F 251 -14.29 10.92 16.99
CA GLN F 251 -14.03 12.00 16.05
C GLN F 251 -14.47 11.69 14.63
N GLN F 252 -13.68 10.88 13.94
CA GLN F 252 -13.98 10.51 12.57
C GLN F 252 -15.31 9.81 12.25
N PHE F 253 -15.73 8.87 13.08
CA PHE F 253 -16.94 8.15 12.75
C PHE F 253 -18.15 8.63 13.48
N GLY F 254 -17.91 9.39 14.54
CA GLY F 254 -19.00 9.95 15.30
C GLY F 254 -19.74 8.87 16.01
N LEU F 255 -19.01 8.06 16.75
CA LEU F 255 -19.59 6.97 17.47
C LEU F 255 -19.98 7.45 18.85
N GLY F 256 -21.20 7.13 19.24
CA GLY F 256 -21.69 7.53 20.54
C GLY F 256 -21.12 6.66 21.63
N VAL F 257 -19.89 6.92 22.03
CA VAL F 257 -19.22 6.14 23.06
C VAL F 257 -19.89 6.12 24.47
N ASN F 258 -20.87 6.96 24.71
CA ASN F 258 -21.50 6.87 25.99
C ASN F 258 -22.95 6.54 25.71
N ASP F 259 -23.67 6.24 26.75
CA ASP F 259 -25.06 5.89 26.58
C ASP F 259 -25.32 4.81 27.58
N VAL F 260 -26.21 5.10 28.51
CA VAL F 260 -26.56 4.16 29.53
C VAL F 260 -26.50 2.74 29.02
N LYS F 261 -27.15 2.46 27.91
CA LYS F 261 -27.20 1.12 27.37
C LYS F 261 -26.04 0.75 26.44
N HIS F 262 -26.11 1.17 25.17
CA HIS F 262 -25.10 0.78 24.21
C HIS F 262 -23.67 1.37 24.19
N GLY F 263 -23.37 2.15 25.22
CA GLY F 263 -22.07 2.75 25.25
C GLY F 263 -21.08 1.69 25.64
N PHE F 264 -19.81 2.06 25.60
CA PHE F 264 -18.75 1.15 25.99
C PHE F 264 -17.50 1.91 26.41
N THR F 265 -16.94 1.54 27.55
CA THR F 265 -15.77 2.21 28.12
C THR F 265 -14.62 2.06 27.20
N GLU F 266 -13.54 2.78 27.46
CA GLU F 266 -12.38 2.66 26.63
C GLU F 266 -11.62 1.40 27.05
N ALA F 267 -11.72 1.04 28.30
CA ALA F 267 -11.01 -0.16 28.72
C ALA F 267 -11.59 -1.38 28.05
N GLU F 268 -12.86 -1.29 27.67
CA GLU F 268 -13.52 -2.39 27.02
C GLU F 268 -12.94 -2.51 25.62
N LEU F 269 -12.69 -1.38 24.98
CA LEU F 269 -12.17 -1.41 23.63
C LEU F 269 -10.81 -1.99 23.69
N ALA F 270 -10.12 -1.77 24.80
CA ALA F 270 -8.78 -2.32 24.91
C ALA F 270 -8.82 -3.83 24.93
N ALA F 271 -9.68 -4.41 25.75
CA ALA F 271 -9.79 -5.87 25.82
C ALA F 271 -10.16 -6.42 24.47
N VAL F 272 -10.94 -5.67 23.71
CA VAL F 272 -11.32 -6.13 22.39
C VAL F 272 -10.13 -6.19 21.43
N MET F 273 -9.34 -5.13 21.41
CA MET F 273 -8.17 -5.12 20.51
C MET F 273 -7.08 -6.01 21.08
N ALA F 274 -7.18 -6.36 22.35
CA ALA F 274 -6.12 -7.15 22.91
C ALA F 274 -6.13 -8.52 22.30
N ALA F 275 -7.32 -8.96 21.93
CA ALA F 275 -7.44 -10.28 21.38
C ALA F 275 -6.56 -10.48 20.20
N PHE F 276 -6.19 -9.38 19.55
CA PHE F 276 -5.37 -9.47 18.35
C PHE F 276 -3.93 -9.03 18.55
N HIS G 3 12.14 -49.66 34.20
CA HIS G 3 10.74 -50.12 33.89
C HIS G 3 10.09 -49.35 32.74
N MET G 4 9.04 -49.93 32.13
CA MET G 4 8.36 -49.28 31.03
C MET G 4 6.90 -49.66 30.78
N THR G 5 6.00 -48.75 31.15
CA THR G 5 4.55 -48.92 30.99
C THR G 5 4.13 -48.80 29.53
N SER G 6 2.96 -49.33 29.22
CA SER G 6 2.45 -49.30 27.86
C SER G 6 2.56 -47.93 27.24
N PHE G 7 2.16 -46.93 28.02
CA PHE G 7 2.19 -45.51 27.60
C PHE G 7 3.63 -45.11 27.32
N LEU G 8 4.39 -45.08 28.41
CA LEU G 8 5.79 -44.72 28.41
C LEU G 8 6.43 -45.26 27.13
N HIS G 9 5.88 -46.35 26.62
CA HIS G 9 6.39 -46.94 25.41
C HIS G 9 6.26 -46.01 24.22
N ALA G 10 5.02 -45.82 23.76
CA ALA G 10 4.83 -44.96 22.61
C ALA G 10 5.29 -43.54 22.84
N TYR G 11 5.56 -43.21 24.10
CA TYR G 11 6.04 -41.87 24.43
C TYR G 11 7.44 -41.71 23.86
N PHE G 12 8.30 -42.63 24.30
CA PHE G 12 9.70 -42.69 23.86
C PHE G 12 9.72 -42.88 22.35
N THR G 13 8.81 -43.72 21.86
CA THR G 13 8.72 -43.92 20.43
C THR G 13 8.48 -42.61 19.72
N ARG G 14 7.55 -41.79 20.19
CA ARG G 14 7.29 -40.53 19.50
C ARG G 14 8.43 -39.57 19.70
N LEU G 15 9.08 -39.65 20.85
CA LEU G 15 10.19 -38.75 21.08
C LEU G 15 11.47 -39.14 20.31
N HIS G 16 11.41 -40.22 19.52
CA HIS G 16 12.58 -40.71 18.75
C HIS G 16 13.70 -40.75 19.77
N CYS G 17 13.45 -41.39 20.89
CA CYS G 17 14.41 -41.41 21.97
C CYS G 17 14.52 -42.77 22.66
N GLN G 18 15.63 -42.98 23.38
CA GLN G 18 15.83 -44.26 24.05
C GLN G 18 15.30 -44.32 25.48
N PRO G 19 14.63 -45.43 25.83
CA PRO G 19 14.09 -45.59 27.17
C PRO G 19 14.96 -45.07 28.28
N LEU G 20 14.33 -44.73 29.40
CA LEU G 20 14.99 -44.21 30.59
C LEU G 20 14.16 -44.72 31.74
N GLY G 21 14.81 -45.28 32.76
CA GLY G 21 14.08 -45.82 33.88
C GLY G 21 14.47 -45.18 35.20
N VAL G 22 15.53 -44.38 35.17
CA VAL G 22 15.95 -43.75 36.40
C VAL G 22 15.71 -42.23 36.39
N PRO G 23 14.81 -41.76 37.26
CA PRO G 23 14.42 -40.36 37.41
C PRO G 23 15.52 -39.46 37.96
N THR G 24 16.27 -38.82 37.08
CA THR G 24 17.35 -37.96 37.55
C THR G 24 17.33 -36.67 36.79
N VAL G 25 17.99 -35.66 37.33
CA VAL G 25 18.02 -34.38 36.65
C VAL G 25 18.45 -34.57 35.20
N GLU G 26 19.39 -35.46 34.95
CA GLU G 26 19.84 -35.62 33.57
C GLU G 26 18.75 -36.21 32.67
N ALA G 27 17.99 -37.16 33.21
CA ALA G 27 16.92 -37.79 32.50
C ALA G 27 15.91 -36.70 32.14
N LEU G 28 15.63 -35.83 33.10
CA LEU G 28 14.71 -34.74 32.89
C LEU G 28 15.27 -33.88 31.78
N ARG G 29 16.50 -33.43 31.97
CA ARG G 29 17.18 -32.57 31.02
C ARG G 29 16.97 -32.98 29.56
N THR G 30 17.09 -34.27 29.28
CA THR G 30 16.93 -34.72 27.90
C THR G 30 15.50 -34.92 27.43
N LEU G 31 14.67 -35.56 28.26
CA LEU G 31 13.28 -35.82 27.91
C LEU G 31 12.64 -34.51 27.53
N HIS G 32 12.97 -33.47 28.30
CA HIS G 32 12.46 -32.13 28.07
C HIS G 32 12.78 -31.70 26.65
N LEU G 33 14.06 -31.68 26.31
CA LEU G 33 14.42 -31.27 24.97
C LEU G 33 13.84 -32.21 23.93
N ALA G 34 13.76 -33.49 24.30
CA ALA G 34 13.20 -34.49 23.38
C ALA G 34 11.83 -34.06 22.98
N HIS G 35 11.00 -33.91 24.02
CA HIS G 35 9.63 -33.47 23.92
C HIS G 35 9.55 -32.21 23.09
N ASN G 36 10.30 -31.21 23.50
CA ASN G 36 10.31 -29.95 22.79
C ASN G 36 10.55 -30.04 21.29
N CYS G 37 11.13 -31.16 20.84
CA CYS G 37 11.44 -31.25 19.42
C CYS G 37 10.51 -32.16 18.71
N ALA G 38 9.93 -33.09 19.47
CA ALA G 38 9.05 -34.04 18.85
C ALA G 38 7.61 -33.59 18.69
N ILE G 39 6.99 -33.25 19.82
CA ILE G 39 5.59 -32.82 19.89
C ILE G 39 5.41 -31.31 19.76
N PRO G 40 5.00 -30.83 18.59
CA PRO G 40 4.81 -29.40 18.37
C PRO G 40 3.75 -28.68 19.18
N PHE G 41 3.89 -27.37 19.30
CA PHE G 41 2.94 -26.51 20.01
C PHE G 41 1.97 -26.11 18.91
N GLU G 42 0.71 -26.42 19.09
CA GLU G 42 -0.25 -26.12 18.06
C GLU G 42 -1.55 -25.80 18.77
N ASN G 43 -2.37 -24.97 18.14
CA ASN G 43 -3.66 -24.55 18.68
C ASN G 43 -4.71 -24.81 17.62
N LEU G 44 -4.44 -25.71 16.72
CA LEU G 44 -5.38 -25.92 15.66
C LEU G 44 -6.76 -26.44 16.04
N ASP G 45 -6.91 -27.13 17.15
CA ASP G 45 -8.24 -27.65 17.50
C ASP G 45 -9.08 -26.51 18.03
N VAL G 46 -8.44 -25.40 18.35
CA VAL G 46 -9.21 -24.28 18.82
C VAL G 46 -9.83 -23.59 17.66
N LEU G 47 -9.06 -23.41 16.59
CA LEU G 47 -9.58 -22.70 15.44
C LEU G 47 -10.65 -23.43 14.67
N LEU G 48 -10.37 -24.65 14.22
CA LEU G 48 -11.41 -25.43 13.52
C LEU G 48 -12.04 -25.77 14.80
N PRO G 49 -13.27 -25.32 14.99
CA PRO G 49 -13.89 -25.63 16.29
C PRO G 49 -13.78 -27.13 16.56
N ARG G 50 -13.24 -27.52 17.72
CA ARG G 50 -13.11 -28.96 18.03
C ARG G 50 -12.68 -29.08 19.46
N GLU G 51 -13.55 -29.59 20.33
CA GLU G 51 -13.20 -29.69 21.76
C GLU G 51 -11.89 -30.35 22.14
N ILE G 52 -11.25 -29.82 23.17
CA ILE G 52 -9.98 -30.36 23.61
C ILE G 52 -10.10 -31.20 24.87
N GLN G 53 -10.04 -32.53 24.81
CA GLN G 53 -10.15 -33.33 26.05
C GLN G 53 -8.81 -33.30 26.74
N LEU G 54 -8.75 -33.43 28.05
CA LEU G 54 -7.49 -33.43 28.75
C LEU G 54 -7.23 -34.68 29.58
N ASP G 55 -8.06 -35.71 29.40
CA ASP G 55 -7.86 -36.93 30.14
C ASP G 55 -6.72 -37.74 29.51
N GLU G 56 -5.87 -38.34 30.33
CA GLU G 56 -4.83 -39.13 29.73
C GLU G 56 -5.54 -40.22 28.98
N THR G 57 -5.56 -40.11 27.66
CA THR G 57 -6.14 -41.11 26.77
C THR G 57 -6.46 -40.31 25.58
N ALA G 58 -7.08 -39.19 25.82
CA ALA G 58 -7.35 -38.36 24.68
C ALA G 58 -5.97 -37.78 24.43
N LEU G 59 -5.27 -37.38 25.49
CA LEU G 59 -3.96 -36.81 25.32
C LEU G 59 -3.05 -37.78 24.59
N GLU G 60 -3.14 -39.04 24.97
CA GLU G 60 -2.32 -40.09 24.38
C GLU G 60 -2.64 -40.21 22.90
N GLU G 61 -3.92 -40.36 22.59
CA GLU G 61 -4.33 -40.50 21.20
C GLU G 61 -4.10 -39.27 20.34
N LYS G 62 -3.98 -38.11 20.94
CA LYS G 62 -3.84 -36.92 20.12
C LYS G 62 -2.41 -36.59 19.89
N LEU G 63 -1.67 -36.48 21.00
CA LEU G 63 -0.26 -36.12 20.95
C LEU G 63 0.67 -37.23 20.46
N LEU G 64 0.41 -38.49 20.86
CA LEU G 64 1.24 -39.60 20.42
C LEU G 64 0.73 -40.26 19.14
N TYR G 65 -0.30 -41.08 19.24
CA TYR G 65 -0.79 -41.75 18.06
C TYR G 65 -1.10 -40.93 16.84
N ALA G 66 -1.79 -39.82 16.97
CA ALA G 66 -2.16 -39.05 15.79
C ALA G 66 -1.07 -38.10 15.36
N ARG G 67 0.04 -38.11 16.10
CA ARG G 67 1.18 -37.24 15.84
C ARG G 67 0.76 -35.75 15.76
N ARG G 68 -0.06 -35.31 16.71
CA ARG G 68 -0.51 -33.92 16.71
C ARG G 68 0.05 -33.11 17.85
N GLY G 69 -0.20 -31.82 17.81
CA GLY G 69 0.32 -30.96 18.86
C GLY G 69 -0.76 -30.42 19.77
N GLY G 70 -0.36 -29.53 20.67
CA GLY G 70 -1.33 -28.95 21.58
C GLY G 70 -0.73 -27.77 22.26
N TYR G 71 -1.30 -27.33 23.37
CA TYR G 71 -0.71 -26.23 24.10
C TYR G 71 -0.64 -26.50 25.62
N CYS G 72 -0.30 -25.47 26.40
CA CYS G 72 -0.16 -25.59 27.86
C CYS G 72 -0.72 -26.92 28.33
N PHE G 73 -2.03 -26.94 28.56
CA PHE G 73 -2.73 -28.11 29.07
C PHE G 73 -2.47 -29.46 28.48
N GLU G 74 -2.46 -29.55 27.16
CA GLU G 74 -2.18 -30.83 26.53
C GLU G 74 -0.68 -31.23 26.67
N LEU G 75 0.23 -30.45 26.08
CA LEU G 75 1.67 -30.76 26.18
C LEU G 75 2.14 -31.12 27.59
N ASN G 76 2.07 -30.20 28.55
CA ASN G 76 2.49 -30.54 29.91
C ASN G 76 1.69 -31.64 30.55
N GLY G 77 0.49 -31.89 30.06
CA GLY G 77 -0.31 -32.96 30.65
C GLY G 77 0.24 -34.32 30.32
N LEU G 78 0.67 -34.45 29.06
CA LEU G 78 1.28 -35.66 28.51
C LEU G 78 2.63 -35.80 29.19
N PHE G 79 3.42 -34.75 29.11
CA PHE G 79 4.73 -34.72 29.75
C PHE G 79 4.62 -35.16 31.21
N GLU G 80 3.66 -34.60 31.95
CA GLU G 80 3.52 -34.94 33.35
C GLU G 80 3.32 -36.42 33.50
N ARG G 81 2.53 -37.03 32.63
CA ARG G 81 2.28 -38.44 32.76
C ARG G 81 3.56 -39.22 32.58
N ALA G 82 4.28 -38.89 31.52
CA ALA G 82 5.55 -39.53 31.25
C ALA G 82 6.43 -39.47 32.51
N LEU G 83 6.87 -38.26 32.88
CA LEU G 83 7.71 -38.10 34.05
C LEU G 83 7.20 -38.93 35.22
N ARG G 84 5.88 -39.04 35.38
CA ARG G 84 5.33 -39.82 36.49
C ARG G 84 5.58 -41.31 36.34
N ASP G 85 5.27 -41.85 35.16
CA ASP G 85 5.50 -43.25 34.83
C ASP G 85 7.01 -43.63 34.86
N ILE G 86 7.86 -42.63 34.65
CA ILE G 86 9.28 -42.88 34.71
C ILE G 86 9.72 -42.87 36.17
N GLY G 87 8.87 -42.43 37.07
CA GLY G 87 9.28 -42.44 38.45
C GLY G 87 9.55 -41.11 39.13
N PHE G 88 9.51 -40.01 38.40
CA PHE G 88 9.72 -38.70 39.02
C PHE G 88 8.59 -38.33 39.97
N ASN G 89 8.78 -37.21 40.65
CA ASN G 89 7.80 -36.68 41.56
C ASN G 89 7.26 -35.38 40.92
N VAL G 90 6.09 -35.46 40.30
CA VAL G 90 5.51 -34.29 39.64
C VAL G 90 4.03 -34.01 39.93
N ARG G 91 3.67 -32.75 39.69
CA ARG G 91 2.32 -32.23 39.83
C ARG G 91 2.30 -30.97 38.96
N SER G 92 1.15 -30.59 38.42
CA SER G 92 1.10 -29.39 37.58
C SER G 92 0.92 -28.14 38.41
N LEU G 93 1.24 -26.99 37.84
CA LEU G 93 1.01 -25.73 38.51
C LEU G 93 0.30 -24.79 37.51
N LEU G 94 -0.45 -23.78 37.99
CA LEU G 94 -1.07 -22.85 37.03
C LEU G 94 -0.48 -21.48 37.27
N GLY G 95 -0.20 -20.76 36.20
CA GLY G 95 0.41 -19.48 36.37
C GLY G 95 -0.28 -18.51 35.49
N ARG G 96 0.07 -17.23 35.61
CA ARG G 96 -0.58 -16.19 34.84
C ARG G 96 0.33 -15.58 33.78
N VAL G 97 -0.11 -15.62 32.54
CA VAL G 97 0.67 -15.08 31.44
C VAL G 97 0.70 -13.57 31.53
N ILE G 98 1.88 -13.04 31.82
CA ILE G 98 2.01 -11.59 31.94
C ILE G 98 2.83 -10.95 30.84
N LEU G 99 3.21 -11.72 29.82
CA LEU G 99 4.03 -11.18 28.73
C LEU G 99 3.60 -9.80 28.24
N SER G 100 2.37 -9.71 27.73
CA SER G 100 1.84 -8.46 27.21
C SER G 100 1.93 -7.31 28.22
N HIS G 101 2.36 -7.65 29.43
CA HIS G 101 2.48 -6.66 30.47
C HIS G 101 1.10 -6.03 30.67
N PRO G 102 0.12 -6.84 31.14
CA PRO G 102 -1.27 -6.40 31.39
C PRO G 102 -1.44 -5.48 32.59
N ALA G 103 -2.48 -4.66 32.49
CA ALA G 103 -2.80 -3.70 33.53
C ALA G 103 -3.07 -4.40 34.87
N SER G 104 -3.82 -5.51 34.80
CA SER G 104 -4.18 -6.33 35.97
C SER G 104 -3.96 -7.82 35.74
N LEU G 105 -3.51 -8.50 36.78
CA LEU G 105 -3.21 -9.91 36.66
C LEU G 105 -4.31 -10.63 35.99
N PRO G 106 -3.99 -11.49 35.04
CA PRO G 106 -4.91 -12.29 34.25
C PRO G 106 -5.11 -13.57 34.97
N PRO G 107 -6.05 -14.37 34.50
CA PRO G 107 -6.35 -15.66 35.13
C PRO G 107 -5.26 -16.72 34.95
N ARG G 108 -5.45 -17.88 35.59
CA ARG G 108 -4.49 -19.00 35.50
C ARG G 108 -4.71 -19.74 34.19
N THR G 109 -4.09 -19.22 33.15
CA THR G 109 -4.17 -19.70 31.80
C THR G 109 -3.12 -20.73 31.48
N HIS G 110 -1.98 -20.64 32.18
CA HIS G 110 -0.86 -21.50 31.83
C HIS G 110 -0.51 -22.61 32.76
N ARG G 111 -0.32 -23.79 32.19
CA ARG G 111 0.05 -24.97 32.97
C ARG G 111 1.56 -25.18 32.90
N LEU G 112 2.12 -25.75 33.95
CA LEU G 112 3.54 -26.00 33.96
C LEU G 112 3.80 -27.09 34.99
N LEU G 113 4.99 -27.70 34.97
CA LEU G 113 5.26 -28.79 35.91
C LEU G 113 6.20 -28.44 37.01
N LEU G 114 6.04 -29.08 38.16
CA LEU G 114 6.93 -28.86 39.28
C LEU G 114 7.46 -30.24 39.52
N VAL G 115 8.80 -30.37 39.47
CA VAL G 115 9.45 -31.68 39.65
C VAL G 115 10.44 -31.70 40.78
N ASP G 116 10.33 -32.72 41.64
CA ASP G 116 11.24 -32.89 42.77
C ASP G 116 12.30 -33.96 42.46
N VAL G 117 13.47 -33.51 42.02
CA VAL G 117 14.55 -34.41 41.66
C VAL G 117 15.74 -34.10 42.52
N GLU G 118 16.33 -35.16 43.08
CA GLU G 118 17.50 -35.07 43.95
C GLU G 118 17.43 -33.91 44.93
N ASP G 119 16.48 -34.05 45.86
CA ASP G 119 16.26 -33.10 46.93
C ASP G 119 16.06 -31.64 46.56
N GLU G 120 15.95 -31.33 45.28
CA GLU G 120 15.72 -29.95 44.87
C GLU G 120 14.42 -29.87 44.09
N GLN G 121 13.98 -28.65 43.83
CA GLN G 121 12.75 -28.47 43.08
C GLN G 121 13.01 -27.76 41.76
N TRP G 122 12.53 -28.39 40.71
CA TRP G 122 12.69 -27.82 39.39
C TRP G 122 11.35 -27.63 38.72
N ILE G 123 11.32 -26.74 37.73
CA ILE G 123 10.08 -26.51 37.00
C ILE G 123 10.27 -26.81 35.53
N ALA G 124 9.54 -27.82 35.05
CA ALA G 124 9.64 -28.20 33.66
C ALA G 124 8.43 -27.67 32.95
N ASP G 125 8.57 -27.21 31.71
CA ASP G 125 7.44 -26.66 30.98
C ASP G 125 7.70 -26.71 29.51
N VAL G 126 6.92 -27.51 28.80
CA VAL G 126 7.08 -27.62 27.37
C VAL G 126 5.92 -27.00 26.61
N GLY G 127 4.94 -26.51 27.34
CA GLY G 127 3.77 -25.99 26.65
C GLY G 127 3.58 -24.52 26.48
N PHE G 128 4.61 -23.72 26.77
CA PHE G 128 4.43 -22.31 26.65
C PHE G 128 4.56 -21.77 25.24
N GLY G 129 4.94 -22.61 24.29
CA GLY G 129 5.05 -22.15 22.92
C GLY G 129 6.38 -21.52 22.51
N GLY G 130 6.31 -20.42 21.76
CA GLY G 130 7.53 -19.78 21.32
C GLY G 130 8.72 -19.79 22.27
N GLN G 131 8.55 -19.23 23.47
CA GLN G 131 9.66 -19.14 24.39
C GLN G 131 9.66 -20.16 25.47
N THR G 132 9.01 -21.30 25.28
CA THR G 132 9.00 -22.27 26.37
C THR G 132 10.38 -22.65 26.83
N LEU G 133 10.50 -23.21 28.01
CA LEU G 133 11.79 -23.64 28.46
C LEU G 133 12.11 -24.86 27.62
N THR G 134 13.36 -25.25 27.59
CA THR G 134 13.75 -26.42 26.83
C THR G 134 14.61 -27.25 27.75
N ALA G 135 14.55 -26.93 29.03
CA ALA G 135 15.29 -27.66 30.03
C ALA G 135 14.84 -27.22 31.41
N PRO G 136 14.74 -28.15 32.35
CA PRO G 136 14.32 -27.85 33.73
C PRO G 136 15.07 -26.67 34.22
N LEU G 137 14.57 -26.03 35.27
CA LEU G 137 15.21 -24.89 35.91
C LEU G 137 15.08 -25.15 37.39
N ARG G 138 15.99 -24.62 38.18
CA ARG G 138 15.91 -24.82 39.61
C ARG G 138 15.07 -23.69 40.21
N LEU G 139 14.29 -24.02 41.23
CA LEU G 139 13.51 -22.99 41.87
C LEU G 139 14.42 -22.10 42.71
N GLN G 140 14.97 -21.05 42.11
CA GLN G 140 15.83 -20.10 42.84
C GLN G 140 15.83 -18.75 42.17
N ALA G 141 15.91 -17.69 42.97
CA ALA G 141 15.90 -16.34 42.43
C ALA G 141 17.27 -15.87 41.95
N GLU G 142 17.24 -14.82 41.14
CA GLU G 142 18.42 -14.18 40.55
C GLU G 142 19.26 -15.08 39.64
N ILE G 143 19.67 -16.22 40.16
CA ILE G 143 20.48 -17.18 39.41
C ILE G 143 20.08 -17.22 37.95
N ALA G 144 20.83 -16.55 37.09
CA ALA G 144 20.51 -16.56 35.66
C ALA G 144 20.74 -17.98 35.11
N GLN G 145 19.68 -18.78 34.99
CA GLN G 145 19.77 -20.17 34.52
C GLN G 145 19.86 -20.26 33.01
N GLN G 146 20.49 -21.34 32.56
CA GLN G 146 20.74 -21.54 31.15
C GLN G 146 19.95 -22.65 30.51
N THR G 147 19.56 -22.42 29.26
CA THR G 147 18.81 -23.39 28.50
C THR G 147 19.21 -23.40 27.03
N PRO G 148 19.18 -24.59 26.42
CA PRO G 148 19.52 -24.80 25.02
C PRO G 148 19.03 -23.72 24.07
N HIS G 149 17.97 -23.02 24.45
CA HIS G 149 17.48 -21.97 23.56
C HIS G 149 17.38 -20.58 24.17
N GLY G 150 17.87 -20.42 25.40
CA GLY G 150 17.83 -19.11 25.99
C GLY G 150 18.31 -19.10 27.43
N GLU G 151 18.33 -17.89 27.98
CA GLU G 151 18.73 -17.68 29.37
C GLU G 151 17.49 -17.16 30.11
N TYR G 152 17.11 -17.84 31.18
CA TYR G 152 15.91 -17.44 31.92
C TYR G 152 16.20 -17.26 33.41
N ARG G 153 15.68 -16.17 33.97
CA ARG G 153 15.84 -15.86 35.38
C ARG G 153 14.52 -16.17 36.07
N LEU G 154 14.58 -16.50 37.35
CA LEU G 154 13.40 -16.88 38.11
C LEU G 154 13.27 -15.97 39.32
N MET G 155 12.47 -14.92 39.20
CA MET G 155 12.27 -13.99 40.31
C MET G 155 11.14 -14.35 41.24
N GLN G 156 11.40 -14.22 42.53
CA GLN G 156 10.43 -14.51 43.56
C GLN G 156 10.01 -13.30 44.35
N GLU G 157 8.75 -13.29 44.75
CA GLU G 157 8.19 -12.23 45.57
C GLU G 157 7.21 -12.96 46.45
N GLY G 158 6.89 -12.34 47.57
CA GLY G 158 5.97 -13.00 48.47
C GLY G 158 6.08 -14.52 48.33
N SER G 159 5.12 -15.14 47.64
CA SER G 159 5.10 -16.59 47.45
C SER G 159 4.82 -16.90 46.00
N THR G 160 4.86 -15.86 45.16
CA THR G 160 4.60 -16.08 43.74
C THR G 160 5.87 -15.89 42.88
N TRP G 161 6.53 -16.96 42.49
CA TRP G 161 7.68 -16.78 41.64
C TRP G 161 7.29 -16.20 40.29
N ILE G 162 8.27 -15.94 39.44
CA ILE G 162 8.12 -15.40 38.08
C ILE G 162 9.17 -16.05 37.16
N LEU G 163 8.91 -16.14 35.87
CA LEU G 163 9.92 -16.72 35.02
C LEU G 163 10.16 -15.72 33.92
N GLN G 164 11.38 -15.17 33.92
CA GLN G 164 11.79 -14.17 32.97
C GLN G 164 12.82 -14.69 31.96
N PHE G 165 12.78 -14.17 30.71
CA PHE G 165 13.77 -14.59 29.72
C PHE G 165 14.59 -13.39 29.24
N ARG G 166 15.89 -13.60 29.01
CA ARG G 166 16.74 -12.50 28.54
C ARG G 166 16.42 -12.06 27.10
N HIS G 167 15.89 -10.85 26.97
CA HIS G 167 15.55 -10.29 25.67
C HIS G 167 16.13 -8.89 25.59
N HIS G 168 16.89 -8.65 24.52
CA HIS G 168 17.56 -7.38 24.28
C HIS G 168 18.33 -6.88 25.48
N GLU G 169 19.36 -7.63 25.85
CA GLU G 169 20.23 -7.24 26.95
C GLU G 169 19.71 -7.58 28.33
N HIS G 170 18.54 -7.01 28.67
CA HIS G 170 17.90 -7.16 29.98
C HIS G 170 16.80 -8.24 30.07
N TRP G 171 16.15 -8.28 31.25
CA TRP G 171 15.06 -9.21 31.59
C TRP G 171 13.64 -8.81 31.17
N GLN G 172 12.88 -9.83 30.82
CA GLN G 172 11.53 -9.69 30.33
C GLN G 172 10.80 -10.82 31.06
N SER G 173 9.67 -10.51 31.67
CA SER G 173 8.89 -11.52 32.41
C SER G 173 7.93 -12.23 31.47
N MET G 174 7.66 -13.49 31.78
CA MET G 174 6.79 -14.29 30.94
C MET G 174 5.47 -14.57 31.63
N TYR G 175 5.56 -15.28 32.73
CA TYR G 175 4.39 -15.57 33.51
C TYR G 175 4.78 -15.67 34.95
N CYS G 176 3.77 -15.84 35.81
CA CYS G 176 4.03 -16.02 37.23
C CYS G 176 3.17 -17.17 37.75
N PHE G 177 3.59 -17.74 38.88
CA PHE G 177 2.87 -18.86 39.43
C PHE G 177 3.15 -19.07 40.92
N ASP G 178 2.44 -19.96 41.57
CA ASP G 178 2.71 -20.14 42.99
C ASP G 178 2.62 -21.61 43.21
N LEU G 179 3.19 -22.13 44.28
CA LEU G 179 3.19 -23.57 44.39
C LEU G 179 1.89 -24.25 44.79
N GLY G 180 0.76 -23.56 44.61
CA GLY G 180 -0.47 -24.18 45.01
C GLY G 180 -0.85 -25.37 44.17
N VAL G 181 -1.46 -26.35 44.82
CA VAL G 181 -1.96 -27.55 44.12
C VAL G 181 -3.02 -27.21 43.09
N GLN G 182 -3.13 -28.00 42.05
CA GLN G 182 -4.17 -27.77 41.05
C GLN G 182 -4.89 -29.09 40.85
N GLN G 183 -6.12 -29.05 40.34
CA GLN G 183 -6.88 -30.27 40.09
C GLN G 183 -7.23 -30.36 38.61
N GLN G 184 -7.53 -31.55 38.11
CA GLN G 184 -7.78 -31.68 36.66
C GLN G 184 -8.76 -30.66 36.17
N SER G 185 -9.85 -30.49 36.90
CA SER G 185 -10.84 -29.51 36.54
C SER G 185 -10.19 -28.12 36.45
N ASP G 186 -9.25 -27.78 37.33
CA ASP G 186 -8.66 -26.49 37.21
C ASP G 186 -7.99 -26.33 35.86
N HIS G 187 -7.56 -27.40 35.23
CA HIS G 187 -6.98 -27.24 33.91
C HIS G 187 -8.12 -27.28 32.94
N VAL G 188 -9.16 -28.03 33.22
CA VAL G 188 -10.25 -28.05 32.28
C VAL G 188 -10.82 -26.64 32.14
N MET G 189 -10.89 -25.90 33.26
CA MET G 189 -11.41 -24.55 33.20
C MET G 189 -10.40 -23.71 32.44
N GLY G 190 -9.13 -23.90 32.73
CA GLY G 190 -8.08 -23.18 32.03
C GLY G 190 -8.21 -23.38 30.53
N ASN G 191 -8.37 -24.62 30.13
CA ASN G 191 -8.51 -24.86 28.71
C ASN G 191 -9.77 -24.16 28.20
N PHE G 192 -10.88 -24.26 28.94
CA PHE G 192 -12.15 -23.65 28.52
C PHE G 192 -12.04 -22.19 28.21
N TRP G 193 -11.36 -21.48 29.11
CA TRP G 193 -11.14 -20.06 28.97
C TRP G 193 -10.35 -19.84 27.70
N SER G 194 -9.16 -20.43 27.67
CA SER G 194 -8.28 -20.28 26.52
C SER G 194 -8.88 -20.53 25.16
N ALA G 195 -9.72 -21.55 25.08
CA ALA G 195 -10.25 -21.93 23.81
C ALA G 195 -11.49 -21.26 23.44
N HIS G 196 -12.21 -20.69 24.42
CA HIS G 196 -13.51 -20.08 24.20
C HIS G 196 -13.71 -18.64 24.61
N TRP G 197 -12.92 -18.09 25.51
CA TRP G 197 -13.19 -16.71 25.84
C TRP G 197 -12.95 -15.89 24.61
N PRO G 198 -13.97 -15.24 24.06
CA PRO G 198 -13.84 -14.42 22.84
C PRO G 198 -12.56 -13.63 22.64
N GLN G 199 -12.02 -13.01 23.68
CA GLN G 199 -10.81 -12.23 23.48
C GLN G 199 -9.54 -13.04 23.59
N SER G 200 -9.64 -14.37 23.70
CA SER G 200 -8.41 -15.17 23.84
C SER G 200 -7.66 -15.14 22.52
N HIS G 201 -6.36 -14.79 22.54
CA HIS G 201 -5.66 -14.73 21.24
C HIS G 201 -5.62 -16.05 20.46
N PHE G 202 -5.61 -17.17 21.16
CA PHE G 202 -5.64 -18.45 20.49
C PHE G 202 -6.84 -18.62 19.55
N ARG G 203 -7.83 -17.74 19.61
CA ARG G 203 -8.94 -17.90 18.72
C ARG G 203 -8.78 -17.01 17.52
N HIS G 204 -7.68 -16.27 17.43
CA HIS G 204 -7.53 -15.37 16.32
C HIS G 204 -6.38 -15.59 15.35
N HIS G 205 -5.66 -16.68 15.56
CA HIS G 205 -4.61 -16.98 14.63
C HIS G 205 -4.00 -18.32 14.89
N LEU G 206 -3.59 -19.00 13.82
CA LEU G 206 -2.96 -20.32 13.91
C LEU G 206 -1.59 -20.18 14.51
N LEU G 207 -1.26 -21.05 15.45
CA LEU G 207 0.03 -20.96 16.07
C LEU G 207 0.75 -22.28 16.15
N MET G 208 1.93 -22.35 15.55
CA MET G 208 2.68 -23.58 15.63
C MET G 208 4.12 -23.28 15.96
N CYS G 209 4.75 -24.18 16.69
CA CYS G 209 6.12 -23.95 17.04
C CYS G 209 6.75 -25.25 17.46
N ARG G 210 7.87 -25.57 16.82
CA ARG G 210 8.54 -26.81 17.13
C ARG G 210 9.98 -26.51 17.41
N HIS G 211 10.63 -27.33 18.22
CA HIS G 211 12.03 -27.08 18.50
C HIS G 211 13.03 -28.00 17.78
N LEU G 212 14.21 -27.48 17.48
CA LEU G 212 15.29 -28.23 16.82
C LEU G 212 16.49 -28.39 17.75
N PRO G 213 17.29 -29.46 17.54
CA PRO G 213 18.48 -29.79 18.33
C PRO G 213 19.46 -28.67 18.69
N ASP G 214 20.04 -28.00 17.69
CA ASP G 214 21.00 -26.94 17.98
C ASP G 214 20.43 -25.54 18.07
N GLY G 215 19.83 -25.23 19.23
CA GLY G 215 19.26 -23.92 19.49
C GLY G 215 18.34 -23.35 18.42
N GLY G 216 17.87 -24.23 17.55
CA GLY G 216 16.99 -23.77 16.50
C GLY G 216 15.54 -24.11 16.78
N LYS G 217 14.64 -23.43 16.08
CA LYS G 217 13.23 -23.67 16.25
C LYS G 217 12.46 -23.15 15.06
N LEU G 218 11.28 -23.72 14.85
CA LEU G 218 10.43 -23.31 13.76
C LEU G 218 9.29 -22.53 14.37
N THR G 219 8.60 -21.75 13.54
CA THR G 219 7.56 -20.85 14.02
C THR G 219 6.56 -20.48 12.97
N LEU G 220 5.33 -20.93 13.14
CA LEU G 220 4.32 -20.54 12.18
C LEU G 220 3.33 -19.64 12.92
N THR G 221 2.79 -18.64 12.23
CA THR G 221 1.81 -17.70 12.79
C THR G 221 1.01 -17.41 11.55
N ASN G 222 -0.04 -18.17 11.33
CA ASN G 222 -0.83 -18.06 10.12
C ASN G 222 0.07 -18.48 8.96
N PHE G 223 0.29 -17.59 8.01
CA PHE G 223 1.15 -17.99 6.91
C PHE G 223 2.58 -17.57 7.11
N HIS G 224 2.89 -16.89 8.21
CA HIS G 224 4.26 -16.47 8.42
C HIS G 224 5.10 -17.56 9.10
N PHE G 225 5.91 -18.23 8.28
CA PHE G 225 6.80 -19.28 8.74
C PHE G 225 8.18 -18.66 9.00
N THR G 226 8.91 -19.20 9.98
CA THR G 226 10.20 -18.66 10.34
C THR G 226 11.10 -19.73 10.93
N ARG G 227 12.37 -19.75 10.56
CA ARG G 227 13.30 -20.74 11.09
C ARG G 227 14.32 -19.99 11.89
N TYR G 228 14.79 -20.59 12.98
CA TYR G 228 15.77 -19.91 13.82
C TYR G 228 16.95 -20.80 14.12
N HIS G 229 18.13 -20.20 14.22
CA HIS G 229 19.32 -20.95 14.58
C HIS G 229 20.03 -20.23 15.70
N GLN G 230 20.42 -20.97 16.72
CA GLN G 230 21.08 -20.39 17.88
C GLN G 230 20.40 -19.08 18.27
N GLY G 231 19.08 -19.09 18.20
CA GLY G 231 18.31 -17.92 18.56
C GLY G 231 18.35 -16.77 17.56
N HIS G 232 18.45 -17.08 16.28
CA HIS G 232 18.49 -16.03 15.26
C HIS G 232 17.58 -16.34 14.08
N ALA G 233 16.93 -15.29 13.59
CA ALA G 233 16.00 -15.45 12.49
C ALA G 233 16.66 -15.72 11.16
N VAL G 234 16.90 -17.00 10.88
CA VAL G 234 17.50 -17.41 9.62
C VAL G 234 16.40 -17.87 8.67
N GLU G 235 16.08 -17.10 7.63
CA GLU G 235 15.02 -17.49 6.70
C GLU G 235 13.62 -17.21 7.26
N GLN G 236 12.76 -16.61 6.46
CA GLN G 236 11.42 -16.29 6.88
C GLN G 236 10.55 -16.39 5.68
N VAL G 237 9.83 -17.49 5.54
CA VAL G 237 8.97 -17.65 4.39
C VAL G 237 7.54 -17.30 4.68
N ASN G 238 6.90 -16.71 3.68
CA ASN G 238 5.52 -16.37 3.84
C ASN G 238 4.70 -17.28 2.95
N VAL G 239 4.35 -18.45 3.45
CA VAL G 239 3.56 -19.41 2.69
C VAL G 239 2.47 -18.70 1.89
N PRO G 240 2.38 -19.01 0.61
CA PRO G 240 1.42 -18.41 -0.30
C PRO G 240 0.04 -19.02 -0.45
N ASP G 241 -0.22 -20.18 0.13
CA ASP G 241 -1.54 -20.76 -0.04
C ASP G 241 -1.83 -21.87 0.94
N VAL G 242 -3.11 -22.14 1.12
CA VAL G 242 -3.53 -23.19 2.04
C VAL G 242 -2.82 -24.54 1.75
N PRO G 243 -2.95 -25.06 0.51
CA PRO G 243 -2.33 -26.34 0.13
C PRO G 243 -0.89 -26.36 0.54
N SER G 244 -0.22 -25.29 0.17
CA SER G 244 1.18 -25.19 0.50
C SER G 244 1.43 -25.25 2.00
N LEU G 245 0.54 -24.64 2.77
CA LEU G 245 0.66 -24.64 4.23
C LEU G 245 0.36 -26.01 4.80
N TYR G 246 -0.67 -26.64 4.24
CA TYR G 246 -1.04 -27.97 4.66
C TYR G 246 0.22 -28.81 4.57
N GLN G 247 0.96 -28.63 3.49
CA GLN G 247 2.20 -29.38 3.29
C GLN G 247 3.22 -29.00 4.35
N LEU G 248 3.44 -27.70 4.51
CA LEU G 248 4.39 -27.22 5.50
C LEU G 248 4.15 -27.80 6.91
N LEU G 249 2.88 -28.02 7.27
CA LEU G 249 2.54 -28.56 8.59
C LEU G 249 3.06 -29.97 8.77
N GLN G 250 2.97 -30.76 7.72
CA GLN G 250 3.43 -32.15 7.78
C GLN G 250 4.95 -32.22 7.64
N GLN G 251 5.52 -31.42 6.75
CA GLN G 251 6.97 -31.42 6.57
C GLN G 251 7.73 -30.90 7.76
N GLN G 252 7.69 -29.58 7.94
CA GLN G 252 8.40 -28.91 9.01
C GLN G 252 8.02 -29.24 10.45
N PHE G 253 6.74 -29.39 10.75
CA PHE G 253 6.38 -29.66 12.13
C PHE G 253 6.07 -31.09 12.42
N GLY G 254 5.83 -31.84 11.35
CA GLY G 254 5.56 -33.26 11.47
C GLY G 254 4.22 -33.49 12.10
N LEU G 255 3.23 -32.86 11.52
CA LEU G 255 1.91 -32.96 12.05
C LEU G 255 1.19 -34.14 11.42
N GLY G 256 0.57 -34.95 12.25
CA GLY G 256 -0.12 -36.11 11.75
C GLY G 256 -1.43 -35.70 11.14
N VAL G 257 -1.41 -35.18 9.92
CA VAL G 257 -2.62 -34.74 9.24
C VAL G 257 -3.71 -35.79 8.99
N ASN G 258 -3.42 -37.06 9.20
CA ASN G 258 -4.44 -38.08 9.01
C ASN G 258 -4.63 -38.75 10.34
N ASP G 259 -5.71 -39.48 10.46
CA ASP G 259 -5.97 -40.18 11.72
C ASP G 259 -7.45 -40.20 11.80
N VAL G 260 -7.98 -41.38 11.99
CA VAL G 260 -9.41 -41.57 12.07
C VAL G 260 -10.10 -40.48 12.87
N LYS G 261 -9.52 -40.20 14.03
CA LYS G 261 -10.04 -39.21 14.96
C LYS G 261 -9.48 -37.80 14.78
N HIS G 262 -8.32 -37.52 15.34
CA HIS G 262 -7.74 -36.19 15.27
C HIS G 262 -7.16 -35.61 14.01
N GLY G 263 -7.33 -36.30 12.89
CA GLY G 263 -6.79 -35.73 11.66
C GLY G 263 -7.72 -34.65 11.20
N PHE G 264 -7.36 -34.04 10.08
CA PHE G 264 -8.15 -32.98 9.51
C PHE G 264 -7.82 -32.76 8.04
N THR G 265 -8.84 -32.74 7.20
CA THR G 265 -8.64 -32.50 5.78
C THR G 265 -7.96 -31.15 5.53
N GLU G 266 -7.55 -30.95 4.28
CA GLU G 266 -6.89 -29.70 3.91
C GLU G 266 -7.98 -28.65 3.66
N ALA G 267 -9.18 -29.11 3.31
CA ALA G 267 -10.23 -28.13 3.09
C ALA G 267 -10.59 -27.53 4.42
N GLU G 268 -10.46 -28.31 5.49
CA GLU G 268 -10.77 -27.81 6.81
C GLU G 268 -9.77 -26.72 7.18
N LEU G 269 -8.49 -26.92 6.90
CA LEU G 269 -7.50 -25.91 7.22
C LEU G 269 -7.80 -24.66 6.42
N ALA G 270 -8.42 -24.83 5.26
CA ALA G 270 -8.74 -23.67 4.43
C ALA G 270 -9.82 -22.85 5.13
N ALA G 271 -10.90 -23.50 5.57
CA ALA G 271 -11.97 -22.79 6.27
C ALA G 271 -11.42 -22.07 7.50
N VAL G 272 -10.42 -22.65 8.14
CA VAL G 272 -9.86 -22.02 9.28
C VAL G 272 -9.06 -20.80 8.91
N MET G 273 -8.20 -20.89 7.91
CA MET G 273 -7.44 -19.70 7.50
C MET G 273 -8.36 -18.69 6.80
N ALA G 274 -9.53 -19.12 6.37
CA ALA G 274 -10.40 -18.21 5.65
C ALA G 274 -10.90 -17.11 6.55
N ALA G 275 -11.11 -17.46 7.82
CA ALA G 275 -11.61 -16.52 8.80
C ALA G 275 -10.75 -15.27 8.92
N PHE G 276 -9.49 -15.38 8.54
CA PHE G 276 -8.59 -14.23 8.61
C PHE G 276 -8.28 -13.66 7.22
N HIS H 3 -29.78 -51.24 -9.63
CA HIS H 3 -28.38 -50.78 -9.38
C HIS H 3 -28.14 -50.53 -7.88
N MET H 4 -26.86 -50.55 -7.48
CA MET H 4 -26.51 -50.33 -6.09
C MET H 4 -25.11 -49.75 -5.81
N THR H 5 -25.05 -48.47 -5.45
CA THR H 5 -23.78 -47.79 -5.15
C THR H 5 -23.22 -48.21 -3.79
N SER H 6 -21.93 -47.97 -3.60
CA SER H 6 -21.27 -48.34 -2.37
C SER H 6 -22.04 -47.94 -1.12
N PHE H 7 -22.54 -46.70 -1.14
CA PHE H 7 -23.32 -46.12 -0.04
C PHE H 7 -24.64 -46.86 0.12
N LEU H 8 -25.42 -46.82 -0.96
CA LEU H 8 -26.72 -47.44 -1.02
C LEU H 8 -26.63 -48.80 -0.38
N HIS H 9 -25.48 -49.42 -0.52
CA HIS H 9 -25.26 -50.72 0.07
C HIS H 9 -25.45 -50.69 1.59
N ALA H 10 -24.51 -50.10 2.33
CA ALA H 10 -24.62 -50.05 3.78
C ALA H 10 -25.92 -49.37 4.25
N TYR H 11 -26.56 -48.63 3.34
CA TYR H 11 -27.81 -47.99 3.71
C TYR H 11 -28.82 -49.08 3.96
N PHE H 12 -29.04 -49.89 2.94
CA PHE H 12 -29.98 -50.98 3.04
C PHE H 12 -29.59 -51.89 4.19
N THR H 13 -28.29 -52.14 4.30
CA THR H 13 -27.79 -52.97 5.36
C THR H 13 -28.27 -52.40 6.67
N ARG H 14 -28.08 -51.10 6.93
CA ARG H 14 -28.55 -50.56 8.23
C ARG H 14 -30.08 -50.60 8.40
N LEU H 15 -30.78 -50.43 7.30
CA LEU H 15 -32.23 -50.46 7.35
C LEU H 15 -32.79 -51.87 7.50
N HIS H 16 -31.93 -52.89 7.60
CA HIS H 16 -32.42 -54.27 7.72
C HIS H 16 -33.45 -54.42 6.62
N CYS H 17 -33.08 -54.05 5.42
CA CYS H 17 -34.03 -54.10 4.35
C CYS H 17 -33.45 -54.60 3.02
N GLN H 18 -34.30 -55.04 2.09
CA GLN H 18 -33.81 -55.58 0.83
C GLN H 18 -33.66 -54.52 -0.25
N PRO H 19 -32.56 -54.56 -1.00
CA PRO H 19 -32.31 -53.59 -2.07
C PRO H 19 -33.52 -53.25 -2.90
N LEU H 20 -33.51 -52.04 -3.45
CA LEU H 20 -34.57 -51.53 -4.31
C LEU H 20 -33.85 -50.74 -5.37
N GLY H 21 -34.22 -50.93 -6.64
CA GLY H 21 -33.55 -50.20 -7.69
C GLY H 21 -34.51 -49.40 -8.54
N VAL H 22 -35.81 -49.59 -8.29
CA VAL H 22 -36.80 -48.84 -9.05
C VAL H 22 -37.53 -47.81 -8.18
N PRO H 23 -37.32 -46.51 -8.48
CA PRO H 23 -37.91 -45.36 -7.78
C PRO H 23 -39.42 -45.20 -7.98
N THR H 24 -40.21 -45.76 -7.08
CA THR H 24 -41.64 -45.67 -7.24
C THR H 24 -42.24 -45.26 -5.92
N VAL H 25 -43.51 -44.85 -5.94
CA VAL H 25 -44.13 -44.45 -4.69
C VAL H 25 -44.03 -45.57 -3.69
N GLU H 26 -44.20 -46.81 -4.13
CA GLU H 26 -44.15 -47.91 -3.16
C GLU H 26 -42.75 -48.04 -2.53
N ALA H 27 -41.70 -47.85 -3.35
CA ALA H 27 -40.32 -47.93 -2.88
C ALA H 27 -40.14 -46.88 -1.79
N LEU H 28 -40.67 -45.70 -2.06
CA LEU H 28 -40.59 -44.61 -1.12
C LEU H 28 -41.30 -45.05 0.15
N ARG H 29 -42.57 -45.42 -0.02
CA ARG H 29 -43.41 -45.83 1.10
C ARG H 29 -42.68 -46.70 2.12
N THR H 30 -41.90 -47.67 1.64
CA THR H 30 -41.23 -48.58 2.55
C THR H 30 -39.90 -48.05 3.08
N LEU H 31 -39.06 -47.52 2.20
CA LEU H 31 -37.79 -46.99 2.65
C LEU H 31 -38.00 -46.04 3.77
N HIS H 32 -39.05 -45.25 3.68
CA HIS H 32 -39.36 -44.26 4.69
C HIS H 32 -39.55 -44.97 6.04
N LEU H 33 -40.50 -45.90 6.08
CA LEU H 33 -40.76 -46.60 7.32
C LEU H 33 -39.53 -47.31 7.77
N ALA H 34 -38.76 -47.82 6.80
CA ALA H 34 -37.53 -48.54 7.12
C ALA H 34 -36.62 -47.67 7.92
N HIS H 35 -36.35 -46.53 7.32
CA HIS H 35 -35.51 -45.52 7.91
C HIS H 35 -36.06 -45.15 9.27
N ASN H 36 -37.35 -44.87 9.33
CA ASN H 36 -37.95 -44.49 10.60
C ASN H 36 -37.78 -45.48 11.74
N CYS H 37 -37.48 -46.73 11.44
CA CYS H 37 -37.36 -47.71 12.51
C CYS H 37 -35.96 -48.08 12.77
N ALA H 38 -35.13 -47.89 11.78
CA ALA H 38 -33.73 -48.22 11.95
C ALA H 38 -32.88 -47.09 12.56
N ILE H 39 -32.84 -45.91 11.93
CA ILE H 39 -32.02 -44.80 12.36
C ILE H 39 -32.74 -43.88 13.28
N PRO H 40 -32.48 -43.94 14.58
CA PRO H 40 -33.16 -43.08 15.54
C PRO H 40 -32.95 -41.55 15.45
N PHE H 41 -33.88 -40.81 16.06
CA PHE H 41 -33.85 -39.37 16.14
C PHE H 41 -33.13 -39.11 17.43
N GLU H 42 -31.98 -38.45 17.35
CA GLU H 42 -31.20 -38.21 18.54
C GLU H 42 -30.52 -36.82 18.41
N ASN H 43 -30.25 -36.19 19.54
CA ASN H 43 -29.64 -34.89 19.60
C ASN H 43 -28.52 -34.95 20.59
N LEU H 44 -27.90 -36.10 20.70
CA LEU H 44 -26.88 -36.25 21.70
C LEU H 44 -25.61 -35.47 21.42
N ASP H 45 -25.24 -35.33 20.16
CA ASP H 45 -24.03 -34.56 19.83
C ASP H 45 -24.18 -33.10 20.17
N VAL H 46 -25.41 -32.65 20.36
CA VAL H 46 -25.61 -31.29 20.70
C VAL H 46 -25.33 -31.10 22.18
N LEU H 47 -25.80 -32.02 23.03
CA LEU H 47 -25.59 -31.87 24.46
C LEU H 47 -24.17 -32.13 24.89
N LEU H 48 -23.59 -33.25 24.49
CA LEU H 48 -22.20 -33.43 24.90
C LEU H 48 -21.74 -32.55 23.80
N PRO H 49 -21.07 -31.47 24.14
CA PRO H 49 -20.66 -30.60 23.03
C PRO H 49 -19.89 -31.40 21.94
N ARG H 50 -20.34 -31.32 20.70
CA ARG H 50 -19.63 -32.05 19.66
C ARG H 50 -20.18 -31.64 18.30
N GLU H 51 -19.41 -30.94 17.47
CA GLU H 51 -19.90 -30.46 16.18
C GLU H 51 -20.56 -31.43 15.22
N ILE H 52 -21.62 -31.01 14.57
CA ILE H 52 -22.32 -31.87 13.65
C ILE H 52 -21.99 -31.61 12.19
N GLN H 53 -21.20 -32.43 11.53
CA GLN H 53 -20.91 -32.13 10.13
C GLN H 53 -22.10 -32.62 9.39
N LEU H 54 -22.34 -32.06 8.20
CA LEU H 54 -23.45 -32.46 7.35
C LEU H 54 -23.05 -32.92 5.96
N ASP H 55 -21.77 -33.16 5.72
CA ASP H 55 -21.36 -33.59 4.39
C ASP H 55 -21.60 -35.06 4.23
N GLU H 56 -22.08 -35.48 3.08
CA GLU H 56 -22.29 -36.92 2.96
C GLU H 56 -20.93 -37.56 3.13
N THR H 57 -20.72 -38.22 4.26
CA THR H 57 -19.47 -38.92 4.57
C THR H 57 -19.46 -38.86 6.05
N ALA H 58 -19.69 -37.68 6.58
CA ALA H 58 -19.76 -37.60 8.01
C ALA H 58 -21.13 -38.17 8.31
N LEU H 59 -22.12 -37.86 7.49
CA LEU H 59 -23.43 -38.44 7.72
C LEU H 59 -23.38 -39.96 7.61
N GLU H 60 -22.66 -40.43 6.59
CA GLU H 60 -22.50 -41.85 6.32
C GLU H 60 -21.86 -42.51 7.53
N GLU H 61 -20.72 -41.97 7.95
CA GLU H 61 -20.03 -42.52 9.09
C GLU H 61 -20.78 -42.43 10.42
N LYS H 62 -21.69 -41.47 10.54
CA LYS H 62 -22.37 -41.32 11.81
C LYS H 62 -23.64 -42.13 11.91
N LEU H 63 -24.48 -41.95 10.90
CA LEU H 63 -25.76 -42.63 10.88
C LEU H 63 -25.71 -44.10 10.50
N LEU H 64 -24.81 -44.47 9.57
CA LEU H 64 -24.65 -45.86 9.16
C LEU H 64 -23.58 -46.62 9.97
N TYR H 65 -22.32 -46.42 9.64
CA TYR H 65 -21.28 -47.12 10.38
C TYR H 65 -21.28 -47.02 11.90
N ALA H 66 -21.52 -45.88 12.49
CA ALA H 66 -21.46 -45.89 13.93
C ALA H 66 -22.79 -46.27 14.54
N ARG H 67 -23.78 -46.53 13.70
CA ARG H 67 -25.10 -46.86 14.19
C ARG H 67 -25.63 -45.76 15.13
N ARG H 68 -25.49 -44.50 14.73
CA ARG H 68 -25.97 -43.39 15.57
C ARG H 68 -27.12 -42.68 14.97
N GLY H 69 -27.77 -41.82 15.77
CA GLY H 69 -28.90 -41.04 15.29
C GLY H 69 -28.56 -39.57 15.02
N GLY H 70 -29.57 -38.79 14.68
CA GLY H 70 -29.36 -37.37 14.45
C GLY H 70 -30.72 -36.73 14.40
N TYR H 71 -30.81 -35.53 13.84
CA TYR H 71 -32.10 -34.86 13.70
C TYR H 71 -32.32 -34.28 12.28
N CYS H 72 -33.34 -33.44 12.11
CA CYS H 72 -33.64 -32.81 10.81
C CYS H 72 -32.51 -33.00 9.82
N PHE H 73 -31.54 -32.12 9.91
CA PHE H 73 -30.40 -32.12 8.98
C PHE H 73 -29.64 -33.41 8.70
N GLU H 74 -29.28 -34.17 9.72
CA GLU H 74 -28.57 -35.41 9.51
C GLU H 74 -29.50 -36.44 8.92
N LEU H 75 -30.59 -36.79 9.62
CA LEU H 75 -31.51 -37.81 9.09
C LEU H 75 -31.96 -37.58 7.65
N ASN H 76 -32.62 -36.46 7.35
CA ASN H 76 -33.08 -36.25 5.98
C ASN H 76 -31.97 -36.12 5.03
N GLY H 77 -30.82 -35.75 5.55
CA GLY H 77 -29.66 -35.58 4.68
C GLY H 77 -29.21 -36.91 4.11
N LEU H 78 -29.16 -37.90 4.98
CA LEU H 78 -28.80 -39.26 4.63
C LEU H 78 -29.87 -39.82 3.72
N PHE H 79 -31.11 -39.72 4.18
CA PHE H 79 -32.26 -40.18 3.44
C PHE H 79 -32.24 -39.58 2.04
N GLU H 80 -31.98 -38.28 1.94
CA GLU H 80 -31.96 -37.66 0.63
C GLU H 80 -30.95 -38.35 -0.26
N ARG H 81 -29.78 -38.64 0.29
CA ARG H 81 -28.77 -39.28 -0.53
C ARG H 81 -29.28 -40.59 -1.02
N ALA H 82 -29.86 -41.38 -0.12
CA ALA H 82 -30.32 -42.68 -0.53
C ALA H 82 -31.29 -42.54 -1.69
N LEU H 83 -32.45 -41.93 -1.44
CA LEU H 83 -33.43 -41.71 -2.50
C LEU H 83 -32.75 -41.28 -3.81
N ARG H 84 -31.75 -40.42 -3.73
CA ARG H 84 -31.08 -39.97 -4.93
C ARG H 84 -30.36 -41.10 -5.63
N ASP H 85 -29.53 -41.82 -4.89
CA ASP H 85 -28.78 -42.96 -5.42
C ASP H 85 -29.73 -44.04 -5.98
N ILE H 86 -30.92 -44.12 -5.41
CA ILE H 86 -31.88 -45.09 -5.88
C ILE H 86 -32.54 -44.59 -7.15
N GLY H 87 -32.29 -43.34 -7.53
CA GLY H 87 -32.87 -42.82 -8.75
C GLY H 87 -34.02 -41.84 -8.64
N PHE H 88 -34.57 -41.62 -7.44
CA PHE H 88 -35.66 -40.67 -7.30
C PHE H 88 -35.20 -39.26 -7.66
N ASN H 89 -36.17 -38.35 -7.64
CA ASN H 89 -35.93 -36.94 -7.92
C ASN H 89 -36.21 -36.19 -6.60
N VAL H 90 -35.13 -35.81 -5.90
CA VAL H 90 -35.26 -35.13 -4.63
C VAL H 90 -34.35 -33.95 -4.42
N ARG H 91 -34.78 -33.12 -3.47
CA ARG H 91 -34.06 -31.92 -3.03
C ARG H 91 -34.63 -31.62 -1.64
N SER H 92 -33.88 -30.94 -0.79
CA SER H 92 -34.37 -30.65 0.55
C SER H 92 -35.17 -29.37 0.57
N LEU H 93 -35.90 -29.11 1.64
CA LEU H 93 -36.72 -27.88 1.77
C LEU H 93 -36.58 -27.42 3.20
N LEU H 94 -36.65 -26.14 3.47
CA LEU H 94 -36.55 -25.77 4.89
C LEU H 94 -37.86 -25.21 5.35
N GLY H 95 -38.28 -25.52 6.56
CA GLY H 95 -39.57 -25.03 6.99
C GLY H 95 -39.49 -24.49 8.40
N ARG H 96 -40.60 -23.96 8.88
CA ARG H 96 -40.57 -23.36 10.19
C ARG H 96 -41.39 -24.12 11.19
N VAL H 97 -40.77 -24.45 12.30
CA VAL H 97 -41.44 -25.21 13.34
C VAL H 97 -42.40 -24.33 14.09
N ILE H 98 -43.68 -24.58 13.89
CA ILE H 98 -44.70 -23.76 14.55
C ILE H 98 -45.51 -24.50 15.61
N LEU H 99 -45.07 -25.69 15.99
CA LEU H 99 -45.78 -26.44 17.00
C LEU H 99 -46.19 -25.62 18.19
N SER H 100 -45.20 -25.07 18.89
CA SER H 100 -45.43 -24.28 20.11
C SER H 100 -46.39 -23.13 19.90
N HIS H 101 -46.78 -22.92 18.63
CA HIS H 101 -47.71 -21.87 18.29
C HIS H 101 -47.11 -20.54 18.72
N PRO H 102 -45.95 -20.18 18.12
CA PRO H 102 -45.21 -18.95 18.41
C PRO H 102 -45.90 -17.68 17.96
N ALA H 103 -45.56 -16.60 18.66
CA ALA H 103 -46.09 -15.27 18.40
C ALA H 103 -45.73 -14.78 16.97
N SER H 104 -44.49 -15.03 16.54
CA SER H 104 -44.03 -14.64 15.22
C SER H 104 -43.26 -15.78 14.58
N LEU H 105 -43.40 -15.93 13.27
CA LEU H 105 -42.71 -16.99 12.56
C LEU H 105 -41.25 -17.16 12.92
N PRO H 106 -40.83 -18.42 13.25
CA PRO H 106 -39.46 -18.78 13.62
C PRO H 106 -38.69 -19.02 12.38
N PRO H 107 -37.36 -19.11 12.51
CA PRO H 107 -36.49 -19.32 11.36
C PRO H 107 -36.63 -20.68 10.73
N ARG H 108 -35.92 -20.91 9.63
CA ARG H 108 -35.97 -22.19 8.93
C ARG H 108 -35.10 -23.22 9.66
N THR H 109 -35.68 -23.83 10.69
CA THR H 109 -35.02 -24.80 11.53
C THR H 109 -35.11 -26.20 11.03
N HIS H 110 -36.21 -26.51 10.35
CA HIS H 110 -36.47 -27.87 9.91
C HIS H 110 -36.22 -28.23 8.47
N ARG H 111 -35.57 -29.36 8.25
CA ARG H 111 -35.29 -29.81 6.89
C ARG H 111 -36.32 -30.87 6.57
N LEU H 112 -36.57 -31.07 5.27
CA LEU H 112 -37.50 -32.08 4.82
C LEU H 112 -37.23 -32.34 3.34
N LEU H 113 -37.83 -33.36 2.79
CA LEU H 113 -37.56 -33.70 1.42
C LEU H 113 -38.74 -33.55 0.53
N LEU H 114 -38.44 -33.20 -0.71
CA LEU H 114 -39.48 -33.05 -1.72
C LEU H 114 -39.12 -34.08 -2.78
N VAL H 115 -40.08 -34.95 -3.09
CA VAL H 115 -39.83 -36.00 -4.05
C VAL H 115 -40.84 -36.01 -5.17
N ASP H 116 -40.31 -36.09 -6.39
CA ASP H 116 -41.13 -36.17 -7.58
C ASP H 116 -41.19 -37.60 -8.08
N VAL H 117 -42.27 -38.29 -7.71
CA VAL H 117 -42.53 -39.68 -8.10
C VAL H 117 -43.82 -39.79 -8.90
N GLU H 118 -43.74 -40.46 -10.06
CA GLU H 118 -44.87 -40.67 -10.96
C GLU H 118 -45.73 -39.42 -11.14
N ASP H 119 -45.12 -38.44 -11.82
CA ASP H 119 -45.72 -37.17 -12.13
C ASP H 119 -46.37 -36.37 -11.00
N GLU H 120 -46.22 -36.81 -9.75
CA GLU H 120 -46.77 -36.09 -8.60
C GLU H 120 -45.66 -35.60 -7.67
N GLN H 121 -46.03 -34.81 -6.68
CA GLN H 121 -45.03 -34.32 -5.75
C GLN H 121 -45.39 -34.76 -4.36
N TRP H 122 -44.43 -35.41 -3.73
CA TRP H 122 -44.62 -35.86 -2.36
C TRP H 122 -43.56 -35.25 -1.45
N ILE H 123 -43.83 -35.24 -0.16
CA ILE H 123 -42.85 -34.74 0.77
C ILE H 123 -42.55 -35.83 1.78
N ALA H 124 -41.28 -36.23 1.82
CA ALA H 124 -40.86 -37.25 2.78
C ALA H 124 -40.06 -36.54 3.85
N ASP H 125 -40.17 -37.00 5.08
CA ASP H 125 -39.46 -36.37 6.16
C ASP H 125 -39.32 -37.36 7.28
N VAL H 126 -38.08 -37.70 7.59
CA VAL H 126 -37.84 -38.66 8.68
C VAL H 126 -37.18 -38.00 9.89
N GLY H 127 -36.90 -36.71 9.78
CA GLY H 127 -36.20 -36.10 10.87
C GLY H 127 -36.91 -35.19 11.80
N PHE H 128 -38.23 -35.24 11.79
CA PHE H 128 -38.95 -34.34 12.66
C PHE H 128 -39.06 -34.82 14.09
N GLY H 129 -38.56 -36.01 14.37
CA GLY H 129 -38.67 -36.53 15.73
C GLY H 129 -40.01 -37.19 16.13
N GLY H 130 -40.48 -36.87 17.34
CA GLY H 130 -41.72 -37.43 17.82
C GLY H 130 -42.83 -37.71 16.81
N GLN H 131 -43.30 -36.66 16.14
CA GLN H 131 -44.40 -36.83 15.18
C GLN H 131 -44.00 -36.88 13.71
N THR H 132 -42.77 -37.25 13.40
CA THR H 132 -42.38 -37.28 12.01
C THR H 132 -43.31 -38.10 11.21
N LEU H 133 -43.31 -37.84 9.91
CA LEU H 133 -44.11 -38.63 9.01
C LEU H 133 -43.43 -40.01 8.99
N THR H 134 -44.16 -41.02 8.54
CA THR H 134 -43.59 -42.33 8.48
C THR H 134 -43.92 -42.87 7.12
N ALA H 135 -44.37 -41.98 6.25
CA ALA H 135 -44.74 -42.32 4.89
C ALA H 135 -44.89 -41.06 4.07
N PRO H 136 -44.50 -41.09 2.79
CA PRO H 136 -44.62 -39.92 1.94
C PRO H 136 -46.04 -39.40 2.00
N LEU H 137 -46.22 -38.13 1.65
CA LEU H 137 -47.55 -37.50 1.59
C LEU H 137 -47.59 -36.80 0.25
N ARG H 138 -48.78 -36.61 -0.27
CA ARG H 138 -48.94 -35.94 -1.55
C ARG H 138 -49.07 -34.46 -1.26
N LEU H 139 -48.52 -33.63 -2.14
CA LEU H 139 -48.67 -32.18 -1.98
C LEU H 139 -50.10 -31.78 -2.42
N GLN H 140 -51.03 -31.75 -1.47
CA GLN H 140 -52.41 -31.37 -1.74
C GLN H 140 -53.07 -30.94 -0.45
N ALA H 141 -53.95 -29.94 -0.56
CA ALA H 141 -54.65 -29.43 0.62
C ALA H 141 -55.87 -30.26 1.00
N GLU H 142 -56.33 -30.04 2.23
CA GLU H 142 -57.51 -30.71 2.84
C GLU H 142 -57.42 -32.23 2.95
N ILE H 143 -57.09 -32.88 1.83
CA ILE H 143 -56.96 -34.33 1.76
C ILE H 143 -56.34 -34.91 3.02
N ALA H 144 -57.15 -35.44 3.93
CA ALA H 144 -56.62 -36.01 5.14
C ALA H 144 -55.82 -37.26 4.80
N GLN H 145 -54.48 -37.12 4.66
CA GLN H 145 -53.60 -38.23 4.33
C GLN H 145 -53.28 -39.17 5.50
N GLN H 146 -53.12 -40.45 5.17
CA GLN H 146 -52.88 -41.47 6.18
C GLN H 146 -51.44 -42.03 6.27
N THR H 147 -50.99 -42.25 7.50
CA THR H 147 -49.67 -42.75 7.75
C THR H 147 -49.65 -43.79 8.83
N PRO H 148 -48.78 -44.80 8.70
CA PRO H 148 -48.62 -45.89 9.66
C PRO H 148 -48.68 -45.45 11.12
N HIS H 149 -48.40 -44.18 11.39
CA HIS H 149 -48.45 -43.74 12.78
C HIS H 149 -49.36 -42.57 13.05
N GLY H 150 -50.10 -42.13 12.04
CA GLY H 150 -50.99 -41.01 12.28
C GLY H 150 -51.67 -40.50 11.03
N GLU H 151 -52.54 -39.50 11.24
CA GLU H 151 -53.27 -38.87 10.14
C GLU H 151 -52.83 -37.41 10.00
N TYR H 152 -52.52 -36.99 8.79
CA TYR H 152 -52.07 -35.61 8.59
C TYR H 152 -52.76 -34.90 7.42
N ARG H 153 -52.38 -33.64 7.18
CA ARG H 153 -52.89 -32.81 6.08
C ARG H 153 -51.95 -31.65 5.71
N LEU H 154 -51.94 -31.29 4.43
CA LEU H 154 -51.10 -30.22 3.91
C LEU H 154 -51.82 -28.89 3.59
N MET H 155 -52.76 -28.51 4.45
CA MET H 155 -53.55 -27.28 4.34
C MET H 155 -52.74 -26.17 3.70
N GLN H 156 -53.37 -25.33 2.90
CA GLN H 156 -52.58 -24.27 2.28
C GLN H 156 -53.01 -22.82 2.61
N GLU H 157 -52.04 -21.96 2.80
CA GLU H 157 -52.34 -20.60 3.10
C GLU H 157 -51.44 -19.83 2.19
N GLY H 158 -51.66 -19.92 0.88
CA GLY H 158 -50.84 -19.19 -0.08
C GLY H 158 -49.84 -20.00 -0.91
N SER H 159 -48.59 -19.57 -0.90
CA SER H 159 -47.51 -20.26 -1.61
C SER H 159 -46.82 -21.24 -0.62
N THR H 160 -46.99 -20.91 0.66
CA THR H 160 -46.43 -21.66 1.76
C THR H 160 -47.48 -22.64 2.29
N TRP H 161 -47.05 -23.84 2.72
CA TRP H 161 -47.95 -24.90 3.20
C TRP H 161 -47.85 -25.14 4.65
N ILE H 162 -48.91 -25.63 5.26
CA ILE H 162 -48.83 -25.90 6.69
C ILE H 162 -49.06 -27.37 6.99
N LEU H 163 -48.15 -28.01 7.72
CA LEU H 163 -48.37 -29.41 8.00
C LEU H 163 -49.12 -29.56 9.30
N GLN H 164 -50.09 -30.46 9.29
CA GLN H 164 -50.88 -30.67 10.48
C GLN H 164 -51.28 -32.10 10.63
N PHE H 165 -51.46 -32.46 11.90
CA PHE H 165 -51.86 -33.78 12.28
C PHE H 165 -52.97 -33.65 13.30
N ARG H 166 -53.97 -34.51 13.14
CA ARG H 166 -55.13 -34.53 13.96
C ARG H 166 -54.81 -34.97 15.38
N HIS H 167 -54.31 -34.04 16.20
CA HIS H 167 -53.97 -34.32 17.60
C HIS H 167 -55.24 -34.61 18.44
N HIS H 168 -55.45 -33.87 19.53
CA HIS H 168 -56.61 -34.05 20.41
C HIS H 168 -57.96 -33.98 19.70
N GLU H 169 -58.11 -34.86 18.71
CA GLU H 169 -59.31 -34.95 17.89
C GLU H 169 -59.22 -34.00 16.66
N HIS H 170 -59.30 -32.69 16.88
CA HIS H 170 -59.20 -31.69 15.81
C HIS H 170 -57.75 -31.53 15.34
N TRP H 171 -57.54 -30.98 14.14
CA TRP H 171 -56.20 -30.77 13.57
C TRP H 171 -55.28 -29.87 14.43
N GLN H 172 -53.98 -29.84 14.12
CA GLN H 172 -53.00 -28.98 14.81
C GLN H 172 -51.75 -28.73 14.00
N SER H 173 -51.35 -27.48 13.91
CA SER H 173 -50.18 -27.10 13.15
C SER H 173 -48.88 -27.71 13.68
N MET H 174 -48.00 -28.16 12.77
CA MET H 174 -46.69 -28.74 13.13
C MET H 174 -45.61 -27.82 12.66
N TYR H 175 -45.61 -27.57 11.35
CA TYR H 175 -44.63 -26.67 10.73
C TYR H 175 -44.98 -26.29 9.27
N CYS H 176 -44.59 -25.09 8.88
CA CYS H 176 -44.88 -24.59 7.54
C CYS H 176 -43.64 -24.44 6.70
N PHE H 177 -43.81 -24.41 5.39
CA PHE H 177 -42.65 -24.32 4.54
C PHE H 177 -43.21 -24.07 3.16
N ASP H 178 -42.31 -23.94 2.21
CA ASP H 178 -42.67 -23.65 0.82
C ASP H 178 -41.83 -24.49 -0.11
N LEU H 179 -41.71 -24.15 -1.39
CA LEU H 179 -40.89 -24.97 -2.25
C LEU H 179 -39.63 -24.32 -2.71
N GLY H 180 -39.15 -23.35 -1.96
CA GLY H 180 -37.93 -22.72 -2.42
C GLY H 180 -36.70 -23.60 -2.30
N VAL H 181 -35.78 -23.46 -3.25
CA VAL H 181 -34.53 -24.20 -3.24
C VAL H 181 -33.71 -23.91 -1.97
N GLN H 182 -32.91 -24.87 -1.52
CA GLN H 182 -32.06 -24.62 -0.38
C GLN H 182 -30.66 -25.03 -0.79
N GLN H 183 -29.65 -24.57 -0.06
CA GLN H 183 -28.27 -24.94 -0.36
C GLN H 183 -27.62 -25.57 0.87
N GLN H 184 -26.58 -26.39 0.69
CA GLN H 184 -25.97 -27.08 1.82
C GLN H 184 -25.76 -26.12 2.94
N SER H 185 -25.21 -24.97 2.60
CA SER H 185 -24.96 -23.98 3.63
C SER H 185 -26.24 -23.63 4.36
N ASP H 186 -27.35 -23.56 3.65
CA ASP H 186 -28.55 -23.20 4.36
C ASP H 186 -28.86 -24.18 5.46
N HIS H 187 -28.40 -25.42 5.29
CA HIS H 187 -28.62 -26.44 6.30
C HIS H 187 -27.57 -26.29 7.35
N VAL H 188 -26.36 -25.98 6.91
CA VAL H 188 -25.33 -25.79 7.89
C VAL H 188 -25.78 -24.68 8.83
N MET H 189 -26.40 -23.63 8.30
CA MET H 189 -26.83 -22.54 9.17
C MET H 189 -27.97 -23.03 10.07
N GLY H 190 -28.86 -23.81 9.49
CA GLY H 190 -29.95 -24.31 10.29
C GLY H 190 -29.41 -25.16 11.41
N ASN H 191 -28.39 -25.94 11.08
CA ASN H 191 -27.84 -26.77 12.12
C ASN H 191 -27.19 -25.88 13.18
N PHE H 192 -26.43 -24.87 12.72
CA PHE H 192 -25.73 -24.01 13.66
C PHE H 192 -26.67 -23.43 14.65
N TRP H 193 -27.80 -22.91 14.13
CA TRP H 193 -28.84 -22.31 14.96
C TRP H 193 -29.26 -23.32 16.01
N SER H 194 -29.84 -24.42 15.51
CA SER H 194 -30.36 -25.48 16.35
C SER H 194 -29.46 -26.04 17.42
N ALA H 195 -28.18 -26.11 17.12
CA ALA H 195 -27.23 -26.65 18.05
C ALA H 195 -26.59 -25.66 19.00
N HIS H 196 -26.56 -24.40 18.56
CA HIS H 196 -25.92 -23.33 19.33
C HIS H 196 -26.75 -22.09 19.84
N TRP H 197 -27.91 -21.82 19.26
CA TRP H 197 -28.66 -20.70 19.81
C TRP H 197 -29.09 -21.02 21.24
N PRO H 198 -28.58 -20.27 22.19
CA PRO H 198 -28.91 -20.51 23.58
C PRO H 198 -30.29 -20.93 23.92
N GLN H 199 -31.29 -20.37 23.27
CA GLN H 199 -32.64 -20.74 23.62
C GLN H 199 -33.15 -21.93 22.84
N SER H 200 -32.30 -22.61 22.08
CA SER H 200 -32.79 -23.76 21.29
C SER H 200 -33.16 -24.87 22.23
N HIS H 201 -34.34 -25.49 22.12
CA HIS H 201 -34.62 -26.52 23.11
C HIS H 201 -33.66 -27.72 23.05
N PHE H 202 -33.15 -28.03 21.87
CA PHE H 202 -32.18 -29.11 21.75
C PHE H 202 -30.96 -28.99 22.66
N ARG H 203 -30.76 -27.85 23.30
CA ARG H 203 -29.63 -27.79 24.18
C ARG H 203 -30.08 -28.00 25.60
N HIS H 204 -31.35 -28.28 25.79
CA HIS H 204 -31.80 -28.39 27.17
C HIS H 204 -32.35 -29.72 27.63
N HIS H 205 -32.22 -30.71 26.77
CA HIS H 205 -32.67 -32.03 27.16
C HIS H 205 -32.42 -33.08 26.11
N LEU H 206 -32.12 -34.28 26.58
CA LEU H 206 -31.82 -35.40 25.69
C LEU H 206 -33.07 -35.85 24.99
N LEU H 207 -32.96 -36.05 23.68
CA LEU H 207 -34.11 -36.46 22.92
C LEU H 207 -33.87 -37.63 22.03
N MET H 208 -34.64 -38.69 22.26
CA MET H 208 -34.51 -39.83 21.42
C MET H 208 -35.86 -40.34 21.04
N CYS H 209 -35.95 -40.82 19.81
CA CYS H 209 -37.19 -41.37 19.33
C CYS H 209 -36.95 -42.32 18.17
N ARG H 210 -37.54 -43.50 18.28
CA ARG H 210 -37.37 -44.50 17.27
C ARG H 210 -38.71 -45.10 16.95
N HIS H 211 -38.88 -45.51 15.70
CA HIS H 211 -40.15 -46.11 15.31
C HIS H 211 -40.17 -47.61 15.18
N LEU H 212 -41.33 -48.20 15.49
CA LEU H 212 -41.54 -49.64 15.42
C LEU H 212 -42.56 -49.96 14.34
N PRO H 213 -42.51 -51.20 13.79
CA PRO H 213 -43.40 -51.71 12.74
C PRO H 213 -44.92 -51.46 12.85
N ASP H 214 -45.55 -51.95 13.91
CA ASP H 214 -46.99 -51.76 14.06
C ASP H 214 -47.43 -50.53 14.84
N GLY H 215 -47.44 -49.38 14.17
CA GLY H 215 -47.86 -48.14 14.78
C GLY H 215 -47.26 -47.84 16.14
N GLY H 216 -46.17 -48.51 16.50
CA GLY H 216 -45.56 -48.25 17.79
C GLY H 216 -44.32 -47.40 17.65
N LYS H 217 -43.89 -46.84 18.77
CA LYS H 217 -42.68 -46.03 18.78
C LYS H 217 -42.12 -45.89 20.20
N LEU H 218 -40.85 -45.53 20.27
CA LEU H 218 -40.19 -45.36 21.53
C LEU H 218 -39.89 -43.90 21.67
N THR H 219 -39.77 -43.45 22.91
CA THR H 219 -39.58 -42.05 23.22
C THR H 219 -38.81 -41.76 24.48
N LEU H 220 -37.65 -41.17 24.31
CA LEU H 220 -36.85 -40.81 25.47
C LEU H 220 -36.76 -39.29 25.56
N THR H 221 -36.84 -38.77 26.76
CA THR H 221 -36.74 -37.34 27.02
C THR H 221 -36.03 -37.32 28.36
N ASN H 222 -34.70 -37.26 28.33
CA ASN H 222 -33.93 -37.35 29.55
C ASN H 222 -34.13 -38.74 30.12
N PHE H 223 -34.67 -38.87 31.32
CA PHE H 223 -34.88 -40.21 31.85
C PHE H 223 -36.30 -40.72 31.64
N HIS H 224 -37.16 -39.94 31.02
CA HIS H 224 -38.51 -40.43 30.81
C HIS H 224 -38.64 -41.21 29.50
N PHE H 225 -38.69 -42.54 29.64
CA PHE H 225 -38.81 -43.47 28.52
C PHE H 225 -40.27 -43.83 28.35
N THR H 226 -40.72 -44.03 27.12
CA THR H 226 -42.12 -44.31 26.89
C THR H 226 -42.28 -45.17 25.66
N ARG H 227 -43.17 -46.17 25.73
CA ARG H 227 -43.42 -47.05 24.59
C ARG H 227 -44.84 -46.81 24.11
N TYR H 228 -45.05 -46.86 22.80
CA TYR H 228 -46.38 -46.61 22.26
C TYR H 228 -46.81 -47.69 21.30
N HIS H 229 -48.09 -48.03 21.34
CA HIS H 229 -48.61 -49.00 20.40
C HIS H 229 -49.84 -48.40 19.75
N GLN H 230 -49.91 -48.54 18.43
CA GLN H 230 -51.02 -47.99 17.66
C GLN H 230 -51.34 -46.60 18.18
N GLY H 231 -50.29 -45.83 18.44
CA GLY H 231 -50.46 -44.48 18.90
C GLY H 231 -50.96 -44.37 20.31
N HIS H 232 -50.63 -45.32 21.18
CA HIS H 232 -51.08 -45.23 22.57
C HIS H 232 -49.95 -45.47 23.57
N ALA H 233 -50.00 -44.74 24.67
CA ALA H 233 -48.96 -44.85 25.68
C ALA H 233 -49.04 -46.12 26.49
N VAL H 234 -48.35 -47.14 26.02
CA VAL H 234 -48.32 -48.43 26.71
C VAL H 234 -47.01 -48.52 27.46
N GLU H 235 -47.03 -48.45 28.80
CA GLU H 235 -45.76 -48.51 29.56
C GLU H 235 -44.94 -47.19 29.50
N GLN H 236 -44.56 -46.71 30.68
CA GLN H 236 -43.80 -45.50 30.81
C GLN H 236 -42.82 -45.69 31.94
N VAL H 237 -41.56 -45.94 31.58
CA VAL H 237 -40.55 -46.12 32.59
C VAL H 237 -39.69 -44.91 32.79
N ASN H 238 -39.35 -44.69 34.04
CA ASN H 238 -38.51 -43.56 34.37
C ASN H 238 -37.17 -44.09 34.81
N VAL H 239 -36.30 -44.31 33.83
CA VAL H 239 -34.96 -44.82 34.09
C VAL H 239 -34.40 -44.11 35.31
N PRO H 240 -33.85 -44.88 36.25
CA PRO H 240 -33.27 -44.43 37.51
C PRO H 240 -31.83 -44.00 37.58
N ASP H 241 -31.05 -44.23 36.53
CA ASP H 241 -29.63 -43.86 36.62
C ASP H 241 -28.94 -43.82 35.27
N VAL H 242 -27.81 -43.13 35.23
CA VAL H 242 -27.05 -43.00 34.00
C VAL H 242 -26.72 -44.34 33.36
N PRO H 243 -26.10 -45.26 34.12
CA PRO H 243 -25.70 -46.59 33.64
C PRO H 243 -26.87 -47.30 33.00
N SER H 244 -27.97 -47.31 33.73
CA SER H 244 -29.19 -47.92 33.26
C SER H 244 -29.62 -47.29 31.91
N LEU H 245 -29.53 -45.97 31.82
CA LEU H 245 -29.91 -45.27 30.61
C LEU H 245 -28.96 -45.61 29.50
N TYR H 246 -27.66 -45.66 29.81
CA TYR H 246 -26.64 -45.98 28.83
C TYR H 246 -27.04 -47.28 28.17
N GLN H 247 -27.58 -48.19 28.99
CA GLN H 247 -28.01 -49.50 28.51
C GLN H 247 -29.24 -49.35 27.62
N LEU H 248 -30.25 -48.65 28.15
CA LEU H 248 -31.47 -48.41 27.41
C LEU H 248 -31.22 -47.80 26.01
N LEU H 249 -30.16 -47.00 25.84
CA LEU H 249 -29.86 -46.38 24.53
C LEU H 249 -29.42 -47.42 23.53
N GLN H 250 -28.70 -48.41 24.05
CA GLN H 250 -28.25 -49.44 23.17
C GLN H 250 -29.33 -50.48 22.94
N GLN H 251 -30.07 -50.81 23.98
CA GLN H 251 -31.11 -51.83 23.83
C GLN H 251 -32.26 -51.39 22.96
N GLN H 252 -33.06 -50.49 23.51
CA GLN H 252 -34.23 -49.95 22.85
C GLN H 252 -34.01 -49.17 21.57
N PHE H 253 -33.01 -48.29 21.54
CA PHE H 253 -32.83 -47.49 20.33
C PHE H 253 -31.79 -47.98 19.36
N GLY H 254 -30.98 -48.89 19.86
CA GLY H 254 -29.96 -49.48 19.02
C GLY H 254 -28.93 -48.49 18.66
N LEU H 255 -28.48 -47.76 19.67
CA LEU H 255 -27.47 -46.75 19.47
C LEU H 255 -26.08 -47.35 19.53
N GLY H 256 -25.27 -47.02 18.53
CA GLY H 256 -23.91 -47.53 18.48
C GLY H 256 -23.00 -46.82 19.46
N VAL H 257 -23.07 -47.18 20.73
CA VAL H 257 -22.26 -46.55 21.74
C VAL H 257 -20.74 -46.67 21.57
N ASN H 258 -20.25 -47.48 20.65
CA ASN H 258 -18.80 -47.60 20.45
C ASN H 258 -18.53 -47.19 19.06
N ASP H 259 -17.31 -46.82 18.77
CA ASP H 259 -16.97 -46.39 17.42
C ASP H 259 -15.85 -45.42 17.63
N VAL H 260 -14.74 -45.69 16.97
CA VAL H 260 -13.56 -44.88 17.13
C VAL H 260 -13.90 -43.41 17.16
N LYS H 261 -14.77 -43.03 16.23
CA LYS H 261 -15.16 -41.64 16.08
C LYS H 261 -16.40 -41.22 16.84
N HIS H 262 -17.56 -41.56 16.32
CA HIS H 262 -18.77 -41.13 16.98
C HIS H 262 -19.30 -41.81 18.22
N GLY H 263 -18.54 -42.71 18.83
CA GLY H 263 -19.05 -43.32 20.03
C GLY H 263 -18.85 -42.39 21.19
N PHE H 264 -19.32 -42.80 22.36
CA PHE H 264 -19.18 -42.00 23.54
C PHE H 264 -19.27 -42.86 24.78
N THR H 265 -18.38 -42.62 25.73
CA THR H 265 -18.33 -43.38 26.97
C THR H 265 -19.61 -43.17 27.74
N GLU H 266 -19.77 -43.94 28.80
CA GLU H 266 -20.94 -43.82 29.62
C GLU H 266 -20.65 -42.69 30.61
N ALA H 267 -19.40 -42.40 30.88
CA ALA H 267 -19.15 -41.31 31.81
C ALA H 267 -19.53 -39.99 31.12
N GLU H 268 -19.41 -39.96 29.79
CA GLU H 268 -19.75 -38.77 29.02
C GLU H 268 -21.26 -38.53 29.11
N LEU H 269 -22.03 -39.59 28.98
CA LEU H 269 -23.47 -39.45 29.06
C LEU H 269 -23.80 -38.99 30.44
N ALA H 270 -22.96 -39.28 31.43
CA ALA H 270 -23.28 -38.84 32.77
C ALA H 270 -23.11 -37.34 32.85
N ALA H 271 -22.00 -36.82 32.34
CA ALA H 271 -21.78 -35.38 32.40
C ALA H 271 -22.92 -34.62 31.71
N VAL H 272 -23.41 -35.18 30.62
CA VAL H 272 -24.49 -34.57 29.90
C VAL H 272 -25.78 -34.53 30.75
N MET H 273 -26.16 -35.61 31.37
CA MET H 273 -27.36 -35.61 32.15
C MET H 273 -27.13 -34.89 33.41
N ALA H 274 -25.88 -34.62 33.74
CA ALA H 274 -25.63 -33.95 35.03
C ALA H 274 -26.10 -32.52 34.94
N ALA H 275 -26.02 -31.94 33.74
CA ALA H 275 -26.40 -30.57 33.55
C ALA H 275 -27.83 -30.30 33.98
N PHE H 276 -28.63 -31.36 33.99
CA PHE H 276 -30.02 -31.23 34.35
C PHE H 276 -30.30 -31.81 35.70
#